data_6G5G
#
_entry.id   6G5G
#
_cell.length_a   166.600
_cell.length_b   211.050
_cell.length_c   120.320
_cell.angle_alpha   90.00
_cell.angle_beta   90.00
_cell.angle_gamma   90.00
#
_symmetry.space_group_name_H-M   'C 2 2 21'
#
loop_
_entity.id
_entity.type
_entity.pdbx_description
1 polymer 'Botulinum neurotoxin type B'
2 polymer Synaptotagmin-2
3 non-polymer 'MAGNESIUM ION'
4 non-polymer 1,2-ETHANEDIOL
5 non-polymer DI(HYDROXYETHYL)ETHER
6 non-polymer 2-AMINO-2-HYDROXYMETHYL-PROPANE-1,3-DIOL
7 non-polymer 'ACETATE ION'
8 non-polymer GLYCEROL
9 water water
#
loop_
_entity_poly.entity_id
_entity_poly.type
_entity_poly.pdbx_seq_one_letter_code
_entity_poly.pdbx_strand_id
1 'polypeptide(L)'
;MPVTINNFNYNDPIDNNNIIMMEPPFARGTGRYYKAFKITDRIWIIPERYTFGYKPEDFNKSSGIFNRDVCEYYDPDYLN
TNDKKNIFLQTMIKLFNRIKSKPLGEKLLEMIINGIPYLGDRRVPLEEFNTNIASVTVNKLISNPGEVERKKGIFANLII
FGPGPVLNENETIDIGIQNHFASREGFGGIMQMKFCPEYVSVFNNVQENKGASIFNRRGYFSDPALILMHQLIYVLHGLY
GIKVDDLPIVPNEKKFFMQSTDAIQAEELYTFGGQDPSIITPSTDKSIYDKVLQNFRGIVDRLNKVLVCISDPNININIY
KNKFKDKYKFVEDSEGKYSIDVESFDKLYKSLMFGFTETNIAENYKIKTRASYFSDSLPPVKIKNLLDNEIYTIEEGFNI
SDKDMEKEYRGQNKAINKQAYEEISKEHLAVYKIQMCKSVKAPGICIDVDNEDLFFIADKNSFSDDLSKNERIEYNTQSN
YIENDFPINELILDTDLISKIELPSENTESLTDFNVDVPVYEKQPAIKKIFTDENTIFQYLYSQTFPLDIRDISLTSSFD
DALLFSNKVYSFFSMDYIKTANKVVEAGLFAGWVKQIVNDFVIEANKSNTMDKIADISLIVPYIGLALNVGNETAKGNFE
NAFEIAGASILLEFIPELLIPVVGAFLLESYIDNKNKIIKTIDNALTKRNEKWSDMYGLIVAQWLSTVNTQFYTIKEGMY
KALNYQAQALEEIIKYRYNIYSEKEKSNINIDFNDINSKLNEGINQAIDNINNFINGCSVSYLMKKMIPLAVEKLLDFDN
TLKKNLLNYIDENKLYLIGSAEYEKSKVNKYLKTIMPFDLSIYTNDTILIEMFNKYNSEILNNIILNLRYKDNNLIDLSG
YGAKVEVYDGVELNDKNQFKLTSSANSKIRVTQNQNIIFNSVFLDFSVSFWIRIPKYKNDGIQNYIHNEYTIINCMKNNS
GWKISIRGNRIIWTLIDINGKTKSVFFEYNIREDISEYINRWFFVTITNNLNNAKIYINGKLESNTDIKDIREVIANGEI
IFKLDGDIDRTQFIWMKYFSIFNTELSQSNIEERYKIQSYSEYLKDFWGNPLMYNKEYYMFNAGNKNSYIKLKKDSPVGE
ILTRSKYNQNSKYINYRDLYIGEKFIIRRKSNSQSINDDIVRKEDYIYLDFFNLNQEWRVYTYKYFKKEEMKLFLAPIYD
SDEFYNTIQIKEYDEQPTYSCQLLFKKDEESTDEIGLIGIHRFYESGIVFEEYKDYFCISKWYLKEVKRKPYNLKLGCNW
QFIPKDEGWTE
;
A,B
2 'polypeptide(L)' GESQEDMFAKLKEKLFNEINK P
#
loop_
_chem_comp.id
_chem_comp.type
_chem_comp.name
_chem_comp.formula
ACT non-polymer 'ACETATE ION' 'C2 H3 O2 -1'
EDO non-polymer 1,2-ETHANEDIOL 'C2 H6 O2'
GOL non-polymer GLYCEROL 'C3 H8 O3'
MG non-polymer 'MAGNESIUM ION' 'Mg 2'
PEG non-polymer DI(HYDROXYETHYL)ETHER 'C4 H10 O3'
TRS non-polymer 2-AMINO-2-HYDROXYMETHYL-PROPANE-1,3-DIOL 'C4 H12 N O3 1'
#
# COMPACT_ATOMS: atom_id res chain seq x y z
N PRO A 2 31.81 -10.92 34.87
CA PRO A 2 32.75 -12.02 35.09
C PRO A 2 32.75 -13.06 33.96
N VAL A 3 33.22 -12.64 32.79
CA VAL A 3 33.57 -13.58 31.72
C VAL A 3 35.04 -13.35 31.39
N THR A 4 35.82 -14.42 31.46
CA THR A 4 37.23 -14.36 31.14
C THR A 4 37.48 -14.90 29.73
N ILE A 5 38.11 -14.09 28.88
CA ILE A 5 38.57 -14.55 27.57
C ILE A 5 40.05 -14.95 27.66
N ASN A 6 40.34 -16.23 27.47
CA ASN A 6 41.70 -16.76 27.59
C ASN A 6 42.56 -16.38 26.38
N ASN A 7 43.88 -16.30 26.59
CA ASN A 7 44.82 -16.02 25.50
C ASN A 7 45.73 -17.20 25.25
N PHE A 8 46.27 -17.26 24.04
CA PHE A 8 47.15 -18.33 23.63
C PHE A 8 47.53 -18.09 22.19
N ASN A 9 48.65 -18.67 21.78
CA ASN A 9 49.05 -18.66 20.37
C ASN A 9 48.83 -20.06 19.85
N TYR A 10 48.63 -20.18 18.54
CA TYR A 10 48.37 -21.47 17.95
C TYR A 10 49.46 -22.47 18.30
N ASN A 11 50.73 -22.05 18.23
CA ASN A 11 51.86 -22.95 18.46
C ASN A 11 52.14 -23.26 19.93
N ASP A 12 51.38 -22.70 20.87
CA ASP A 12 51.50 -23.14 22.26
C ASP A 12 51.41 -24.66 22.37
N PRO A 13 52.14 -25.24 23.33
CA PRO A 13 52.02 -26.68 23.53
C PRO A 13 50.64 -27.14 24.03
N ILE A 14 50.30 -28.39 23.75
CA ILE A 14 49.14 -29.02 24.33
C ILE A 14 49.37 -29.05 25.83
N ASP A 15 48.46 -28.48 26.61
CA ASP A 15 48.53 -28.63 28.07
C ASP A 15 47.40 -29.47 28.67
N ASN A 16 46.58 -30.08 27.81
CA ASN A 16 45.46 -30.93 28.25
C ASN A 16 44.43 -30.24 29.16
N ASN A 17 44.39 -28.91 29.15
CA ASN A 17 43.42 -28.14 29.93
C ASN A 17 42.69 -27.14 29.02
N ASN A 18 43.37 -26.04 28.66
CA ASN A 18 42.80 -25.03 27.78
C ASN A 18 43.25 -25.26 26.34
N ILE A 19 44.26 -26.10 26.13
CA ILE A 19 44.71 -26.45 24.79
C ILE A 19 44.74 -27.96 24.76
N ILE A 20 43.96 -28.54 23.87
CA ILE A 20 43.76 -29.97 23.86
C ILE A 20 43.72 -30.50 22.47
N MET A 21 43.69 -31.81 22.37
CA MET A 21 43.45 -32.50 21.12
C MET A 21 42.05 -33.09 21.24
N MET A 22 41.11 -32.56 20.45
CA MET A 22 39.68 -32.90 20.58
C MET A 22 39.22 -33.68 19.38
N GLU A 23 38.39 -34.70 19.61
CA GLU A 23 37.68 -35.34 18.50
C GLU A 23 36.24 -34.80 18.48
N PRO A 24 35.93 -33.92 17.52
CA PRO A 24 34.62 -33.28 17.48
C PRO A 24 33.54 -34.24 17.00
N PRO A 25 32.26 -33.94 17.32
CA PRO A 25 31.13 -34.87 17.16
C PRO A 25 31.00 -35.56 15.79
N PHE A 26 31.17 -34.82 14.71
CA PHE A 26 30.94 -35.37 13.40
C PHE A 26 32.15 -36.13 12.85
N ALA A 27 33.22 -36.25 13.64
CA ALA A 27 34.35 -37.12 13.28
C ALA A 27 34.04 -38.58 13.60
N ARG A 28 32.95 -38.82 14.34
CA ARG A 28 32.38 -40.16 14.51
C ARG A 28 33.36 -41.14 15.20
N GLY A 29 34.16 -40.67 16.14
CA GLY A 29 35.08 -41.53 16.89
C GLY A 29 35.95 -42.42 15.99
N THR A 30 36.68 -41.80 15.08
CA THR A 30 37.56 -42.53 14.19
C THR A 30 39.02 -42.18 14.47
N GLY A 31 39.28 -41.59 15.63
CA GLY A 31 40.61 -41.12 15.97
C GLY A 31 41.09 -39.93 15.19
N ARG A 32 40.18 -39.07 14.73
CA ARG A 32 40.59 -37.81 14.08
C ARG A 32 40.53 -36.68 15.09
N TYR A 33 41.70 -36.28 15.60
CA TYR A 33 41.80 -35.29 16.68
C TYR A 33 42.20 -33.97 16.13
N TYR A 34 41.69 -32.89 16.70
CA TYR A 34 41.97 -31.52 16.23
C TYR A 34 42.51 -30.71 17.41
N LYS A 35 43.48 -29.84 17.13
CA LYS A 35 43.98 -28.93 18.16
C LYS A 35 42.96 -27.82 18.42
N ALA A 36 42.45 -27.83 19.65
CA ALA A 36 41.34 -26.97 20.07
C ALA A 36 41.76 -26.08 21.25
N PHE A 37 41.31 -24.83 21.23
CA PHE A 37 41.65 -23.86 22.25
C PHE A 37 40.39 -23.39 22.98
N LYS A 38 40.39 -23.49 24.30
CA LYS A 38 39.28 -23.02 25.12
C LYS A 38 39.32 -21.49 25.30
N ILE A 39 38.52 -20.78 24.53
CA ILE A 39 38.44 -19.33 24.60
C ILE A 39 37.74 -18.82 25.88
N THR A 40 36.72 -19.54 26.37
CA THR A 40 36.17 -19.33 27.73
C THR A 40 35.58 -20.64 28.18
N ASP A 41 35.06 -20.69 29.40
CA ASP A 41 34.44 -21.92 29.88
C ASP A 41 33.44 -22.46 28.84
N ARG A 42 33.55 -23.75 28.58
CA ARG A 42 32.62 -24.51 27.74
C ARG A 42 32.56 -24.13 26.27
N ILE A 43 33.45 -23.25 25.81
CA ILE A 43 33.47 -22.78 24.45
C ILE A 43 34.87 -22.92 23.85
N TRP A 44 34.93 -23.67 22.75
CA TRP A 44 36.16 -24.05 22.11
C TRP A 44 36.28 -23.48 20.72
N ILE A 45 37.50 -23.06 20.35
CA ILE A 45 37.82 -22.71 18.98
C ILE A 45 38.75 -23.79 18.39
N ILE A 46 38.38 -24.26 17.20
CA ILE A 46 39.21 -25.13 16.42
C ILE A 46 39.48 -24.36 15.12
N PRO A 47 40.64 -23.69 15.01
CA PRO A 47 40.89 -22.82 13.87
C PRO A 47 41.25 -23.57 12.62
N GLU A 48 40.30 -24.35 12.13
CA GLU A 48 40.49 -25.13 10.92
C GLU A 48 39.21 -25.10 10.12
N ARG A 49 39.34 -25.45 8.85
CA ARG A 49 38.19 -25.43 7.96
C ARG A 49 37.19 -26.51 8.38
N TYR A 50 35.91 -26.17 8.30
CA TYR A 50 34.85 -27.10 8.59
C TYR A 50 34.65 -27.94 7.33
N THR A 51 34.96 -29.23 7.43
CA THR A 51 34.93 -30.16 6.29
C THR A 51 33.83 -31.20 6.36
N PHE A 52 33.17 -31.31 7.51
CA PHE A 52 32.14 -32.34 7.73
C PHE A 52 30.98 -32.23 6.76
N GLY A 53 30.81 -33.27 5.95
CA GLY A 53 29.70 -33.33 5.01
C GLY A 53 29.99 -32.72 3.67
N TYR A 54 31.18 -32.15 3.51
CA TYR A 54 31.58 -31.55 2.27
C TYR A 54 32.58 -32.46 1.58
N LYS A 55 32.66 -32.36 0.26
CA LYS A 55 33.72 -33.03 -0.50
C LYS A 55 34.91 -32.09 -0.62
N PRO A 56 36.13 -32.65 -0.65
CA PRO A 56 37.34 -31.81 -0.75
C PRO A 56 37.36 -30.88 -1.95
N GLU A 57 36.85 -31.32 -3.07
CA GLU A 57 36.84 -30.49 -4.28
C GLU A 57 35.81 -29.35 -4.22
N ASP A 58 34.78 -29.48 -3.35
CA ASP A 58 33.80 -28.39 -3.15
C ASP A 58 34.47 -27.10 -2.64
N PHE A 59 35.68 -27.20 -2.10
CA PHE A 59 36.37 -26.01 -1.58
C PHE A 59 36.91 -25.06 -2.66
N ASN A 60 36.88 -25.52 -3.91
CA ASN A 60 37.20 -24.67 -5.06
C ASN A 60 35.93 -24.09 -5.67
N LYS A 61 36.03 -22.85 -6.17
CA LYS A 61 34.97 -22.26 -6.96
C LYS A 61 34.77 -23.11 -8.20
N SER A 62 33.52 -23.48 -8.48
CA SER A 62 33.18 -24.26 -9.66
C SER A 62 32.01 -23.57 -10.33
N SER A 63 31.37 -24.26 -11.26
CA SER A 63 30.21 -23.74 -11.95
C SER A 63 28.95 -23.93 -11.09
N GLY A 64 29.12 -24.49 -9.89
CA GLY A 64 28.00 -24.73 -8.98
C GLY A 64 27.94 -23.74 -7.83
N ILE A 65 26.92 -23.93 -7.00
CA ILE A 65 26.73 -23.10 -5.84
C ILE A 65 26.03 -23.92 -4.75
N PHE A 66 26.31 -23.60 -3.50
CA PHE A 66 25.59 -24.20 -2.39
C PHE A 66 24.24 -23.52 -2.14
N ASN A 67 24.28 -22.21 -1.96
CA ASN A 67 23.11 -21.41 -1.56
C ASN A 67 22.73 -20.36 -2.64
N ARG A 68 21.49 -20.44 -3.13
CA ARG A 68 20.99 -19.58 -4.20
C ARG A 68 20.93 -18.09 -3.86
N ASP A 69 21.02 -17.73 -2.57
CA ASP A 69 20.81 -16.34 -2.17
C ASP A 69 22.04 -15.71 -1.53
N VAL A 70 23.23 -16.17 -1.93
CA VAL A 70 24.50 -15.69 -1.40
C VAL A 70 25.50 -15.59 -2.56
N CYS A 71 26.28 -14.51 -2.60
CA CYS A 71 27.49 -14.45 -3.43
C CYS A 71 28.61 -15.16 -2.69
N GLU A 72 28.91 -16.37 -3.14
CA GLU A 72 29.74 -17.25 -2.39
C GLU A 72 31.19 -17.02 -2.78
N TYR A 73 32.02 -16.67 -1.81
CA TYR A 73 33.45 -16.57 -2.06
C TYR A 73 34.16 -17.83 -1.62
N TYR A 74 34.93 -18.41 -2.54
CA TYR A 74 35.71 -19.59 -2.21
C TYR A 74 37.19 -19.25 -2.10
N ASP A 75 37.88 -19.90 -1.17
CA ASP A 75 39.33 -19.85 -1.10
C ASP A 75 39.85 -21.06 -0.33
N PRO A 76 40.25 -22.11 -1.07
CA PRO A 76 40.72 -23.34 -0.41
C PRO A 76 41.98 -23.17 0.44
N ASP A 77 42.70 -22.06 0.28
CA ASP A 77 43.94 -21.87 1.03
C ASP A 77 43.75 -21.14 2.34
N TYR A 78 42.56 -20.59 2.57
CA TYR A 78 42.25 -19.95 3.83
C TYR A 78 42.51 -20.94 4.96
N LEU A 79 43.23 -20.49 5.99
CA LEU A 79 43.60 -21.32 7.15
C LEU A 79 44.57 -22.50 6.89
N ASN A 80 45.31 -22.49 5.78
CA ASN A 80 46.20 -23.64 5.46
C ASN A 80 47.63 -23.60 6.07
N THR A 81 47.98 -22.57 6.83
CA THR A 81 49.29 -22.53 7.54
C THR A 81 49.05 -22.28 9.02
N ASN A 82 50.02 -22.60 9.85
CA ASN A 82 49.87 -22.39 11.30
C ASN A 82 49.77 -20.90 11.68
N ASP A 83 50.37 -20.05 10.85
CA ASP A 83 50.31 -18.62 11.09
C ASP A 83 48.92 -18.08 10.79
N LYS A 84 48.34 -18.55 9.69
CA LYS A 84 46.94 -18.25 9.38
C LYS A 84 46.01 -18.71 10.50
N LYS A 85 46.24 -19.90 11.01
CA LYS A 85 45.44 -20.43 12.11
C LYS A 85 45.59 -19.56 13.34
N ASN A 86 46.80 -19.05 13.58
CA ASN A 86 47.01 -18.16 14.72
C ASN A 86 46.28 -16.81 14.56
N ILE A 87 46.32 -16.24 13.36
CA ILE A 87 45.62 -14.98 13.05
C ILE A 87 44.12 -15.10 13.34
N PHE A 88 43.54 -16.21 12.90
CA PHE A 88 42.14 -16.55 13.13
C PHE A 88 41.87 -16.59 14.63
N LEU A 89 42.71 -17.30 15.34
CA LEU A 89 42.54 -17.44 16.78
C LEU A 89 42.65 -16.10 17.52
N GLN A 90 43.60 -15.25 17.10
CA GLN A 90 43.77 -13.96 17.78
C GLN A 90 42.57 -13.08 17.45
N THR A 91 42.16 -13.12 16.18
CA THR A 91 40.99 -12.38 15.71
C THR A 91 39.74 -12.81 16.49
N MET A 92 39.61 -14.10 16.78
CA MET A 92 38.48 -14.58 17.58
C MET A 92 38.55 -14.03 18.97
N ILE A 93 39.75 -13.97 19.52
CA ILE A 93 39.93 -13.45 20.87
C ILE A 93 39.46 -11.99 20.95
N LYS A 94 39.84 -11.20 19.95
CA LYS A 94 39.44 -9.80 19.93
C LYS A 94 37.93 -9.64 19.74
N LEU A 95 37.32 -10.48 18.91
CA LEU A 95 35.86 -10.45 18.72
C LEU A 95 35.14 -10.81 20.00
N PHE A 96 35.65 -11.77 20.74
CA PHE A 96 35.03 -12.11 22.02
C PHE A 96 35.22 -10.99 23.03
N ASN A 97 36.34 -10.27 22.98
CA ASN A 97 36.49 -9.12 23.89
C ASN A 97 35.54 -7.97 23.53
N ARG A 98 35.38 -7.70 22.23
CA ARG A 98 34.36 -6.75 21.76
C ARG A 98 32.97 -7.07 22.26
N ILE A 99 32.60 -8.35 22.20
CA ILE A 99 31.31 -8.81 22.68
C ILE A 99 31.16 -8.51 24.16
N LYS A 100 32.20 -8.87 24.89
CA LYS A 100 32.29 -8.73 26.33
C LYS A 100 32.26 -7.25 26.76
N SER A 101 32.64 -6.35 25.86
CA SER A 101 32.82 -4.94 26.18
C SER A 101 31.58 -4.17 26.62
N LYS A 102 30.39 -4.71 26.40
CA LYS A 102 29.17 -4.11 26.97
C LYS A 102 28.41 -5.20 27.67
N PRO A 103 27.53 -4.83 28.63
CA PRO A 103 26.84 -5.87 29.41
C PRO A 103 25.90 -6.77 28.62
N LEU A 104 25.34 -6.27 27.52
CA LEU A 104 24.38 -7.07 26.76
C LEU A 104 25.10 -8.27 26.13
N GLY A 105 26.23 -8.02 25.49
CA GLY A 105 27.06 -9.07 24.91
C GLY A 105 27.70 -9.94 25.98
N GLU A 106 28.08 -9.34 27.11
CA GLU A 106 28.57 -10.15 28.21
C GLU A 106 27.50 -11.13 28.68
N LYS A 107 26.25 -10.69 28.79
CA LYS A 107 25.15 -11.55 29.23
C LYS A 107 24.81 -12.65 28.21
N LEU A 108 24.99 -12.35 26.91
CA LEU A 108 24.83 -13.37 25.89
C LEU A 108 25.85 -14.50 26.17
N LEU A 109 27.12 -14.13 26.22
CA LEU A 109 28.19 -15.09 26.59
C LEU A 109 27.90 -15.82 27.89
N GLU A 110 27.45 -15.13 28.93
CA GLU A 110 27.16 -15.77 30.22
C GLU A 110 26.01 -16.78 30.14
N MET A 111 24.97 -16.48 29.36
CA MET A 111 23.86 -17.44 29.21
C MET A 111 24.34 -18.68 28.44
N ILE A 112 25.13 -18.48 27.39
CA ILE A 112 25.66 -19.59 26.61
C ILE A 112 26.56 -20.49 27.47
N ILE A 113 27.50 -19.89 28.20
CA ILE A 113 28.41 -20.64 29.09
C ILE A 113 27.65 -21.49 30.10
N ASN A 114 26.63 -20.92 30.71
CA ASN A 114 25.87 -21.58 31.77
C ASN A 114 24.71 -22.44 31.30
N GLY A 115 24.42 -22.40 30.00
CA GLY A 115 23.33 -23.19 29.45
C GLY A 115 23.82 -24.57 29.03
N ILE A 116 24.35 -25.31 29.99
CA ILE A 116 24.92 -26.62 29.73
C ILE A 116 23.83 -27.55 29.22
N PRO A 117 24.14 -28.40 28.22
CA PRO A 117 23.18 -29.37 27.78
C PRO A 117 22.77 -30.28 28.90
N TYR A 118 21.52 -30.71 28.85
CA TYR A 118 21.00 -31.73 29.73
C TYR A 118 21.84 -32.97 29.51
N LEU A 119 22.00 -33.78 30.55
CA LEU A 119 22.77 -35.01 30.44
C LEU A 119 21.85 -36.08 29.90
N GLY A 120 21.50 -35.95 28.62
CA GLY A 120 20.61 -36.90 28.00
C GLY A 120 19.91 -36.33 26.78
N ASP A 121 19.05 -37.14 26.21
CA ASP A 121 18.17 -36.75 25.12
C ASP A 121 16.90 -37.60 25.25
N ARG A 122 16.01 -37.53 24.25
CA ARG A 122 14.70 -38.18 24.35
C ARG A 122 14.75 -39.70 24.53
N ARG A 123 15.85 -40.32 24.10
CA ARG A 123 15.98 -41.79 24.16
C ARG A 123 16.33 -42.26 25.58
N VAL A 124 16.90 -41.38 26.39
CA VAL A 124 17.33 -41.69 27.75
C VAL A 124 16.12 -41.82 28.71
N PRO A 125 16.05 -42.93 29.48
CA PRO A 125 14.98 -43.10 30.48
C PRO A 125 14.87 -41.92 31.41
N LEU A 126 13.68 -41.67 31.93
CA LEU A 126 13.43 -40.45 32.71
C LEU A 126 14.30 -40.40 33.97
N GLU A 127 14.60 -41.59 34.50
CA GLU A 127 15.33 -41.74 35.77
C GLU A 127 16.84 -41.56 35.64
N GLU A 128 17.33 -41.47 34.41
CA GLU A 128 18.77 -41.45 34.16
C GLU A 128 19.31 -40.16 33.57
N PHE A 129 20.47 -39.74 34.07
CA PHE A 129 21.39 -38.94 33.29
C PHE A 129 22.23 -39.93 32.47
N ASN A 130 22.52 -39.56 31.22
CA ASN A 130 23.42 -40.36 30.40
C ASN A 130 24.30 -39.39 29.61
N THR A 131 25.57 -39.34 29.99
CA THR A 131 26.56 -38.48 29.33
C THR A 131 27.14 -39.12 28.10
N ASN A 132 26.82 -40.39 27.87
CA ASN A 132 27.44 -41.15 26.81
C ASN A 132 26.69 -41.00 25.47
N ILE A 133 26.47 -39.75 25.06
CA ILE A 133 25.87 -39.48 23.76
C ILE A 133 26.63 -38.35 23.11
N ALA A 134 26.64 -38.33 21.78
CA ALA A 134 27.44 -37.39 21.01
C ALA A 134 27.00 -35.92 21.16
N SER A 135 25.82 -35.67 21.73
CA SER A 135 25.36 -34.30 21.98
C SER A 135 25.78 -33.80 23.34
N VAL A 136 26.43 -34.63 24.15
CA VAL A 136 26.81 -34.21 25.50
C VAL A 136 28.34 -34.18 25.75
N THR A 137 29.03 -35.22 25.28
CA THR A 137 30.45 -35.41 25.56
C THR A 137 31.26 -35.43 24.28
N VAL A 138 32.38 -34.70 24.27
CA VAL A 138 33.43 -34.93 23.26
C VAL A 138 34.68 -35.50 23.95
N ASN A 139 35.44 -36.26 23.17
CA ASN A 139 36.64 -36.91 23.69
C ASN A 139 37.86 -36.04 23.47
N LYS A 140 38.78 -36.05 24.44
CA LYS A 140 40.11 -35.52 24.18
C LYS A 140 41.21 -36.58 24.39
N LEU A 141 42.27 -36.43 23.61
CA LEU A 141 43.41 -37.36 23.65
C LEU A 141 44.52 -36.85 24.58
N ILE A 142 44.75 -37.57 25.68
CA ILE A 142 45.87 -37.37 26.60
C ILE A 142 47.05 -38.32 26.24
N SER A 143 48.13 -37.78 25.68
CA SER A 143 49.31 -38.60 25.31
C SER A 143 50.66 -37.90 25.61
N ASN A 144 50.93 -37.68 26.90
CA ASN A 144 52.10 -36.94 27.38
C ASN A 144 53.42 -37.61 26.99
N PRO A 145 54.53 -36.82 26.95
CA PRO A 145 55.83 -37.34 26.48
C PRO A 145 56.29 -38.57 27.25
N GLY A 146 56.45 -39.69 26.54
CA GLY A 146 56.87 -40.96 27.14
C GLY A 146 55.70 -41.84 27.50
N GLU A 147 54.84 -41.33 28.39
CA GLU A 147 53.68 -42.08 28.90
C GLU A 147 52.61 -42.32 27.82
N VAL A 148 51.86 -43.41 27.98
CA VAL A 148 50.91 -43.89 26.95
C VAL A 148 49.75 -42.91 26.66
N GLU A 149 49.14 -43.07 25.49
CA GLU A 149 47.95 -42.30 25.09
C GLU A 149 46.71 -42.77 25.85
N ARG A 150 45.81 -41.83 26.15
CA ARG A 150 44.57 -42.10 26.89
C ARG A 150 43.47 -41.16 26.38
N LYS A 151 42.22 -41.61 26.38
CA LYS A 151 41.08 -40.74 26.06
C LYS A 151 40.36 -40.37 27.32
N LYS A 152 39.95 -39.11 27.41
CA LYS A 152 38.98 -38.71 28.42
C LYS A 152 37.86 -37.88 27.77
N GLY A 153 36.77 -37.71 28.51
CA GLY A 153 35.61 -36.98 28.02
C GLY A 153 35.56 -35.58 28.60
N ILE A 154 35.10 -34.63 27.80
CA ILE A 154 34.71 -33.34 28.33
C ILE A 154 33.31 -32.92 27.88
N PHE A 155 32.61 -32.25 28.78
CA PHE A 155 31.39 -31.52 28.45
C PHE A 155 31.78 -30.23 27.74
N ALA A 156 31.11 -29.93 26.64
CA ALA A 156 31.26 -28.65 25.95
C ALA A 156 29.89 -28.08 25.58
N ASN A 157 29.85 -26.77 25.34
CA ASN A 157 28.63 -26.10 24.89
C ASN A 157 28.74 -25.70 23.43
N LEU A 158 29.90 -25.23 23.02
CA LEU A 158 30.06 -24.69 21.69
C LEU A 158 31.46 -24.96 21.17
N ILE A 159 31.52 -25.35 19.90
CA ILE A 159 32.77 -25.50 19.18
C ILE A 159 32.67 -24.65 17.93
N ILE A 160 33.61 -23.71 17.77
CA ILE A 160 33.61 -22.83 16.61
C ILE A 160 34.75 -23.22 15.69
N PHE A 161 34.41 -23.53 14.44
CA PHE A 161 35.38 -23.87 13.43
C PHE A 161 35.50 -22.68 12.51
N GLY A 162 36.53 -22.71 11.68
CA GLY A 162 36.62 -21.81 10.56
C GLY A 162 35.55 -22.18 9.55
N PRO A 163 35.54 -21.50 8.41
CA PRO A 163 34.51 -21.71 7.42
C PRO A 163 34.66 -23.00 6.65
N GLY A 164 33.55 -23.43 6.05
CA GLY A 164 33.58 -24.44 5.04
C GLY A 164 34.00 -23.82 3.73
N PRO A 165 33.54 -24.38 2.61
CA PRO A 165 33.95 -23.89 1.29
C PRO A 165 33.68 -22.41 1.04
N VAL A 166 32.49 -21.95 1.46
CA VAL A 166 32.09 -20.57 1.27
C VAL A 166 32.49 -19.76 2.50
N LEU A 167 33.53 -18.95 2.36
CA LEU A 167 34.07 -18.26 3.51
C LEU A 167 33.03 -17.38 4.19
N ASN A 168 32.18 -16.75 3.39
CA ASN A 168 31.22 -15.79 3.92
C ASN A 168 29.89 -16.40 4.35
N GLU A 169 29.76 -17.71 4.42
CA GLU A 169 28.49 -18.34 4.82
C GLU A 169 28.61 -18.93 6.22
N ASN A 170 28.43 -18.09 7.23
CA ASN A 170 28.48 -18.52 8.61
C ASN A 170 27.24 -19.32 8.96
N GLU A 171 27.38 -20.31 9.81
CA GLU A 171 26.27 -21.21 10.12
C GLU A 171 26.48 -21.83 11.47
N THR A 172 25.38 -22.01 12.19
CA THR A 172 25.34 -22.69 13.47
C THR A 172 24.57 -24.02 13.29
N ILE A 173 25.08 -25.10 13.89
CA ILE A 173 24.66 -26.45 13.56
C ILE A 173 24.33 -27.19 14.85
N ASP A 174 23.21 -27.90 14.91
CA ASP A 174 22.93 -28.76 16.06
C ASP A 174 23.11 -30.22 15.68
N ILE A 175 23.02 -31.10 16.68
CA ILE A 175 23.31 -32.53 16.48
C ILE A 175 22.08 -33.39 16.52
N GLY A 176 21.86 -34.09 15.43
CA GLY A 176 20.82 -35.10 15.34
C GLY A 176 21.39 -36.48 15.60
N ILE A 177 20.65 -37.29 16.36
CA ILE A 177 20.97 -38.69 16.56
C ILE A 177 19.67 -39.45 16.31
N GLN A 178 19.73 -40.44 15.43
CA GLN A 178 18.57 -41.21 15.00
C GLN A 178 17.40 -40.29 14.69
N ASN A 179 17.69 -39.30 13.84
CA ASN A 179 16.73 -38.34 13.30
C ASN A 179 16.01 -37.47 14.31
N HIS A 180 16.45 -37.38 15.54
CA HIS A 180 15.90 -36.38 16.46
C HIS A 180 17.02 -35.49 17.01
N PHE A 181 16.63 -34.30 17.47
CA PHE A 181 17.59 -33.28 17.85
C PHE A 181 17.31 -32.78 19.24
N ALA A 182 18.22 -33.08 20.15
CA ALA A 182 18.13 -32.63 21.53
C ALA A 182 17.96 -31.11 21.65
N SER A 183 18.62 -30.38 20.76
CA SER A 183 18.59 -28.94 20.77
C SER A 183 17.22 -28.36 20.36
N ARG A 184 16.33 -29.21 19.85
CA ARG A 184 14.98 -28.80 19.49
C ARG A 184 13.93 -29.36 20.43
N GLU A 185 14.34 -30.05 21.49
CA GLU A 185 13.37 -30.75 22.35
C GLU A 185 13.53 -30.44 23.84
N GLY A 186 14.16 -29.34 24.19
CA GLY A 186 14.26 -28.93 25.59
C GLY A 186 15.56 -29.31 26.29
N PHE A 187 16.26 -30.30 25.76
CA PHE A 187 17.50 -30.79 26.38
C PHE A 187 18.65 -29.84 26.15
N GLY A 188 18.80 -29.41 24.92
CA GLY A 188 19.99 -28.73 24.46
C GLY A 188 21.03 -29.76 24.06
N GLY A 189 22.10 -29.31 23.44
CA GLY A 189 23.14 -30.24 23.01
C GLY A 189 24.29 -29.43 22.49
N ILE A 190 25.44 -30.07 22.30
CA ILE A 190 26.61 -29.36 21.82
C ILE A 190 26.30 -28.67 20.47
N MET A 191 26.68 -27.41 20.38
CA MET A 191 26.49 -26.61 19.19
C MET A 191 27.83 -26.37 18.51
N GLN A 192 27.78 -26.28 17.19
CA GLN A 192 28.94 -26.04 16.38
C GLN A 192 28.65 -24.92 15.42
N MET A 193 29.70 -24.21 15.05
CA MET A 193 29.60 -23.07 14.19
C MET A 193 30.73 -23.14 13.19
N LYS A 194 30.41 -22.74 11.96
CA LYS A 194 31.39 -22.43 10.92
C LYS A 194 31.40 -20.91 10.86
N PHE A 195 32.58 -20.30 11.02
CA PHE A 195 32.68 -18.84 11.15
C PHE A 195 33.96 -18.32 10.51
N CYS A 196 33.84 -17.17 9.84
CA CYS A 196 34.95 -16.50 9.20
C CYS A 196 34.88 -15.01 9.51
N PRO A 197 35.84 -14.46 10.28
CA PRO A 197 35.74 -13.06 10.67
C PRO A 197 36.04 -12.00 9.59
N GLU A 198 36.85 -12.32 8.59
CA GLU A 198 37.35 -11.29 7.66
C GLU A 198 36.50 -11.07 6.45
N TYR A 199 35.77 -12.09 6.03
CA TYR A 199 35.01 -12.00 4.80
C TYR A 199 33.55 -11.71 5.12
N VAL A 200 33.30 -10.44 5.40
CA VAL A 200 32.02 -9.98 5.91
C VAL A 200 31.07 -9.55 4.81
N SER A 201 29.81 -9.45 5.20
CA SER A 201 28.73 -9.12 4.28
C SER A 201 28.54 -7.60 4.09
N VAL A 202 27.86 -7.25 3.01
CA VAL A 202 27.60 -5.88 2.64
C VAL A 202 26.10 -5.69 2.42
N PHE A 203 25.59 -4.53 2.85
CA PHE A 203 24.17 -4.17 2.70
C PHE A 203 24.02 -2.66 2.43
N ASN A 204 22.77 -2.19 2.34
CA ASN A 204 22.49 -0.73 2.32
C ASN A 204 21.09 -0.45 2.86
N ASN A 205 20.83 0.77 3.34
CA ASN A 205 19.54 1.09 4.00
C ASN A 205 18.69 2.14 3.27
N ARG A 218 24.71 4.70 -0.63
CA ARG A 218 25.44 4.40 0.60
C ARG A 218 25.45 2.88 0.89
N GLY A 219 26.55 2.21 0.53
CA GLY A 219 26.75 0.78 0.82
C GLY A 219 27.68 0.58 2.02
N TYR A 220 27.26 -0.27 2.97
CA TYR A 220 27.99 -0.51 4.23
C TYR A 220 28.49 -1.95 4.40
N PHE A 221 29.48 -2.14 5.27
CA PHE A 221 29.96 -3.49 5.62
C PHE A 221 29.74 -3.80 7.10
N SER A 222 29.55 -5.08 7.39
CA SER A 222 29.09 -5.50 8.70
C SER A 222 30.26 -5.61 9.67
N ASP A 223 29.95 -5.37 10.94
CA ASP A 223 30.91 -5.54 11.99
C ASP A 223 30.94 -7.05 12.34
N PRO A 224 32.10 -7.71 12.16
CA PRO A 224 32.19 -9.16 12.39
C PRO A 224 31.81 -9.60 13.78
N ALA A 225 31.93 -8.70 14.77
CA ALA A 225 31.46 -8.99 16.12
C ALA A 225 29.93 -9.15 16.20
N LEU A 226 29.20 -8.40 15.37
CA LEU A 226 27.75 -8.57 15.29
C LEU A 226 27.38 -9.83 14.49
N ILE A 227 28.10 -10.09 13.40
CA ILE A 227 27.92 -11.32 12.64
C ILE A 227 28.08 -12.50 13.59
N LEU A 228 29.10 -12.45 14.42
CA LEU A 228 29.36 -13.49 15.41
C LEU A 228 28.26 -13.54 16.47
N MET A 229 27.87 -12.41 17.01
CA MET A 229 26.78 -12.39 18.01
C MET A 229 25.46 -12.94 17.47
N HIS A 230 25.20 -12.69 16.19
CA HIS A 230 23.98 -13.20 15.56
C HIS A 230 23.98 -14.74 15.59
N GLN A 231 25.11 -15.34 15.22
CA GLN A 231 25.25 -16.81 15.30
C GLN A 231 25.14 -17.32 16.73
N LEU A 232 25.72 -16.58 17.70
CA LEU A 232 25.65 -16.97 19.10
C LEU A 232 24.24 -16.99 19.66
N ILE A 233 23.34 -16.19 19.07
CA ILE A 233 21.93 -16.27 19.46
C ILE A 233 21.33 -17.64 19.08
N TYR A 234 21.63 -18.12 17.88
CA TYR A 234 21.24 -19.48 17.49
C TYR A 234 21.85 -20.54 18.42
N VAL A 235 23.12 -20.36 18.77
CA VAL A 235 23.79 -21.24 19.73
C VAL A 235 23.00 -21.23 21.01
N LEU A 236 22.71 -20.04 21.51
CA LEU A 236 21.94 -19.89 22.74
C LEU A 236 20.64 -20.69 22.71
N HIS A 237 19.85 -20.54 21.64
CA HIS A 237 18.59 -21.27 21.55
C HIS A 237 18.86 -22.77 21.59
N GLY A 238 19.92 -23.18 20.87
CA GLY A 238 20.26 -24.59 20.73
C GLY A 238 20.65 -25.21 22.05
N LEU A 239 21.27 -24.43 22.92
CA LEU A 239 21.70 -24.93 24.22
C LEU A 239 20.54 -25.04 25.20
N TYR A 240 19.55 -24.15 25.09
CA TYR A 240 18.36 -24.20 25.96
C TYR A 240 17.33 -25.16 25.41
N GLY A 241 17.65 -25.82 24.30
CA GLY A 241 16.73 -26.78 23.73
C GLY A 241 15.52 -26.16 23.03
N ILE A 242 15.64 -24.93 22.52
CA ILE A 242 14.48 -24.21 21.96
C ILE A 242 14.71 -23.79 20.52
N LYS A 243 15.59 -24.51 19.84
CA LYS A 243 15.71 -24.32 18.42
C LYS A 243 14.37 -24.73 17.80
N VAL A 244 13.85 -23.84 16.96
CA VAL A 244 12.48 -23.97 16.47
C VAL A 244 12.37 -24.90 15.27
N ASP A 245 11.38 -25.78 15.34
CA ASP A 245 11.00 -26.66 14.24
C ASP A 245 9.45 -26.67 14.22
N ASP A 246 8.87 -25.67 13.56
CA ASP A 246 7.43 -25.49 13.53
C ASP A 246 7.05 -25.25 12.06
N LEU A 247 6.03 -24.45 11.79
CA LEU A 247 5.59 -24.22 10.43
C LEU A 247 6.45 -23.10 9.84
N PRO A 248 7.20 -23.39 8.77
CA PRO A 248 8.05 -22.36 8.16
C PRO A 248 7.37 -21.53 7.07
N ILE A 249 7.89 -20.33 6.83
CA ILE A 249 7.55 -19.59 5.61
C ILE A 249 8.20 -20.34 4.44
N VAL A 250 7.42 -20.72 3.44
CA VAL A 250 7.94 -21.36 2.24
C VAL A 250 7.45 -20.64 1.00
N PRO A 251 8.31 -20.49 0.01
CA PRO A 251 7.95 -19.80 -1.22
C PRO A 251 7.03 -20.60 -2.13
N ASN A 252 6.05 -19.91 -2.71
CA ASN A 252 5.30 -20.47 -3.82
C ASN A 252 6.30 -20.53 -4.97
N GLU A 253 6.35 -21.66 -5.68
CA GLU A 253 7.30 -21.84 -6.77
C GLU A 253 6.64 -22.28 -8.07
N LYS A 254 5.32 -22.13 -8.17
CA LYS A 254 4.55 -22.60 -9.34
C LYS A 254 4.75 -21.81 -10.65
N LYS A 255 5.23 -20.58 -10.57
CA LYS A 255 5.36 -19.72 -11.76
C LYS A 255 6.79 -19.26 -11.96
N PHE A 256 7.16 -19.03 -13.22
CA PHE A 256 8.53 -18.68 -13.56
C PHE A 256 9.02 -17.38 -12.91
N PHE A 257 8.12 -16.46 -12.59
CA PHE A 257 8.51 -15.16 -11.98
C PHE A 257 8.70 -15.19 -10.43
N MET A 258 8.41 -16.32 -9.80
CA MET A 258 8.51 -16.47 -8.35
C MET A 258 9.90 -16.86 -7.87
N GLN A 259 10.34 -16.26 -6.77
CA GLN A 259 11.64 -16.57 -6.20
C GLN A 259 11.63 -17.95 -5.54
N SER A 260 12.63 -18.78 -5.86
CA SER A 260 12.81 -20.08 -5.19
C SER A 260 13.84 -19.86 -4.14
N THR A 261 13.56 -20.31 -2.93
CA THR A 261 14.48 -20.10 -1.83
C THR A 261 14.12 -21.04 -0.68
N ASP A 262 14.99 -21.17 0.32
CA ASP A 262 14.80 -22.15 1.40
C ASP A 262 13.69 -21.78 2.37
N ALA A 263 13.15 -22.79 3.03
CA ALA A 263 12.20 -22.59 4.09
C ALA A 263 12.81 -21.71 5.19
N ILE A 264 11.97 -20.85 5.76
CA ILE A 264 12.40 -19.98 6.86
C ILE A 264 11.57 -20.28 8.09
N GLN A 265 12.22 -20.86 9.10
CA GLN A 265 11.60 -21.07 10.40
C GLN A 265 11.45 -19.73 11.10
N ALA A 266 10.44 -19.61 11.96
CA ALA A 266 10.22 -18.37 12.71
C ALA A 266 11.47 -17.89 13.42
N GLU A 267 12.30 -18.83 13.87
CA GLU A 267 13.48 -18.50 14.67
C GLU A 267 14.39 -17.54 13.94
N GLU A 268 14.52 -17.69 12.63
CA GLU A 268 15.39 -16.79 11.88
C GLU A 268 14.90 -15.34 11.96
N LEU A 269 13.59 -15.16 11.96
CA LEU A 269 13.02 -13.84 11.98
C LEU A 269 13.06 -13.29 13.38
N TYR A 270 12.73 -14.13 14.36
CA TYR A 270 12.85 -13.73 15.77
C TYR A 270 14.25 -13.25 16.08
N THR A 271 15.22 -14.00 15.56
CA THR A 271 16.62 -13.80 15.88
C THR A 271 17.12 -12.52 15.27
N PHE A 272 16.70 -12.22 14.04
CA PHE A 272 17.01 -10.92 13.45
C PHE A 272 16.37 -9.81 14.24
N GLY A 273 15.10 -9.99 14.61
CA GLY A 273 14.36 -9.03 15.40
C GLY A 273 13.67 -7.96 14.56
N GLY A 274 13.55 -6.76 15.12
CA GLY A 274 12.88 -5.65 14.44
C GLY A 274 11.43 -6.00 14.12
N GLN A 275 11.06 -5.83 12.87
CA GLN A 275 9.66 -6.02 12.51
C GLN A 275 9.40 -7.20 11.56
N ASP A 276 10.45 -7.93 11.22
CA ASP A 276 10.29 -9.11 10.37
C ASP A 276 9.36 -10.20 10.94
N PRO A 277 9.31 -10.37 12.27
CA PRO A 277 8.39 -11.40 12.78
C PRO A 277 6.89 -11.18 12.52
N SER A 278 6.51 -10.06 11.89
CA SER A 278 5.12 -9.83 11.55
C SER A 278 4.57 -10.84 10.55
N ILE A 279 5.44 -11.50 9.77
CA ILE A 279 4.96 -12.53 8.86
C ILE A 279 4.82 -13.89 9.53
N ILE A 280 5.28 -14.00 10.77
CA ILE A 280 4.99 -15.15 11.58
C ILE A 280 3.69 -14.84 12.31
N THR A 281 2.64 -15.58 11.98
CA THR A 281 1.30 -15.31 12.52
C THR A 281 1.26 -15.51 14.02
N PRO A 282 0.31 -14.85 14.71
CA PRO A 282 0.11 -15.14 16.13
C PRO A 282 -0.17 -16.59 16.41
N SER A 283 -0.87 -17.26 15.51
CA SER A 283 -1.16 -18.67 15.68
C SER A 283 0.18 -19.46 15.79
N THR A 284 1.13 -19.16 14.90
CA THR A 284 2.41 -19.87 14.90
C THR A 284 3.28 -19.45 16.09
N ASP A 285 3.27 -18.16 16.42
CA ASP A 285 3.92 -17.67 17.61
C ASP A 285 3.53 -18.56 18.81
N LYS A 286 2.24 -18.89 18.89
CA LYS A 286 1.70 -19.62 20.03
C LYS A 286 1.96 -21.11 19.94
N SER A 287 1.94 -21.66 18.74
CA SER A 287 2.31 -23.05 18.54
C SER A 287 3.72 -23.33 19.05
N ILE A 288 4.65 -22.41 18.76
CA ILE A 288 6.05 -22.54 19.14
C ILE A 288 6.20 -22.40 20.66
N TYR A 289 5.60 -21.36 21.21
CA TYR A 289 5.60 -21.15 22.66
C TYR A 289 5.09 -22.40 23.40
N ASP A 290 3.95 -22.96 22.96
CA ASP A 290 3.38 -24.13 23.60
C ASP A 290 4.28 -25.36 23.47
N LYS A 291 4.92 -25.54 22.31
CA LYS A 291 5.83 -26.66 22.12
C LYS A 291 7.04 -26.56 23.06
N VAL A 292 7.58 -25.36 23.20
CA VAL A 292 8.70 -25.14 24.07
C VAL A 292 8.30 -25.41 25.49
N LEU A 293 7.13 -24.93 25.91
CA LEU A 293 6.63 -25.13 27.26
C LEU A 293 6.47 -26.63 27.50
N GLN A 294 5.89 -27.32 26.53
CA GLN A 294 5.67 -28.74 26.60
C GLN A 294 7.00 -29.51 26.75
N ASN A 295 8.02 -29.11 25.99
CA ASN A 295 9.36 -29.68 26.15
C ASN A 295 9.95 -29.41 27.52
N PHE A 296 9.83 -28.19 28.03
CA PHE A 296 10.34 -27.86 29.36
C PHE A 296 9.60 -28.62 30.47
N ARG A 297 8.33 -28.97 30.25
CA ARG A 297 7.59 -29.80 31.19
C ARG A 297 8.18 -31.21 31.23
N GLY A 298 8.66 -31.70 30.10
CA GLY A 298 9.35 -32.98 30.03
C GLY A 298 10.64 -33.00 30.83
N ILE A 299 11.39 -31.89 30.77
CA ILE A 299 12.60 -31.71 31.55
C ILE A 299 12.33 -31.65 33.06
N VAL A 300 11.34 -30.87 33.48
CA VAL A 300 11.11 -30.66 34.91
C VAL A 300 10.70 -32.01 35.55
N ASP A 301 9.92 -32.79 34.81
CA ASP A 301 9.53 -34.14 35.19
C ASP A 301 10.75 -35.04 35.37
N ARG A 302 11.63 -35.04 34.36
CA ARG A 302 12.92 -35.74 34.45
C ARG A 302 13.71 -35.37 35.69
N LEU A 303 13.82 -34.09 36.00
CA LEU A 303 14.56 -33.68 37.18
C LEU A 303 13.91 -34.20 38.48
N ASN A 304 12.59 -34.33 38.49
CA ASN A 304 11.87 -34.86 39.64
C ASN A 304 12.08 -36.37 39.78
N LYS A 305 12.46 -37.05 38.70
CA LYS A 305 12.60 -38.51 38.70
C LYS A 305 14.02 -39.05 38.60
N VAL A 306 14.99 -38.19 38.29
CA VAL A 306 16.35 -38.65 38.00
C VAL A 306 17.03 -39.19 39.27
N LEU A 307 17.56 -40.41 39.16
CA LEU A 307 18.19 -41.14 40.28
C LEU A 307 19.69 -41.35 40.08
N VAL A 308 20.09 -41.75 38.87
CA VAL A 308 21.45 -42.16 38.63
C VAL A 308 21.99 -41.64 37.34
N CYS A 309 23.33 -41.64 37.27
CA CYS A 309 24.04 -41.44 36.03
C CYS A 309 24.73 -42.75 35.68
N ILE A 310 24.16 -43.47 34.72
CA ILE A 310 24.62 -44.80 34.36
C ILE A 310 26.00 -44.82 33.68
N SER A 311 26.44 -43.67 33.18
CA SER A 311 27.62 -43.58 32.32
C SER A 311 28.82 -42.95 33.00
N ASP A 312 28.59 -42.20 34.07
CA ASP A 312 29.67 -41.54 34.77
C ASP A 312 29.34 -41.54 36.26
N PRO A 313 30.09 -42.34 37.04
CA PRO A 313 29.76 -42.53 38.45
C PRO A 313 30.18 -41.35 39.34
N ASN A 314 31.04 -40.46 38.84
CA ASN A 314 31.38 -39.21 39.55
C ASN A 314 30.42 -38.02 39.33
N ILE A 315 29.30 -38.26 38.66
CA ILE A 315 28.31 -37.20 38.45
C ILE A 315 27.48 -37.08 39.72
N ASN A 316 27.60 -35.94 40.38
CA ASN A 316 26.79 -35.65 41.55
C ASN A 316 25.37 -35.24 41.10
N ILE A 317 24.42 -36.17 41.20
CA ILE A 317 23.05 -35.94 40.76
C ILE A 317 22.47 -34.60 41.26
N ASN A 318 22.60 -34.33 42.56
CA ASN A 318 21.98 -33.16 43.16
C ASN A 318 22.59 -31.84 42.68
N ILE A 319 23.90 -31.81 42.46
CA ILE A 319 24.51 -30.60 41.90
C ILE A 319 23.95 -30.33 40.50
N TYR A 320 23.76 -31.40 39.73
CA TYR A 320 23.23 -31.26 38.36
C TYR A 320 21.74 -30.88 38.33
N LYS A 321 20.92 -31.54 39.14
CA LYS A 321 19.53 -31.15 39.35
C LYS A 321 19.42 -29.65 39.60
N ASN A 322 20.29 -29.15 40.47
CA ASN A 322 20.28 -27.78 40.90
C ASN A 322 20.81 -26.82 39.84
N LYS A 323 21.78 -27.26 39.05
CA LYS A 323 22.25 -26.45 37.92
C LYS A 323 21.14 -26.38 36.84
N PHE A 324 20.45 -27.49 36.61
CA PHE A 324 19.39 -27.55 35.62
C PHE A 324 18.17 -26.75 36.06
N LYS A 325 17.82 -26.83 37.35
CA LYS A 325 16.82 -25.95 37.94
C LYS A 325 17.12 -24.49 37.63
N ASP A 326 18.36 -24.06 37.81
CA ASP A 326 18.72 -22.67 37.58
C ASP A 326 18.67 -22.33 36.09
N LYS A 327 19.13 -23.26 35.25
CA LYS A 327 19.13 -23.07 33.79
C LYS A 327 17.73 -22.79 33.24
N TYR A 328 16.78 -23.65 33.61
CA TYR A 328 15.43 -23.59 33.11
C TYR A 328 14.49 -22.71 33.97
N LYS A 329 15.07 -22.02 34.95
CA LYS A 329 14.34 -21.28 35.97
C LYS A 329 13.12 -22.04 36.51
N PHE A 330 13.31 -23.30 36.87
CA PHE A 330 12.30 -24.02 37.62
C PHE A 330 12.30 -23.55 39.08
N VAL A 331 11.20 -23.84 39.78
CA VAL A 331 11.10 -23.52 41.19
C VAL A 331 11.01 -24.81 42.01
N GLU A 332 11.54 -24.74 43.23
CA GLU A 332 11.66 -25.89 44.12
C GLU A 332 10.76 -25.67 45.33
N ASP A 333 9.81 -26.58 45.56
CA ASP A 333 8.98 -26.48 46.76
C ASP A 333 9.74 -26.95 48.01
N SER A 334 9.13 -26.82 49.19
CA SER A 334 9.79 -27.09 50.48
C SER A 334 10.24 -28.54 50.64
N GLU A 335 9.53 -29.47 49.99
CA GLU A 335 9.91 -30.88 49.96
C GLU A 335 10.75 -31.27 48.73
N GLY A 336 11.37 -30.27 48.08
CA GLY A 336 12.34 -30.51 47.01
C GLY A 336 11.81 -30.88 45.63
N LYS A 337 10.52 -30.77 45.40
CA LYS A 337 9.95 -31.04 44.09
C LYS A 337 10.04 -29.80 43.18
N TYR A 338 10.38 -30.05 41.92
CA TYR A 338 10.54 -28.99 40.94
C TYR A 338 9.25 -28.76 40.17
N SER A 339 8.98 -27.50 39.88
CA SER A 339 7.86 -27.16 38.99
C SER A 339 8.19 -25.97 38.11
N ILE A 340 7.31 -25.75 37.15
CA ILE A 340 7.36 -24.59 36.25
C ILE A 340 6.50 -23.46 36.82
N ASP A 341 7.11 -22.32 37.11
CA ASP A 341 6.41 -21.08 37.40
C ASP A 341 6.22 -20.39 36.06
N VAL A 342 4.98 -20.41 35.58
CA VAL A 342 4.66 -19.89 34.25
C VAL A 342 5.18 -18.47 34.02
N GLU A 343 5.19 -17.64 35.07
CA GLU A 343 5.72 -16.28 34.95
C GLU A 343 7.22 -16.23 34.75
N SER A 344 7.97 -17.10 35.41
CA SER A 344 9.42 -17.16 35.18
C SER A 344 9.73 -17.84 33.83
N PHE A 345 8.92 -18.82 33.42
CA PHE A 345 9.06 -19.41 32.08
C PHE A 345 8.85 -18.34 31.00
N ASP A 346 7.78 -17.58 31.16
CA ASP A 346 7.43 -16.54 30.23
C ASP A 346 8.56 -15.52 30.09
N LYS A 347 9.16 -15.11 31.21
CA LYS A 347 10.26 -14.14 31.17
C LYS A 347 11.51 -14.73 30.52
N LEU A 348 11.79 -16.01 30.79
CA LEU A 348 12.94 -16.69 30.20
C LEU A 348 12.76 -16.84 28.68
N TYR A 349 11.63 -17.38 28.29
CA TYR A 349 11.30 -17.56 26.88
C TYR A 349 11.47 -16.27 26.09
N LYS A 350 10.88 -15.18 26.57
CA LYS A 350 10.92 -13.92 25.83
C LYS A 350 12.31 -13.31 25.82
N SER A 351 13.05 -13.48 26.91
CA SER A 351 14.45 -13.04 26.96
C SER A 351 15.28 -13.77 25.90
N LEU A 352 15.11 -15.08 25.81
CA LEU A 352 15.91 -15.91 24.92
C LEU A 352 15.56 -15.67 23.45
N MET A 353 14.26 -15.60 23.19
CA MET A 353 13.75 -15.58 21.83
C MET A 353 13.61 -14.17 21.26
N PHE A 354 13.26 -13.21 22.13
CA PHE A 354 12.96 -11.85 21.71
C PHE A 354 13.87 -10.75 22.29
N GLY A 355 14.58 -11.04 23.38
CA GLY A 355 15.53 -10.08 23.96
C GLY A 355 16.81 -10.02 23.15
N PHE A 356 17.49 -11.15 23.00
CA PHE A 356 18.72 -11.21 22.22
C PHE A 356 18.37 -11.36 20.74
N THR A 357 18.54 -10.28 19.99
CA THR A 357 18.23 -10.23 18.56
C THR A 357 19.30 -9.40 17.89
N GLU A 358 19.52 -9.61 16.59
CA GLU A 358 20.50 -8.83 15.87
C GLU A 358 20.17 -7.33 15.93
N THR A 359 18.89 -7.01 15.87
CA THR A 359 18.40 -5.63 15.91
C THR A 359 18.69 -4.96 17.25
N ASN A 360 18.27 -5.59 18.34
CA ASN A 360 18.54 -5.07 19.67
C ASN A 360 20.05 -4.88 19.93
N ILE A 361 20.86 -5.84 19.49
CA ILE A 361 22.29 -5.79 19.78
C ILE A 361 22.95 -4.67 18.95
N ALA A 362 22.61 -4.60 17.66
CA ALA A 362 23.17 -3.57 16.78
C ALA A 362 22.88 -2.16 17.31
N GLU A 363 21.66 -1.96 17.80
CA GLU A 363 21.25 -0.69 18.42
C GLU A 363 22.12 -0.39 19.66
N ASN A 364 22.18 -1.34 20.58
CA ASN A 364 22.94 -1.18 21.82
C ASN A 364 24.45 -0.89 21.61
N TYR A 365 25.05 -1.52 20.60
CA TYR A 365 26.48 -1.36 20.31
C TYR A 365 26.74 -0.26 19.31
N LYS A 366 25.70 0.44 18.87
CA LYS A 366 25.82 1.45 17.82
C LYS A 366 26.56 0.87 16.63
N ILE A 367 26.10 -0.29 16.19
CA ILE A 367 26.63 -0.92 14.99
C ILE A 367 25.54 -0.83 13.94
N LYS A 368 25.93 -0.45 12.73
CA LYS A 368 25.05 -0.44 11.58
C LYS A 368 24.85 -1.85 11.02
N THR A 369 23.59 -2.19 10.74
CA THR A 369 23.29 -3.46 10.11
C THR A 369 22.16 -3.29 9.09
N ARG A 370 21.95 -4.34 8.28
CA ARG A 370 20.83 -4.44 7.35
C ARG A 370 19.46 -4.13 7.99
N ALA A 371 18.55 -3.61 7.18
CA ALA A 371 17.22 -3.22 7.64
C ALA A 371 16.33 -4.41 7.95
N SER A 372 16.50 -5.48 7.19
CA SER A 372 15.60 -6.63 7.30
C SER A 372 16.34 -7.94 7.07
N TYR A 373 15.82 -9.00 7.67
CA TYR A 373 16.23 -10.35 7.30
C TYR A 373 16.20 -10.53 5.78
N PHE A 374 15.23 -9.88 5.13
CA PHE A 374 15.08 -9.99 3.69
C PHE A 374 15.87 -8.96 2.86
N SER A 375 16.76 -8.19 3.47
CA SER A 375 17.63 -7.30 2.69
C SER A 375 18.46 -8.11 1.69
N ASP A 376 18.76 -7.52 0.54
CA ASP A 376 19.49 -8.20 -0.54
C ASP A 376 20.92 -8.58 -0.14
N SER A 377 21.39 -9.71 -0.65
CA SER A 377 22.78 -10.13 -0.45
C SER A 377 23.69 -9.49 -1.52
N LEU A 378 24.58 -8.59 -1.08
CA LEU A 378 25.56 -7.99 -1.99
C LEU A 378 26.88 -8.75 -1.84
N PRO A 379 27.85 -8.52 -2.75
CA PRO A 379 29.10 -9.25 -2.58
C PRO A 379 29.78 -8.87 -1.27
N PRO A 380 30.47 -9.83 -0.65
CA PRO A 380 31.12 -9.56 0.60
C PRO A 380 32.42 -8.81 0.35
N VAL A 381 33.07 -8.32 1.39
CA VAL A 381 34.37 -7.68 1.23
C VAL A 381 35.30 -8.20 2.29
N LYS A 382 36.59 -8.16 2.01
CA LYS A 382 37.60 -8.64 2.95
C LYS A 382 38.02 -7.49 3.83
N ILE A 383 38.05 -7.70 5.14
CA ILE A 383 38.55 -6.68 6.04
C ILE A 383 40.07 -6.84 6.08
N LYS A 384 40.77 -5.80 5.62
CA LYS A 384 42.22 -5.83 5.50
C LYS A 384 42.84 -6.44 6.74
N ASN A 385 42.58 -5.82 7.89
CA ASN A 385 43.17 -6.30 9.11
C ASN A 385 42.37 -5.80 10.31
N LEU A 386 41.65 -6.73 10.93
CA LEU A 386 40.86 -6.48 12.15
C LEU A 386 41.71 -6.40 13.42
N LEU A 387 42.96 -6.84 13.34
CA LEU A 387 43.85 -6.77 14.52
C LEU A 387 44.60 -5.42 14.63
N ASP A 388 44.49 -4.60 13.59
CA ASP A 388 45.00 -3.24 13.56
C ASP A 388 44.03 -2.30 14.28
N ASN A 389 44.37 -1.84 15.49
CA ASN A 389 43.49 -0.92 16.26
C ASN A 389 43.32 0.48 15.64
N GLU A 390 44.01 0.73 14.53
CA GLU A 390 43.77 1.92 13.72
C GLU A 390 42.40 1.81 13.06
N ILE A 391 42.09 0.62 12.54
CA ILE A 391 40.87 0.35 11.75
C ILE A 391 39.70 -0.20 12.59
N TYR A 392 39.99 -1.02 13.60
CA TYR A 392 38.97 -1.78 14.31
C TYR A 392 39.34 -1.99 15.77
N THR A 393 38.50 -1.54 16.69
CA THR A 393 38.82 -1.69 18.11
C THR A 393 37.75 -2.47 18.85
N ILE A 394 38.16 -3.00 19.99
CA ILE A 394 37.28 -3.72 20.89
C ILE A 394 36.07 -2.85 21.22
N GLU A 395 36.33 -1.60 21.61
CA GLU A 395 35.30 -0.71 22.15
C GLU A 395 34.33 -0.18 21.09
N GLU A 396 34.85 0.15 19.92
CA GLU A 396 34.08 0.91 18.93
C GLU A 396 33.92 0.24 17.57
N GLY A 397 34.61 -0.87 17.36
CA GLY A 397 34.56 -1.54 16.09
C GLY A 397 35.23 -0.71 15.02
N PHE A 398 34.53 -0.49 13.91
CA PHE A 398 35.04 0.32 12.82
C PHE A 398 34.73 1.80 13.07
N ASN A 399 33.82 2.08 13.99
CA ASN A 399 33.28 3.44 14.14
C ASN A 399 33.99 4.21 15.25
N ILE A 400 35.27 4.49 15.01
CA ILE A 400 36.15 5.10 16.01
C ILE A 400 36.05 6.64 15.97
N SER A 401 35.83 7.28 17.13
CA SER A 401 35.77 8.76 17.23
C SER A 401 37.08 9.42 16.76
N ASP A 402 38.20 8.92 17.28
CA ASP A 402 39.53 9.51 17.04
C ASP A 402 40.04 9.41 15.60
N LYS A 403 39.35 8.63 14.76
CA LYS A 403 39.65 8.59 13.34
C LYS A 403 38.58 9.31 12.55
N ASP A 404 37.67 9.99 13.26
CA ASP A 404 36.53 10.69 12.66
C ASP A 404 35.57 9.73 11.93
N MET A 405 35.19 8.64 12.61
CA MET A 405 34.36 7.59 11.99
C MET A 405 33.13 7.15 12.82
N GLU A 406 32.90 7.77 13.97
CA GLU A 406 31.73 7.47 14.81
C GLU A 406 30.43 8.07 14.28
N LYS A 407 30.53 9.15 13.51
CA LYS A 407 29.35 9.88 13.05
C LYS A 407 28.68 9.10 11.93
N GLU A 408 27.40 8.76 12.12
CA GLU A 408 26.59 8.09 11.08
C GLU A 408 27.19 6.79 10.52
N TYR A 409 27.88 6.03 11.38
CA TYR A 409 28.53 4.77 11.00
C TYR A 409 29.45 4.95 9.78
N ARG A 410 30.25 6.01 9.83
CA ARG A 410 31.21 6.34 8.77
C ARG A 410 32.27 5.25 8.64
N GLY A 411 32.67 4.68 9.78
CA GLY A 411 33.60 3.56 9.80
C GLY A 411 33.16 2.36 8.95
N GLN A 412 31.85 2.17 8.83
CA GLN A 412 31.29 1.05 8.06
C GLN A 412 30.94 1.41 6.64
N ASN A 413 30.96 2.70 6.31
CA ASN A 413 30.56 3.17 4.98
C ASN A 413 31.62 2.84 3.92
N LYS A 414 31.21 2.17 2.85
CA LYS A 414 32.16 1.73 1.81
C LYS A 414 32.79 2.89 1.02
N ALA A 415 32.10 4.02 0.97
CA ALA A 415 32.60 5.20 0.30
C ALA A 415 33.63 5.87 1.19
N ILE A 416 33.29 6.04 2.46
CA ILE A 416 34.13 6.79 3.39
C ILE A 416 35.38 6.02 3.85
N ASN A 417 35.22 4.80 4.32
CA ASN A 417 36.32 4.07 4.95
C ASN A 417 37.00 3.07 3.99
N LYS A 418 37.38 3.56 2.80
CA LYS A 418 38.01 2.73 1.78
C LYS A 418 39.27 1.99 2.24
N GLN A 419 39.89 2.46 3.33
CA GLN A 419 41.13 1.85 3.83
C GLN A 419 40.89 0.55 4.61
N ALA A 420 39.67 0.35 5.12
CA ALA A 420 39.36 -0.77 6.01
C ALA A 420 39.19 -2.12 5.31
N TYR A 421 38.88 -2.09 4.01
CA TYR A 421 38.44 -3.30 3.28
C TYR A 421 38.98 -3.35 1.85
N GLU A 422 38.95 -4.56 1.26
CA GLU A 422 39.21 -4.75 -0.16
C GLU A 422 38.00 -5.35 -0.85
N GLU A 423 37.79 -4.98 -2.11
CA GLU A 423 36.81 -5.64 -2.94
C GLU A 423 37.34 -6.99 -3.32
N ILE A 424 36.43 -7.92 -3.63
CA ILE A 424 36.79 -9.25 -4.06
C ILE A 424 36.53 -9.37 -5.54
N SER A 425 37.47 -9.98 -6.24
CA SER A 425 37.38 -10.13 -7.68
C SER A 425 36.17 -10.99 -8.03
N LYS A 426 35.29 -10.44 -8.86
CA LYS A 426 34.09 -11.13 -9.32
C LYS A 426 34.39 -12.51 -9.94
N GLU A 427 35.63 -12.74 -10.36
CA GLU A 427 36.10 -14.05 -10.82
C GLU A 427 36.07 -15.15 -9.77
N HIS A 428 36.20 -14.78 -8.49
CA HIS A 428 36.22 -15.77 -7.41
C HIS A 428 34.87 -15.98 -6.71
N LEU A 429 33.85 -15.19 -7.09
CA LEU A 429 32.51 -15.26 -6.52
C LEU A 429 31.58 -16.12 -7.37
N ALA A 430 30.94 -17.12 -6.75
CA ALA A 430 29.86 -17.86 -7.40
C ALA A 430 28.59 -17.09 -7.12
N VAL A 431 27.70 -16.98 -8.12
CA VAL A 431 26.40 -16.31 -7.96
C VAL A 431 25.30 -16.96 -8.80
N TYR A 432 24.18 -17.24 -8.17
CA TYR A 432 23.06 -17.90 -8.81
C TYR A 432 22.37 -16.91 -9.74
N LYS A 433 21.98 -17.38 -10.92
CA LYS A 433 21.21 -16.57 -11.87
C LYS A 433 20.18 -17.43 -12.54
N ILE A 434 19.09 -16.79 -12.97
CA ILE A 434 18.06 -17.43 -13.79
C ILE A 434 18.21 -16.91 -15.21
N GLN A 435 18.10 -17.81 -16.19
CA GLN A 435 18.11 -17.42 -17.58
C GLN A 435 16.75 -17.65 -18.11
N MET A 436 16.08 -16.56 -18.46
CA MET A 436 14.74 -16.61 -19.02
C MET A 436 14.87 -16.55 -20.55
N CYS A 437 14.52 -17.66 -21.20
CA CYS A 437 14.87 -17.88 -22.60
C CYS A 437 13.66 -18.02 -23.48
N LYS A 438 13.58 -17.20 -24.53
CA LYS A 438 12.50 -17.31 -25.51
C LYS A 438 12.71 -18.48 -26.47
N SER A 439 11.67 -18.85 -27.19
CA SER A 439 11.72 -19.96 -28.12
C SER A 439 11.95 -19.49 -29.55
N GLY B 444 16.70 -18.45 -29.29
CA GLY B 444 15.95 -17.28 -28.78
C GLY B 444 16.76 -16.45 -27.82
N ILE B 445 16.38 -15.18 -27.66
CA ILE B 445 16.98 -14.28 -26.67
C ILE B 445 16.88 -14.91 -25.26
N CYS B 446 17.97 -14.82 -24.50
CA CYS B 446 17.99 -15.28 -23.10
C CYS B 446 18.37 -14.10 -22.24
N ILE B 447 17.65 -13.91 -21.14
CA ILE B 447 17.86 -12.78 -20.23
C ILE B 447 18.28 -13.30 -18.87
N ASP B 448 19.38 -12.76 -18.37
CA ASP B 448 19.87 -13.11 -17.05
C ASP B 448 19.11 -12.34 -15.98
N VAL B 449 18.61 -13.05 -14.98
CA VAL B 449 17.87 -12.47 -13.88
C VAL B 449 18.41 -12.93 -12.51
N ASP B 450 18.83 -12.01 -11.66
CA ASP B 450 19.19 -12.37 -10.28
C ASP B 450 17.98 -12.93 -9.49
N ASN B 451 18.24 -13.94 -8.64
CA ASN B 451 17.18 -14.54 -7.83
C ASN B 451 16.39 -13.50 -7.02
N GLU B 452 17.07 -12.43 -6.61
CA GLU B 452 16.46 -11.47 -5.71
C GLU B 452 15.65 -10.40 -6.42
N ASP B 453 15.66 -10.41 -7.76
CA ASP B 453 14.73 -9.61 -8.54
C ASP B 453 13.47 -10.39 -8.93
N LEU B 454 13.42 -11.68 -8.63
CA LEU B 454 12.17 -12.42 -8.74
C LEU B 454 11.22 -12.01 -7.63
N PHE B 455 9.96 -12.38 -7.77
CA PHE B 455 8.92 -11.96 -6.84
C PHE B 455 8.90 -12.98 -5.74
N PHE B 456 9.11 -12.55 -4.51
CA PHE B 456 8.93 -13.48 -3.37
C PHE B 456 7.46 -13.51 -2.98
N ILE B 457 6.85 -14.70 -3.03
CA ILE B 457 5.43 -14.86 -2.73
C ILE B 457 5.30 -16.12 -1.88
N ALA B 458 5.07 -15.94 -0.59
CA ALA B 458 4.91 -17.08 0.31
C ALA B 458 3.76 -17.96 -0.17
N ASP B 459 3.99 -19.26 -0.14
CA ASP B 459 2.94 -20.20 -0.43
C ASP B 459 1.93 -20.25 0.72
N LYS B 460 0.69 -20.57 0.39
CA LYS B 460 -0.36 -20.71 1.39
C LYS B 460 -0.01 -21.71 2.51
N ASN B 461 0.77 -22.73 2.17
CA ASN B 461 1.28 -23.69 3.14
C ASN B 461 2.10 -23.08 4.28
N SER B 462 2.56 -21.84 4.12
CA SER B 462 3.30 -21.13 5.16
C SER B 462 2.47 -20.83 6.41
N PHE B 463 1.14 -20.82 6.25
CA PHE B 463 0.27 -20.25 7.28
C PHE B 463 -0.55 -21.26 8.07
N SER B 464 -0.57 -21.05 9.37
CA SER B 464 -1.24 -21.93 10.29
C SER B 464 -2.76 -21.79 10.21
N ASP B 465 -3.45 -22.93 10.15
CA ASP B 465 -4.90 -22.96 10.30
C ASP B 465 -5.35 -23.36 11.71
N ASP B 466 -4.55 -23.08 12.73
CA ASP B 466 -4.94 -23.39 14.11
C ASP B 466 -6.23 -22.65 14.57
N LEU B 467 -6.52 -21.47 14.02
CA LEU B 467 -7.79 -20.79 14.34
C LEU B 467 -9.04 -21.68 14.13
N SER B 468 -8.95 -22.66 13.24
CA SER B 468 -10.09 -23.53 13.02
C SER B 468 -10.26 -24.60 14.11
N LYS B 469 -9.39 -24.61 15.12
CA LYS B 469 -9.51 -25.59 16.20
C LYS B 469 -10.54 -25.13 17.22
N ASN B 470 -11.21 -26.09 17.87
CA ASN B 470 -12.11 -25.80 18.98
C ASN B 470 -11.34 -25.31 20.19
N GLU B 471 -12.03 -24.60 21.06
CA GLU B 471 -11.45 -24.05 22.25
C GLU B 471 -12.35 -24.47 23.43
N ARG B 472 -11.74 -24.94 24.52
CA ARG B 472 -12.49 -25.28 25.73
C ARG B 472 -12.45 -24.05 26.63
N ILE B 473 -13.62 -23.56 27.05
CA ILE B 473 -13.64 -22.37 27.89
C ILE B 473 -14.05 -22.77 29.31
N GLU B 474 -13.28 -22.26 30.27
CA GLU B 474 -13.42 -22.63 31.67
C GLU B 474 -13.29 -21.38 32.54
N TYR B 475 -13.45 -21.54 33.84
CA TYR B 475 -13.57 -20.44 34.79
C TYR B 475 -12.29 -19.62 34.96
N ASN B 476 -11.15 -20.18 34.59
CA ASN B 476 -9.88 -19.47 34.70
C ASN B 476 -9.10 -19.50 33.38
N THR B 477 -9.80 -19.68 32.26
CA THR B 477 -9.20 -19.56 30.94
C THR B 477 -8.68 -18.13 30.74
N GLN B 478 -7.45 -18.01 30.27
CA GLN B 478 -6.88 -16.70 29.94
C GLN B 478 -6.78 -16.56 28.42
N SER B 479 -6.69 -15.31 27.97
CA SER B 479 -6.49 -15.05 26.54
C SER B 479 -4.99 -14.84 26.33
N ASN B 480 -4.47 -15.49 25.30
CA ASN B 480 -3.04 -15.56 25.03
C ASN B 480 -2.62 -14.53 23.98
N TYR B 481 -1.58 -13.78 24.30
CA TYR B 481 -0.98 -12.81 23.39
C TYR B 481 0.52 -12.80 23.61
N ILE B 482 1.26 -13.01 22.53
CA ILE B 482 2.72 -13.00 22.58
C ILE B 482 3.22 -11.66 22.05
N GLU B 483 3.95 -10.94 22.90
CA GLU B 483 4.58 -9.68 22.50
C GLU B 483 6.10 -9.87 22.34
N ASN B 484 6.53 -9.98 21.08
CA ASN B 484 7.95 -10.06 20.75
C ASN B 484 8.65 -8.70 20.89
N ASP B 485 7.86 -7.63 21.02
CA ASP B 485 8.40 -6.30 21.28
C ASP B 485 8.85 -6.20 22.74
N PHE B 486 10.16 -6.29 22.93
CA PHE B 486 10.76 -6.54 24.24
C PHE B 486 11.49 -5.30 24.78
N PRO B 487 11.27 -4.94 26.06
CA PRO B 487 12.05 -3.84 26.64
C PRO B 487 13.50 -4.28 26.90
N ILE B 488 14.41 -3.90 26.00
CA ILE B 488 15.80 -4.38 26.06
C ILE B 488 16.51 -4.01 27.38
N ASN B 489 16.17 -2.86 27.96
CA ASN B 489 16.75 -2.45 29.23
C ASN B 489 16.23 -3.29 30.41
N GLU B 490 15.05 -3.88 30.27
CA GLU B 490 14.57 -4.85 31.26
C GLU B 490 15.48 -6.10 31.31
N LEU B 491 16.01 -6.50 30.15
CA LEU B 491 16.96 -7.63 30.09
C LEU B 491 18.34 -7.26 30.66
N ILE B 492 18.89 -6.13 30.23
CA ILE B 492 20.20 -5.65 30.67
C ILE B 492 20.28 -5.37 32.18
N LEU B 493 19.13 -5.11 32.81
CA LEU B 493 19.10 -4.92 34.26
C LEU B 493 18.68 -6.16 35.01
N ASP B 494 18.06 -7.13 34.35
CA ASP B 494 17.50 -8.29 35.04
C ASP B 494 18.56 -9.08 35.81
N THR B 495 18.41 -9.12 37.13
CA THR B 495 19.34 -9.87 37.97
C THR B 495 18.72 -11.16 38.53
N ASP B 496 17.76 -11.73 37.80
CA ASP B 496 17.35 -13.12 38.00
C ASP B 496 17.75 -13.95 36.79
N LEU B 497 18.49 -13.33 35.86
CA LEU B 497 18.70 -13.88 34.54
C LEU B 497 20.00 -14.69 34.49
N ILE B 498 21.09 -14.04 34.86
CA ILE B 498 22.41 -14.67 34.82
C ILE B 498 22.53 -15.61 36.01
N SER B 499 23.01 -16.81 35.75
CA SER B 499 23.02 -17.91 36.72
C SER B 499 23.84 -17.59 37.96
N LYS B 500 23.32 -18.00 39.12
CA LYS B 500 24.04 -17.86 40.38
C LYS B 500 24.83 -19.15 40.71
N ILE B 501 24.49 -20.25 40.05
CA ILE B 501 25.04 -21.57 40.37
C ILE B 501 26.35 -21.82 39.64
N GLU B 502 27.29 -22.46 40.33
CA GLU B 502 28.62 -22.72 39.78
C GLU B 502 28.56 -23.75 38.68
N LEU B 503 29.41 -23.55 37.67
CA LEU B 503 29.53 -24.46 36.55
C LEU B 503 30.20 -25.75 37.05
N PRO B 504 29.55 -26.91 36.88
CA PRO B 504 30.26 -28.16 37.26
C PRO B 504 31.50 -28.36 36.38
N SER B 505 32.42 -29.23 36.80
CA SER B 505 33.65 -29.41 36.02
C SER B 505 33.36 -30.09 34.67
N GLU B 506 34.05 -29.63 33.65
CA GLU B 506 33.92 -30.18 32.30
C GLU B 506 34.32 -31.65 32.19
N ASN B 507 35.07 -32.19 33.16
CA ASN B 507 35.66 -33.55 33.04
C ASN B 507 34.64 -34.66 33.33
N THR B 508 34.62 -35.68 32.47
CA THR B 508 33.70 -36.82 32.59
C THR B 508 34.35 -38.06 31.92
N GLU B 509 33.61 -39.17 31.88
CA GLU B 509 34.04 -40.35 31.15
C GLU B 509 34.10 -40.16 29.63
N SER B 510 34.96 -40.94 28.99
CA SER B 510 35.05 -41.00 27.54
C SER B 510 33.71 -41.34 26.89
N LEU B 511 33.48 -40.70 25.74
CA LEU B 511 32.38 -41.08 24.88
C LEU B 511 32.74 -42.42 24.22
N THR B 512 31.85 -43.41 24.33
CA THR B 512 31.99 -44.65 23.58
C THR B 512 30.83 -44.91 22.62
N ASP B 513 29.74 -44.13 22.69
CA ASP B 513 28.66 -44.22 21.69
C ASP B 513 28.73 -43.11 20.67
N PHE B 514 29.18 -43.43 19.46
CA PHE B 514 29.46 -42.39 18.47
C PHE B 514 28.35 -42.17 17.44
N ASN B 515 27.19 -42.78 17.67
CA ASN B 515 26.06 -42.62 16.76
C ASN B 515 25.72 -41.14 16.66
N VAL B 516 25.71 -40.66 15.43
CA VAL B 516 25.43 -39.27 15.14
C VAL B 516 24.96 -39.22 13.69
N ASP B 517 24.06 -38.27 13.40
CA ASP B 517 23.71 -37.93 12.03
C ASP B 517 24.61 -36.80 11.55
N VAL B 518 25.21 -36.97 10.39
CA VAL B 518 26.12 -35.99 9.84
C VAL B 518 25.49 -35.41 8.58
N PRO B 519 25.27 -34.08 8.55
CA PRO B 519 24.73 -33.42 7.35
C PRO B 519 25.59 -33.65 6.11
N VAL B 520 24.93 -33.80 4.96
CA VAL B 520 25.58 -33.93 3.66
C VAL B 520 25.25 -32.69 2.82
N TYR B 521 26.28 -32.01 2.33
CA TYR B 521 26.04 -30.80 1.54
C TYR B 521 26.43 -31.09 0.10
N GLU B 522 25.75 -30.44 -0.83
CA GLU B 522 26.02 -30.69 -2.24
C GLU B 522 25.79 -29.39 -3.01
N LYS B 523 26.64 -29.10 -3.99
CA LYS B 523 26.39 -27.95 -4.84
C LYS B 523 25.29 -28.25 -5.83
N GLN B 524 24.73 -27.18 -6.39
CA GLN B 524 23.76 -27.28 -7.47
C GLN B 524 24.19 -26.31 -8.56
N PRO B 525 23.63 -26.43 -9.76
CA PRO B 525 24.10 -25.54 -10.84
C PRO B 525 23.84 -24.05 -10.53
N ALA B 526 24.82 -23.20 -10.80
CA ALA B 526 24.71 -21.76 -10.56
C ALA B 526 23.76 -21.07 -11.54
N ILE B 527 23.27 -21.78 -12.55
CA ILE B 527 22.40 -21.18 -13.52
C ILE B 527 21.23 -22.10 -13.77
N LYS B 528 20.03 -21.57 -13.65
CA LYS B 528 18.83 -22.29 -13.99
C LYS B 528 18.31 -21.70 -15.27
N LYS B 529 18.21 -22.52 -16.30
CA LYS B 529 17.67 -22.07 -17.57
C LYS B 529 16.19 -22.38 -17.54
N ILE B 530 15.35 -21.38 -17.76
CA ILE B 530 13.92 -21.63 -17.92
C ILE B 530 13.47 -21.07 -19.29
N PHE B 531 12.45 -21.67 -19.88
CA PHE B 531 11.93 -21.23 -21.17
C PHE B 531 10.58 -20.58 -20.98
N THR B 532 10.49 -19.31 -21.35
CA THR B 532 9.23 -18.61 -21.33
C THR B 532 9.22 -17.58 -22.46
N ASP B 533 8.07 -17.39 -23.07
CA ASP B 533 7.92 -16.35 -24.08
C ASP B 533 7.14 -15.17 -23.53
N GLU B 534 6.96 -15.11 -22.22
CA GLU B 534 6.22 -14.04 -21.64
C GLU B 534 7.12 -12.84 -21.46
N ASN B 535 6.50 -11.67 -21.52
CA ASN B 535 7.18 -10.42 -21.32
C ASN B 535 6.55 -9.68 -20.17
N THR B 536 7.24 -9.66 -19.05
CA THR B 536 6.80 -8.89 -17.91
C THR B 536 8.00 -8.06 -17.52
N ILE B 537 8.04 -7.65 -16.26
CA ILE B 537 9.08 -6.78 -15.72
C ILE B 537 10.50 -7.09 -16.22
N PHE B 538 10.86 -8.37 -16.24
CA PHE B 538 12.23 -8.74 -16.53
C PHE B 538 12.57 -8.37 -17.96
N GLN B 539 11.66 -8.70 -18.85
CA GLN B 539 11.82 -8.46 -20.28
C GLN B 539 11.73 -6.98 -20.61
N TYR B 540 10.77 -6.29 -19.99
CA TYR B 540 10.56 -4.86 -20.22
C TYR B 540 11.75 -4.02 -19.73
N LEU B 541 12.34 -4.39 -18.60
CA LEU B 541 13.53 -3.71 -18.12
C LEU B 541 14.72 -3.95 -19.06
N TYR B 542 14.91 -5.18 -19.49
CA TYR B 542 16.00 -5.53 -20.41
C TYR B 542 15.91 -4.72 -21.73
N SER B 543 14.68 -4.50 -22.20
CA SER B 543 14.47 -3.73 -23.44
C SER B 543 14.89 -2.28 -23.31
N GLN B 544 15.15 -1.82 -22.09
CA GLN B 544 15.55 -0.43 -21.83
C GLN B 544 17.05 -0.30 -21.66
N THR B 545 17.79 -1.39 -21.90
CA THR B 545 19.24 -1.37 -21.81
C THR B 545 19.91 -1.46 -23.20
N PHE B 546 21.22 -1.21 -23.21
CA PHE B 546 22.00 -1.36 -24.43
C PHE B 546 23.43 -1.79 -24.07
N PRO B 547 24.06 -2.59 -24.93
CA PRO B 547 25.37 -3.13 -24.55
C PRO B 547 26.50 -2.09 -24.53
N LEU B 548 27.60 -2.44 -23.88
CA LEU B 548 28.78 -1.56 -23.72
C LEU B 548 29.49 -1.15 -25.04
N ASP B 549 29.24 -1.89 -26.12
CA ASP B 549 29.83 -1.61 -27.42
C ASP B 549 28.84 -0.92 -28.36
N ILE B 550 27.84 -0.21 -27.80
CA ILE B 550 26.88 0.56 -28.57
C ILE B 550 26.80 1.94 -27.95
N ARG B 551 26.86 2.97 -28.80
CA ARG B 551 26.75 4.37 -28.39
C ARG B 551 25.66 5.14 -29.14
N ASP B 552 25.38 4.75 -30.36
CA ASP B 552 24.51 5.52 -31.23
C ASP B 552 23.10 4.96 -31.13
N ILE B 553 22.40 5.33 -30.07
CA ILE B 553 21.09 4.75 -29.80
C ILE B 553 19.98 5.71 -30.17
N SER B 554 18.85 5.15 -30.55
CA SER B 554 17.59 5.90 -30.62
C SER B 554 16.49 5.27 -29.69
N LEU B 555 15.67 6.12 -29.09
CA LEU B 555 14.53 5.68 -28.30
C LEU B 555 13.42 5.20 -29.21
N THR B 556 12.68 4.20 -28.77
CA THR B 556 11.52 3.71 -29.48
C THR B 556 10.38 3.37 -28.50
N SER B 557 9.14 3.54 -28.94
CA SER B 557 7.98 3.12 -28.16
C SER B 557 7.61 1.66 -28.46
N SER B 558 8.36 1.01 -29.34
CA SER B 558 8.11 -0.38 -29.69
C SER B 558 9.01 -1.32 -28.89
N PHE B 559 8.39 -2.08 -27.99
CA PHE B 559 9.10 -3.01 -27.13
C PHE B 559 9.73 -4.08 -28.02
N ASP B 560 9.04 -4.47 -29.08
CA ASP B 560 9.53 -5.51 -30.00
C ASP B 560 10.77 -5.06 -30.77
N ASP B 561 10.76 -3.83 -31.27
CA ASP B 561 11.94 -3.23 -31.90
C ASP B 561 13.13 -3.11 -30.94
N ALA B 562 12.86 -2.71 -29.70
CA ALA B 562 13.90 -2.56 -28.70
C ALA B 562 14.62 -3.87 -28.39
N LEU B 563 13.88 -4.98 -28.40
CA LEU B 563 14.48 -6.30 -28.22
C LEU B 563 15.26 -6.71 -29.47
N LEU B 564 14.70 -6.43 -30.64
CA LEU B 564 15.31 -6.78 -31.93
C LEU B 564 16.63 -6.07 -32.23
N PHE B 565 16.73 -4.77 -31.91
CA PHE B 565 17.88 -4.00 -32.33
C PHE B 565 18.63 -3.39 -31.16
N SER B 566 19.93 -3.65 -31.10
CA SER B 566 20.74 -3.22 -29.96
C SER B 566 21.01 -1.72 -29.95
N ASN B 567 20.70 -1.02 -31.04
CA ASN B 567 20.74 0.46 -31.03
C ASN B 567 19.35 1.11 -30.74
N LYS B 568 18.31 0.28 -30.58
CA LYS B 568 16.98 0.72 -30.21
C LYS B 568 16.74 0.45 -28.72
N VAL B 569 16.49 1.51 -27.97
CA VAL B 569 16.17 1.42 -26.54
C VAL B 569 14.69 1.79 -26.31
N TYR B 570 13.98 0.91 -25.59
CA TYR B 570 12.56 1.13 -25.26
C TYR B 570 12.35 2.28 -24.27
N SER B 571 11.37 3.13 -24.57
CA SER B 571 10.96 4.17 -23.64
C SER B 571 9.48 4.10 -23.42
N PHE B 572 9.08 4.36 -22.17
CA PHE B 572 7.68 4.33 -21.72
C PHE B 572 7.11 5.76 -21.56
N PHE B 573 7.93 6.76 -21.85
CA PHE B 573 7.48 8.14 -21.89
C PHE B 573 6.75 8.40 -23.23
N SER B 574 6.29 9.63 -23.43
CA SER B 574 5.36 9.94 -24.55
C SER B 574 6.02 9.95 -25.93
N MET B 575 5.21 9.83 -26.97
CA MET B 575 5.69 9.88 -28.36
C MET B 575 6.47 11.17 -28.60
N ASP B 576 5.98 12.27 -28.03
CA ASP B 576 6.63 13.57 -28.17
C ASP B 576 7.99 13.59 -27.51
N TYR B 577 8.09 13.03 -26.30
CA TYR B 577 9.38 12.93 -25.65
C TYR B 577 10.32 12.13 -26.57
N ILE B 578 9.83 11.00 -27.08
CA ILE B 578 10.66 10.09 -27.85
C ILE B 578 11.18 10.80 -29.11
N LYS B 579 10.28 11.49 -29.80
CA LYS B 579 10.62 12.22 -31.03
C LYS B 579 11.67 13.29 -30.73
N THR B 580 11.47 14.04 -29.65
CA THR B 580 12.39 15.08 -29.30
C THR B 580 13.76 14.57 -28.93
N ALA B 581 13.84 13.39 -28.29
CA ALA B 581 15.14 12.87 -27.89
C ALA B 581 15.91 12.36 -29.11
N ASN B 582 15.19 11.81 -30.08
CA ASN B 582 15.78 11.29 -31.30
C ASN B 582 16.16 12.40 -32.29
N LYS B 583 15.88 13.64 -31.95
CA LYS B 583 16.08 14.78 -32.85
C LYS B 583 17.54 15.22 -32.94
N VAL B 584 18.05 15.29 -34.18
CA VAL B 584 19.38 15.81 -34.46
C VAL B 584 19.25 17.27 -34.90
N VAL B 585 20.00 18.16 -34.24
CA VAL B 585 19.96 19.59 -34.59
C VAL B 585 21.35 20.13 -34.94
N GLU B 586 21.36 21.31 -35.55
CA GLU B 586 22.61 22.01 -35.84
C GLU B 586 23.15 22.62 -34.55
N ALA B 587 24.48 22.72 -34.47
CA ALA B 587 25.17 23.14 -33.24
C ALA B 587 24.62 24.42 -32.59
N GLY B 588 24.13 25.35 -33.40
CA GLY B 588 23.57 26.61 -32.92
C GLY B 588 22.32 26.42 -32.07
N LEU B 589 21.57 25.37 -32.36
CA LEU B 589 20.34 25.04 -31.63
C LEU B 589 20.56 24.05 -30.49
N PHE B 590 21.74 23.41 -30.47
CA PHE B 590 21.96 22.26 -29.62
C PHE B 590 21.72 22.54 -28.15
N ALA B 591 22.31 23.62 -27.63
CA ALA B 591 22.20 23.92 -26.21
C ALA B 591 20.76 24.16 -25.76
N GLY B 592 19.96 24.75 -26.66
CA GLY B 592 18.53 24.91 -26.47
C GLY B 592 17.78 23.59 -26.48
N TRP B 593 18.19 22.66 -27.35
CA TRP B 593 17.60 21.30 -27.38
C TRP B 593 17.93 20.47 -26.14
N VAL B 594 19.10 20.67 -25.55
CA VAL B 594 19.48 19.97 -24.32
C VAL B 594 18.57 20.40 -23.18
N LYS B 595 18.56 21.71 -22.91
CA LYS B 595 17.69 22.29 -21.90
C LYS B 595 16.27 21.72 -22.00
N GLN B 596 15.72 21.77 -23.21
CA GLN B 596 14.35 21.35 -23.49
C GLN B 596 14.07 19.87 -23.18
N ILE B 597 14.96 18.98 -23.64
CA ILE B 597 14.71 17.55 -23.53
C ILE B 597 14.96 17.08 -22.09
N VAL B 598 15.97 17.65 -21.43
CA VAL B 598 16.19 17.41 -20.01
C VAL B 598 14.97 17.86 -19.19
N ASN B 599 14.42 19.02 -19.51
CA ASN B 599 13.19 19.47 -18.87
C ASN B 599 12.01 18.58 -19.23
N ASP B 600 11.94 18.14 -20.50
CA ASP B 600 10.89 17.20 -20.93
C ASP B 600 10.96 15.88 -20.11
N PHE B 601 12.16 15.38 -19.86
CA PHE B 601 12.35 14.19 -19.03
C PHE B 601 11.77 14.39 -17.63
N VAL B 602 12.09 15.53 -17.00
CA VAL B 602 11.58 15.82 -15.65
C VAL B 602 10.04 15.94 -15.63
N ILE B 603 9.44 16.52 -16.67
CA ILE B 603 7.99 16.63 -16.75
C ILE B 603 7.33 15.27 -16.99
N GLU B 604 7.89 14.49 -17.91
CA GLU B 604 7.40 13.14 -18.19
C GLU B 604 7.46 12.24 -16.95
N ALA B 605 8.59 12.29 -16.23
CA ALA B 605 8.79 11.48 -15.03
C ALA B 605 7.81 11.82 -13.90
N ASN B 606 7.46 13.12 -13.81
CA ASN B 606 6.57 13.63 -12.77
C ASN B 606 5.08 13.53 -13.05
N LYS B 607 4.71 13.05 -14.22
CA LYS B 607 3.31 12.89 -14.57
C LYS B 607 2.56 12.07 -13.48
N SER B 608 1.38 12.55 -13.10
CA SER B 608 0.69 12.05 -11.88
C SER B 608 -0.86 12.13 -11.80
N ASN B 609 -1.56 12.33 -12.91
CA ASN B 609 -3.04 12.42 -12.93
C ASN B 609 -3.70 11.62 -14.04
N THR B 610 -5.01 11.36 -13.87
CA THR B 610 -5.82 10.54 -14.79
C THR B 610 -6.38 11.40 -15.95
N MET B 611 -7.40 10.88 -16.66
CA MET B 611 -8.20 11.67 -17.61
C MET B 611 -8.85 12.85 -16.89
N ASP B 612 -9.61 12.58 -15.83
CA ASP B 612 -9.91 13.65 -14.87
C ASP B 612 -10.32 13.11 -13.50
N LYS B 613 -10.42 14.02 -12.53
CA LYS B 613 -10.60 13.65 -11.13
C LYS B 613 -11.97 13.07 -10.84
N ILE B 614 -12.87 13.09 -11.84
CA ILE B 614 -14.20 12.52 -11.67
C ILE B 614 -14.06 11.04 -11.34
N ALA B 615 -13.00 10.41 -11.84
CA ALA B 615 -12.78 8.97 -11.56
C ALA B 615 -12.57 8.59 -10.09
N ASP B 616 -12.30 9.55 -9.21
CA ASP B 616 -12.10 9.28 -7.79
C ASP B 616 -10.83 8.43 -7.49
N ILE B 617 -9.78 8.62 -8.28
CA ILE B 617 -8.47 8.02 -8.01
C ILE B 617 -7.58 9.07 -7.33
N SER B 618 -7.05 8.77 -6.15
CA SER B 618 -6.29 9.79 -5.41
C SER B 618 -5.05 10.22 -6.18
N LEU B 619 -4.22 9.24 -6.54
CA LEU B 619 -2.95 9.48 -7.22
C LEU B 619 -2.75 8.27 -8.10
N ILE B 620 -2.06 8.48 -9.20
CA ILE B 620 -1.73 7.41 -10.10
C ILE B 620 -0.58 7.89 -10.96
N VAL B 621 0.41 7.02 -11.15
CA VAL B 621 1.48 7.30 -12.09
C VAL B 621 1.14 6.51 -13.34
N PRO B 622 0.78 7.23 -14.42
CA PRO B 622 0.13 6.58 -15.56
C PRO B 622 1.00 5.71 -16.43
N TYR B 623 2.32 5.83 -16.31
CA TYR B 623 3.23 5.13 -17.19
C TYR B 623 3.77 3.81 -16.63
N ILE B 624 3.31 3.40 -15.45
CA ILE B 624 3.82 2.18 -14.82
C ILE B 624 3.58 0.94 -15.67
N GLY B 625 2.36 0.83 -16.20
CA GLY B 625 2.03 -0.22 -17.16
C GLY B 625 3.02 -0.32 -18.32
N LEU B 626 3.23 0.81 -18.97
CA LEU B 626 4.15 0.86 -20.11
C LEU B 626 5.60 0.57 -19.70
N ALA B 627 5.98 0.94 -18.48
CA ALA B 627 7.33 0.71 -18.01
C ALA B 627 7.67 -0.76 -17.73
N LEU B 628 6.72 -1.51 -17.16
CA LEU B 628 7.02 -2.86 -16.68
C LEU B 628 6.20 -4.01 -17.28
N ASN B 629 5.01 -3.69 -17.77
CA ASN B 629 4.03 -4.67 -18.23
C ASN B 629 3.78 -5.76 -17.17
N VAL B 630 3.79 -5.39 -15.89
CA VAL B 630 3.45 -6.33 -14.80
C VAL B 630 1.95 -6.65 -14.77
N GLY B 631 1.57 -7.70 -14.07
CA GLY B 631 0.15 -8.07 -13.98
C GLY B 631 -0.43 -8.54 -15.30
N ASN B 632 -1.69 -8.22 -15.54
CA ASN B 632 -2.38 -8.64 -16.77
C ASN B 632 -2.06 -7.65 -17.89
N GLU B 633 -0.89 -7.81 -18.47
CA GLU B 633 -0.45 -7.02 -19.62
C GLU B 633 -0.82 -5.54 -19.54
N THR B 634 -0.36 -4.89 -18.49
CA THR B 634 -0.69 -3.50 -18.20
C THR B 634 -0.06 -2.49 -19.15
N ALA B 635 0.85 -2.96 -20.00
CA ALA B 635 1.38 -2.14 -21.09
C ALA B 635 0.37 -2.01 -22.24
N LYS B 636 -0.62 -2.90 -22.28
CA LYS B 636 -1.65 -2.89 -23.31
C LYS B 636 -2.80 -2.00 -22.89
N GLY B 637 -3.44 -1.37 -23.87
CA GLY B 637 -4.62 -0.55 -23.60
C GLY B 637 -4.28 0.64 -22.75
N ASN B 638 -5.28 1.14 -22.04
CA ASN B 638 -5.14 2.35 -21.23
C ASN B 638 -5.10 1.97 -19.73
N PHE B 639 -3.97 2.29 -19.09
CA PHE B 639 -3.67 1.84 -17.73
C PHE B 639 -4.60 2.47 -16.72
N GLU B 640 -4.75 3.80 -16.80
CA GLU B 640 -5.63 4.57 -15.93
C GLU B 640 -7.06 4.06 -15.94
N ASN B 641 -7.56 3.76 -17.13
CA ASN B 641 -8.91 3.27 -17.30
C ASN B 641 -9.05 1.87 -16.69
N ALA B 642 -8.06 1.01 -16.95
CA ALA B 642 -8.09 -0.34 -16.39
C ALA B 642 -8.02 -0.26 -14.86
N PHE B 643 -7.29 0.72 -14.36
CA PHE B 643 -7.15 0.89 -12.92
C PHE B 643 -8.44 1.40 -12.28
N GLU B 644 -9.17 2.25 -13.00
CA GLU B 644 -10.49 2.70 -12.52
C GLU B 644 -11.42 1.49 -12.36
N ILE B 645 -11.38 0.58 -13.32
CA ILE B 645 -12.28 -0.56 -13.26
C ILE B 645 -11.86 -1.54 -12.17
N ALA B 646 -10.57 -1.88 -12.09
CA ALA B 646 -10.13 -3.03 -11.29
C ALA B 646 -9.22 -2.73 -10.07
N GLY B 647 -8.76 -1.49 -9.93
CA GLY B 647 -7.88 -1.10 -8.84
C GLY B 647 -6.52 -1.81 -8.78
N ALA B 648 -5.94 -1.80 -7.57
CA ALA B 648 -4.61 -2.34 -7.30
C ALA B 648 -4.35 -3.73 -7.84
N SER B 649 -5.40 -4.54 -7.92
CA SER B 649 -5.28 -5.92 -8.38
C SER B 649 -4.62 -6.08 -9.74
N ILE B 650 -4.79 -5.10 -10.63
CA ILE B 650 -4.27 -5.21 -12.00
C ILE B 650 -2.76 -5.23 -12.05
N LEU B 651 -2.10 -4.69 -11.03
CA LEU B 651 -0.64 -4.67 -10.96
C LEU B 651 0.01 -5.94 -10.42
N LEU B 652 -0.75 -6.76 -9.69
CA LEU B 652 -0.17 -7.98 -9.09
C LEU B 652 0.15 -9.00 -10.17
N GLU B 653 1.34 -9.59 -10.05
CA GLU B 653 1.78 -10.68 -10.91
C GLU B 653 0.94 -11.93 -10.67
N PHE B 654 0.51 -12.12 -9.42
CA PHE B 654 -0.19 -13.33 -9.01
C PHE B 654 -1.18 -12.93 -7.93
N ILE B 655 -2.41 -13.38 -8.04
CA ILE B 655 -3.40 -13.16 -6.99
C ILE B 655 -3.27 -14.35 -6.03
N PRO B 656 -2.83 -14.11 -4.80
CA PRO B 656 -2.60 -15.26 -3.94
C PRO B 656 -3.88 -15.84 -3.39
N GLU B 657 -3.87 -17.13 -3.08
CA GLU B 657 -4.99 -17.76 -2.38
C GLU B 657 -4.77 -17.52 -0.89
N LEU B 658 -5.74 -16.88 -0.25
CA LEU B 658 -5.65 -16.60 1.17
C LEU B 658 -6.19 -17.73 2.01
N LEU B 659 -5.51 -17.99 3.11
CA LEU B 659 -6.03 -18.83 4.17
C LEU B 659 -6.90 -17.98 5.09
N ILE B 660 -8.19 -18.32 5.14
CA ILE B 660 -9.15 -17.61 6.00
C ILE B 660 -10.03 -18.64 6.73
N PRO B 661 -9.49 -19.25 7.81
CA PRO B 661 -10.18 -20.38 8.43
C PRO B 661 -11.53 -20.05 9.05
N VAL B 662 -12.44 -21.03 8.99
CA VAL B 662 -13.64 -21.00 9.80
C VAL B 662 -13.17 -21.17 11.22
N VAL B 663 -13.47 -20.17 12.05
CA VAL B 663 -13.04 -20.20 13.43
C VAL B 663 -13.74 -21.36 14.14
N GLY B 664 -13.04 -21.99 15.07
CA GLY B 664 -13.57 -23.16 15.77
C GLY B 664 -14.62 -22.83 16.80
N ALA B 665 -15.43 -23.84 17.14
CA ALA B 665 -16.46 -23.72 18.16
C ALA B 665 -15.87 -23.52 19.55
N PHE B 666 -16.56 -22.75 20.39
CA PHE B 666 -16.20 -22.65 21.79
C PHE B 666 -17.03 -23.70 22.51
N LEU B 667 -16.41 -24.34 23.51
CA LEU B 667 -17.05 -25.39 24.32
C LEU B 667 -16.97 -24.96 25.75
N LEU B 668 -18.11 -24.51 26.26
CA LEU B 668 -18.16 -23.88 27.56
C LEU B 668 -18.31 -24.94 28.64
N GLU B 669 -17.53 -24.81 29.72
CA GLU B 669 -17.60 -25.75 30.85
C GLU B 669 -18.79 -25.40 31.76
N SER B 670 -19.57 -26.43 32.14
CA SER B 670 -20.62 -26.26 33.15
C SER B 670 -19.99 -26.29 34.53
N TYR B 671 -20.53 -25.49 35.44
CA TYR B 671 -20.11 -25.49 36.85
C TYR B 671 -21.36 -25.60 37.72
N ILE B 672 -22.13 -26.65 37.46
CA ILE B 672 -23.46 -26.82 38.03
C ILE B 672 -23.52 -26.44 39.52
N ASP B 673 -24.47 -25.55 39.84
CA ASP B 673 -24.55 -24.91 41.16
C ASP B 673 -23.27 -24.15 41.54
N ASN B 674 -22.73 -23.40 40.57
CA ASN B 674 -21.72 -22.37 40.86
C ASN B 674 -21.87 -21.17 39.91
N LYS B 675 -22.76 -20.26 40.31
CA LYS B 675 -22.98 -18.98 39.64
C LYS B 675 -21.67 -18.19 39.44
N ASN B 676 -20.85 -18.12 40.49
CA ASN B 676 -19.61 -17.34 40.44
C ASN B 676 -18.65 -17.77 39.33
N LYS B 677 -18.65 -19.06 39.01
CA LYS B 677 -17.74 -19.60 38.00
C LYS B 677 -18.40 -19.80 36.61
N ILE B 678 -19.72 -19.86 36.57
CA ILE B 678 -20.46 -19.77 35.29
C ILE B 678 -20.33 -18.36 34.68
N ILE B 679 -20.40 -17.34 35.53
CA ILE B 679 -20.25 -15.95 35.08
C ILE B 679 -18.83 -15.70 34.58
N LYS B 680 -17.85 -16.31 35.25
CA LYS B 680 -16.47 -16.18 34.81
C LYS B 680 -16.25 -16.87 33.47
N THR B 681 -16.92 -17.98 33.25
CA THR B 681 -16.81 -18.72 31.99
C THR B 681 -17.36 -17.91 30.80
N ILE B 682 -18.50 -17.27 31.01
CA ILE B 682 -19.07 -16.39 29.99
C ILE B 682 -18.07 -15.26 29.69
N ASP B 683 -17.62 -14.58 30.74
CA ASP B 683 -16.64 -13.50 30.60
C ASP B 683 -15.42 -13.96 29.82
N ASN B 684 -14.95 -15.18 30.12
CA ASN B 684 -13.75 -15.71 29.50
C ASN B 684 -13.97 -16.02 28.03
N ALA B 685 -15.14 -16.54 27.69
CA ALA B 685 -15.46 -16.80 26.29
C ALA B 685 -15.50 -15.47 25.50
N LEU B 686 -15.91 -14.40 26.17
CA LEU B 686 -15.99 -13.11 25.52
C LEU B 686 -14.59 -12.55 25.29
N THR B 687 -13.72 -12.63 26.29
CA THR B 687 -12.33 -12.22 26.12
C THR B 687 -11.59 -13.06 25.07
N LYS B 688 -11.97 -14.34 24.95
CA LYS B 688 -11.35 -15.24 24.00
C LYS B 688 -11.77 -14.92 22.57
N ARG B 689 -13.05 -14.61 22.39
CA ARG B 689 -13.55 -14.16 21.11
C ARG B 689 -12.71 -13.01 20.54
N ASN B 690 -12.31 -12.07 21.37
CA ASN B 690 -11.44 -10.97 20.95
C ASN B 690 -10.10 -11.49 20.44
N GLU B 691 -9.56 -12.50 21.14
CA GLU B 691 -8.31 -13.12 20.72
C GLU B 691 -8.43 -13.76 19.35
N LYS B 692 -9.57 -14.36 19.03
CA LYS B 692 -9.74 -14.96 17.72
C LYS B 692 -9.79 -13.88 16.62
N TRP B 693 -10.45 -12.76 16.91
CA TRP B 693 -10.49 -11.62 15.99
C TRP B 693 -9.08 -11.14 15.74
N SER B 694 -8.34 -10.95 16.84
CA SER B 694 -6.99 -10.43 16.75
C SER B 694 -6.05 -11.37 15.97
N ASP B 695 -6.17 -12.67 16.24
CA ASP B 695 -5.32 -13.66 15.60
C ASP B 695 -5.64 -13.79 14.13
N MET B 696 -6.92 -13.70 13.79
CA MET B 696 -7.33 -13.68 12.40
C MET B 696 -6.72 -12.47 11.66
N TYR B 697 -6.79 -11.28 12.26
CA TYR B 697 -6.24 -10.09 11.63
C TYR B 697 -4.72 -10.23 11.45
N GLY B 698 -4.06 -10.78 12.47
CA GLY B 698 -2.62 -11.08 12.41
C GLY B 698 -2.27 -12.04 11.29
N LEU B 699 -3.13 -13.03 11.09
CA LEU B 699 -3.00 -13.98 9.99
C LEU B 699 -3.15 -13.33 8.63
N ILE B 700 -4.11 -12.40 8.51
CA ILE B 700 -4.26 -11.63 7.28
C ILE B 700 -3.05 -10.73 7.06
N VAL B 701 -2.60 -10.05 8.10
CA VAL B 701 -1.45 -9.17 7.97
C VAL B 701 -0.20 -9.96 7.52
N ALA B 702 -0.01 -11.16 8.05
CA ALA B 702 1.17 -11.97 7.69
C ALA B 702 1.11 -12.30 6.22
N GLN B 703 -0.05 -12.68 5.72
CA GLN B 703 -0.21 -12.99 4.30
C GLN B 703 -0.06 -11.76 3.41
N TRP B 704 -0.60 -10.63 3.86
CA TRP B 704 -0.51 -9.41 3.11
C TRP B 704 0.98 -9.08 2.91
N LEU B 705 1.73 -9.13 3.99
CA LEU B 705 3.14 -8.74 3.97
C LEU B 705 4.02 -9.67 3.13
N SER B 706 3.68 -10.95 3.07
CA SER B 706 4.56 -11.93 2.46
C SER B 706 4.08 -12.45 1.11
N THR B 707 2.88 -12.05 0.66
CA THR B 707 2.34 -12.45 -0.66
C THR B 707 1.90 -11.30 -1.54
N VAL B 708 1.55 -10.16 -0.95
CA VAL B 708 1.03 -9.04 -1.69
C VAL B 708 1.95 -7.82 -1.63
N ASN B 709 2.27 -7.36 -0.44
CA ASN B 709 3.18 -6.24 -0.29
C ASN B 709 4.57 -6.53 -0.87
N THR B 710 5.00 -7.80 -0.86
CA THR B 710 6.24 -8.20 -1.54
C THR B 710 6.20 -7.97 -3.04
N GLN B 711 5.04 -8.19 -3.65
CA GLN B 711 4.91 -7.97 -5.07
C GLN B 711 5.00 -6.47 -5.40
N PHE B 712 4.42 -5.65 -4.54
CA PHE B 712 4.44 -4.21 -4.75
C PHE B 712 5.84 -3.63 -4.55
N TYR B 713 6.57 -4.20 -3.60
CA TYR B 713 7.98 -3.84 -3.41
C TYR B 713 8.80 -4.12 -4.70
N THR B 714 8.55 -5.26 -5.33
CA THR B 714 9.27 -5.61 -6.53
C THR B 714 8.95 -4.63 -7.66
N ILE B 715 7.70 -4.17 -7.70
CA ILE B 715 7.28 -3.19 -8.68
C ILE B 715 7.99 -1.85 -8.48
N LYS B 716 8.07 -1.39 -7.24
CA LYS B 716 8.74 -0.13 -6.95
C LYS B 716 10.21 -0.16 -7.31
N GLU B 717 10.88 -1.27 -7.00
CA GLU B 717 12.28 -1.40 -7.35
C GLU B 717 12.46 -1.39 -8.87
N GLY B 718 11.59 -2.12 -9.57
CA GLY B 718 11.52 -2.13 -11.01
C GLY B 718 11.40 -0.74 -11.63
N MET B 719 10.50 0.07 -11.10
CA MET B 719 10.33 1.44 -11.53
C MET B 719 11.58 2.30 -11.29
N TYR B 720 12.25 2.10 -10.18
CA TYR B 720 13.46 2.84 -9.89
C TYR B 720 14.50 2.54 -10.98
N LYS B 721 14.68 1.27 -11.30
CA LYS B 721 15.62 0.88 -12.34
C LYS B 721 15.19 1.43 -13.70
N ALA B 722 13.89 1.33 -14.00
CA ALA B 722 13.38 1.75 -15.30
C ALA B 722 13.67 3.23 -15.53
N LEU B 723 13.45 4.05 -14.52
CA LEU B 723 13.70 5.49 -14.67
C LEU B 723 15.19 5.77 -14.84
N ASN B 724 16.03 5.03 -14.11
CA ASN B 724 17.49 5.15 -14.27
C ASN B 724 17.92 4.76 -15.68
N TYR B 725 17.35 3.69 -16.21
CA TYR B 725 17.63 3.31 -17.57
C TYR B 725 17.25 4.43 -18.56
N GLN B 726 16.10 5.08 -18.35
CA GLN B 726 15.68 6.18 -19.23
C GLN B 726 16.64 7.36 -19.19
N ALA B 727 17.06 7.73 -17.98
CA ALA B 727 18.02 8.80 -17.81
C ALA B 727 19.36 8.43 -18.48
N GLN B 728 19.82 7.20 -18.25
CA GLN B 728 21.07 6.74 -18.81
C GLN B 728 21.03 6.79 -20.33
N ALA B 729 19.95 6.31 -20.94
CA ALA B 729 19.82 6.37 -22.37
C ALA B 729 19.84 7.83 -22.91
N LEU B 730 19.16 8.73 -22.20
CA LEU B 730 19.12 10.14 -22.58
C LEU B 730 20.52 10.75 -22.56
N GLU B 731 21.27 10.50 -21.48
CA GLU B 731 22.63 10.98 -21.36
C GLU B 731 23.53 10.43 -22.47
N GLU B 732 23.45 9.14 -22.73
CA GLU B 732 24.16 8.54 -23.84
C GLU B 732 23.81 9.26 -25.15
N ILE B 733 22.53 9.58 -25.35
CA ILE B 733 22.11 10.30 -26.56
C ILE B 733 22.72 11.71 -26.62
N ILE B 734 22.69 12.42 -25.50
CA ILE B 734 23.18 13.78 -25.45
C ILE B 734 24.70 13.83 -25.71
N LYS B 735 25.43 12.85 -25.16
CA LYS B 735 26.87 12.73 -25.42
C LYS B 735 27.18 12.42 -26.88
N TYR B 736 26.54 11.40 -27.45
CA TYR B 736 26.79 11.03 -28.84
C TYR B 736 26.58 12.21 -29.77
N ARG B 737 25.52 12.98 -29.54
CA ARG B 737 25.23 14.14 -30.38
C ARG B 737 26.20 15.31 -30.20
N TYR B 738 26.57 15.61 -28.96
CA TYR B 738 27.61 16.59 -28.68
C TYR B 738 28.92 16.30 -29.43
N ASN B 739 29.36 15.04 -29.39
CA ASN B 739 30.64 14.62 -29.96
C ASN B 739 30.63 14.42 -31.47
N ILE B 740 29.47 14.49 -32.11
CA ILE B 740 29.40 14.55 -33.57
C ILE B 740 29.86 15.92 -34.07
N TYR B 741 29.74 16.97 -33.24
CA TYR B 741 30.12 18.33 -33.64
C TYR B 741 31.64 18.51 -33.69
N SER B 742 32.10 19.46 -34.53
CA SER B 742 33.52 19.76 -34.65
C SER B 742 34.01 20.52 -33.42
N GLU B 743 35.33 20.64 -33.30
CA GLU B 743 35.92 21.35 -32.15
C GLU B 743 35.53 22.84 -32.14
N LYS B 744 35.34 23.42 -33.33
CA LYS B 744 34.88 24.81 -33.45
C LYS B 744 33.48 24.92 -32.88
N GLU B 745 32.60 24.03 -33.33
CA GLU B 745 31.23 23.97 -32.83
C GLU B 745 31.21 23.70 -31.32
N LYS B 746 32.00 22.72 -30.87
CA LYS B 746 32.01 22.31 -29.45
C LYS B 746 32.42 23.41 -28.48
N SER B 747 33.38 24.25 -28.86
CA SER B 747 33.76 25.39 -28.03
C SER B 747 32.73 26.53 -28.05
N ASN B 748 31.81 26.53 -29.02
CA ASN B 748 30.70 27.50 -29.08
C ASN B 748 29.46 27.07 -28.29
N ILE B 749 29.46 25.86 -27.73
CA ILE B 749 28.33 25.33 -26.98
C ILE B 749 28.70 25.25 -25.50
N ASN B 750 27.92 25.91 -24.65
CA ASN B 750 28.13 25.77 -23.21
C ASN B 750 27.11 24.78 -22.63
N ILE B 751 27.59 23.60 -22.23
CA ILE B 751 26.78 22.64 -21.46
C ILE B 751 27.59 22.00 -20.34
N ASP B 752 26.92 21.81 -19.21
CA ASP B 752 27.51 21.22 -18.02
C ASP B 752 26.94 19.81 -17.90
N PHE B 753 27.78 18.79 -18.05
CA PHE B 753 27.31 17.40 -18.04
C PHE B 753 26.92 16.91 -16.65
N ASN B 754 27.54 17.45 -15.61
CA ASN B 754 27.16 17.12 -14.24
C ASN B 754 25.83 17.77 -13.91
N ASP B 755 25.60 18.95 -14.48
CA ASP B 755 24.35 19.65 -14.29
C ASP B 755 23.21 18.88 -14.97
N ILE B 756 23.47 18.36 -16.18
CA ILE B 756 22.50 17.50 -16.87
C ILE B 756 22.20 16.30 -15.96
N ASN B 757 23.24 15.69 -15.41
CA ASN B 757 23.08 14.50 -14.59
C ASN B 757 22.28 14.76 -13.33
N SER B 758 22.59 15.84 -12.61
CA SER B 758 21.89 16.12 -11.37
C SER B 758 20.44 16.57 -11.61
N LYS B 759 20.16 17.21 -12.74
CA LYS B 759 18.79 17.61 -13.04
C LYS B 759 17.93 16.39 -13.37
N LEU B 760 18.49 15.46 -14.13
CA LEU B 760 17.83 14.19 -14.41
C LEU B 760 17.62 13.35 -13.14
N ASN B 761 18.61 13.32 -12.26
CA ASN B 761 18.52 12.57 -11.01
C ASN B 761 17.46 13.16 -10.10
N GLU B 762 17.34 14.48 -10.16
CA GLU B 762 16.37 15.23 -9.37
C GLU B 762 14.97 14.86 -9.87
N GLY B 763 14.81 14.81 -11.19
CA GLY B 763 13.57 14.33 -11.80
C GLY B 763 13.20 12.93 -11.35
N ILE B 764 14.17 12.02 -11.38
CA ILE B 764 13.99 10.63 -10.93
C ILE B 764 13.50 10.59 -9.46
N ASN B 765 14.17 11.31 -8.56
CA ASN B 765 13.77 11.39 -7.14
C ASN B 765 12.33 11.82 -6.90
N GLN B 766 11.89 12.85 -7.61
CA GLN B 766 10.51 13.31 -7.49
C GLN B 766 9.56 12.26 -8.05
N ALA B 767 9.97 11.58 -9.13
CA ALA B 767 9.10 10.60 -9.76
C ALA B 767 8.95 9.39 -8.82
N ILE B 768 10.03 9.02 -8.15
CA ILE B 768 10.03 7.89 -7.24
C ILE B 768 9.13 8.11 -6.05
N ASP B 769 9.15 9.33 -5.51
CA ASP B 769 8.22 9.72 -4.46
C ASP B 769 6.77 9.45 -4.87
N ASN B 770 6.40 9.90 -6.07
CA ASN B 770 5.03 9.66 -6.58
C ASN B 770 4.75 8.17 -6.73
N ILE B 771 5.73 7.43 -7.23
CA ILE B 771 5.54 6.03 -7.50
C ILE B 771 5.35 5.29 -6.18
N ASN B 772 6.18 5.63 -5.20
CA ASN B 772 6.17 4.97 -3.90
C ASN B 772 4.85 5.23 -3.20
N ASN B 773 4.41 6.48 -3.18
CA ASN B 773 3.11 6.80 -2.58
C ASN B 773 1.99 6.06 -3.29
N PHE B 774 2.01 6.04 -4.62
CA PHE B 774 0.98 5.37 -5.37
C PHE B 774 0.95 3.87 -5.07
N ILE B 775 2.11 3.22 -5.18
CA ILE B 775 2.16 1.76 -4.99
C ILE B 775 1.86 1.36 -3.54
N ASN B 776 2.35 2.13 -2.58
CA ASN B 776 2.06 1.88 -1.17
C ASN B 776 0.55 1.96 -0.92
N GLY B 777 -0.11 2.92 -1.57
CA GLY B 777 -1.57 3.06 -1.50
C GLY B 777 -2.29 1.88 -2.12
N CYS B 778 -1.78 1.42 -3.26
CA CYS B 778 -2.29 0.19 -3.86
C CYS B 778 -2.19 -1.00 -2.91
N SER B 779 -1.08 -1.09 -2.20
CA SER B 779 -0.86 -2.25 -1.33
C SER B 779 -1.84 -2.20 -0.15
N VAL B 780 -1.99 -1.04 0.46
CA VAL B 780 -2.95 -0.87 1.55
C VAL B 780 -4.36 -1.09 1.05
N SER B 781 -4.64 -0.61 -0.16
CA SER B 781 -5.97 -0.78 -0.73
C SER B 781 -6.31 -2.25 -0.85
N TYR B 782 -5.34 -3.06 -1.26
CA TYR B 782 -5.60 -4.49 -1.45
C TYR B 782 -5.85 -5.14 -0.09
N LEU B 783 -5.09 -4.72 0.93
CA LEU B 783 -5.33 -5.21 2.26
C LEU B 783 -6.75 -4.89 2.77
N MET B 784 -7.13 -3.62 2.65
CA MET B 784 -8.36 -3.14 3.27
C MET B 784 -9.59 -3.53 2.46
N LYS B 785 -9.47 -3.68 1.15
CA LYS B 785 -10.64 -3.98 0.33
C LYS B 785 -10.77 -5.41 -0.07
N LYS B 786 -9.64 -6.08 -0.26
CA LYS B 786 -9.66 -7.42 -0.81
C LYS B 786 -9.27 -8.52 0.15
N MET B 787 -8.73 -8.19 1.33
CA MET B 787 -8.30 -9.21 2.28
C MET B 787 -9.07 -9.12 3.59
N ILE B 788 -8.96 -8.00 4.27
CA ILE B 788 -9.60 -7.83 5.57
C ILE B 788 -11.11 -8.10 5.59
N PRO B 789 -11.85 -7.69 4.54
CA PRO B 789 -13.30 -7.96 4.57
C PRO B 789 -13.69 -9.45 4.52
N LEU B 790 -12.89 -10.26 3.85
CA LEU B 790 -13.11 -11.72 3.80
C LEU B 790 -12.84 -12.33 5.16
N ALA B 791 -11.94 -11.71 5.92
CA ALA B 791 -11.67 -12.13 7.27
C ALA B 791 -12.87 -11.74 8.12
N VAL B 792 -13.22 -10.45 8.08
CA VAL B 792 -14.38 -9.97 8.82
C VAL B 792 -15.61 -10.85 8.52
N GLU B 793 -15.76 -11.33 7.31
CA GLU B 793 -16.88 -12.20 7.02
C GLU B 793 -16.87 -13.47 7.89
N LYS B 794 -15.70 -14.12 8.02
CA LYS B 794 -15.62 -15.36 8.78
C LYS B 794 -15.82 -15.07 10.25
N LEU B 795 -15.25 -13.96 10.71
CA LEU B 795 -15.36 -13.57 12.08
C LEU B 795 -16.78 -13.13 12.55
N LEU B 796 -17.58 -12.59 11.65
CA LEU B 796 -18.98 -12.23 11.93
C LEU B 796 -19.78 -13.52 12.07
N ASP B 797 -19.53 -14.46 11.18
CA ASP B 797 -20.15 -15.77 11.25
C ASP B 797 -19.82 -16.46 12.60
N PHE B 798 -18.56 -16.42 13.00
CA PHE B 798 -18.13 -16.94 14.30
C PHE B 798 -18.78 -16.19 15.46
N ASP B 799 -18.84 -14.86 15.39
CA ASP B 799 -19.54 -14.07 16.42
C ASP B 799 -21.00 -14.52 16.54
N ASN B 800 -21.62 -14.82 15.40
CA ASN B 800 -23.02 -15.27 15.39
C ASN B 800 -23.15 -16.58 16.14
N THR B 801 -22.44 -17.59 15.67
CA THR B 801 -22.40 -18.91 16.32
C THR B 801 -22.08 -18.83 17.81
N LEU B 802 -21.09 -18.02 18.18
CA LEU B 802 -20.73 -17.85 19.59
C LEU B 802 -21.87 -17.22 20.40
N LYS B 803 -22.54 -16.24 19.82
CA LYS B 803 -23.65 -15.56 20.51
C LYS B 803 -24.76 -16.59 20.80
N LYS B 804 -25.12 -17.38 19.78
CA LYS B 804 -26.08 -18.46 19.91
C LYS B 804 -25.71 -19.45 21.03
N ASN B 805 -24.49 -19.97 20.96
CA ASN B 805 -23.94 -20.85 21.98
C ASN B 805 -24.06 -20.22 23.38
N LEU B 806 -23.52 -19.02 23.57
CA LEU B 806 -23.50 -18.40 24.90
C LEU B 806 -24.89 -18.14 25.49
N LEU B 807 -25.90 -17.89 24.65
CA LEU B 807 -27.26 -17.71 25.14
C LEU B 807 -27.86 -19.06 25.57
N ASN B 808 -27.58 -20.11 24.80
CA ASN B 808 -28.06 -21.46 25.12
C ASN B 808 -27.48 -21.92 26.44
N TYR B 809 -26.18 -21.71 26.61
CA TYR B 809 -25.48 -21.99 27.88
C TYR B 809 -26.04 -21.17 29.07
N ILE B 810 -26.55 -19.97 28.82
CA ILE B 810 -27.20 -19.19 29.88
C ILE B 810 -28.59 -19.74 30.18
N ASP B 811 -29.30 -20.22 29.16
CA ASP B 811 -30.54 -20.98 29.36
C ASP B 811 -30.33 -22.22 30.21
N GLU B 812 -29.47 -23.12 29.73
CA GLU B 812 -29.14 -24.35 30.45
C GLU B 812 -28.76 -24.09 31.91
N ASN B 813 -28.18 -22.92 32.19
CA ASN B 813 -27.78 -22.56 33.55
C ASN B 813 -28.70 -21.49 34.17
N LYS B 814 -29.96 -21.46 33.76
CA LYS B 814 -30.90 -20.45 34.28
C LYS B 814 -31.20 -20.69 35.76
N LEU B 815 -31.47 -21.95 36.09
CA LEU B 815 -31.72 -22.37 37.46
C LEU B 815 -30.52 -22.03 38.37
N TYR B 816 -29.30 -22.26 37.89
CA TYR B 816 -28.10 -22.09 38.70
C TYR B 816 -27.58 -20.66 38.59
N LEU B 817 -28.46 -19.76 38.17
CA LEU B 817 -28.14 -18.38 37.95
C LEU B 817 -29.45 -17.61 38.04
N ILE B 818 -30.12 -17.75 39.19
CA ILE B 818 -31.48 -17.24 39.37
C ILE B 818 -31.49 -15.72 39.29
N GLY B 819 -32.39 -15.19 38.48
CA GLY B 819 -32.56 -13.74 38.34
C GLY B 819 -31.53 -13.10 37.43
N SER B 820 -30.26 -13.32 37.72
CA SER B 820 -29.16 -12.71 36.96
C SER B 820 -29.03 -13.23 35.50
N ALA B 821 -29.72 -14.31 35.16
CA ALA B 821 -29.66 -14.90 33.82
C ALA B 821 -29.93 -13.91 32.70
N GLU B 822 -30.90 -13.01 32.91
CA GLU B 822 -31.26 -12.04 31.89
C GLU B 822 -30.21 -10.95 31.77
N TYR B 823 -29.56 -10.63 32.89
CA TYR B 823 -28.49 -9.63 32.92
C TYR B 823 -27.25 -10.10 32.16
N GLU B 824 -26.93 -11.40 32.28
CA GLU B 824 -25.81 -12.00 31.54
C GLU B 824 -26.13 -12.16 30.05
N LYS B 825 -27.40 -12.42 29.71
CA LYS B 825 -27.83 -12.48 28.31
C LYS B 825 -27.66 -11.15 27.59
N SER B 826 -27.84 -10.04 28.31
CA SER B 826 -27.68 -8.72 27.72
C SER B 826 -26.21 -8.30 27.76
N LYS B 827 -25.43 -8.89 28.67
CA LYS B 827 -23.96 -8.73 28.63
C LYS B 827 -23.41 -9.31 27.33
N VAL B 828 -23.87 -10.51 26.95
CA VAL B 828 -23.48 -11.14 25.69
C VAL B 828 -23.89 -10.27 24.50
N ASN B 829 -25.19 -10.14 24.28
CA ASN B 829 -25.75 -9.33 23.19
C ASN B 829 -25.01 -8.01 23.01
N LYS B 830 -24.77 -7.31 24.11
CA LYS B 830 -24.02 -6.07 24.09
C LYS B 830 -22.57 -6.28 23.64
N TYR B 831 -21.86 -7.14 24.37
CA TYR B 831 -20.41 -7.31 24.14
C TYR B 831 -20.08 -7.74 22.71
N LEU B 832 -20.96 -8.53 22.09
CA LEU B 832 -20.78 -8.95 20.71
C LEU B 832 -21.45 -8.00 19.71
N LYS B 833 -21.65 -6.74 20.11
CA LYS B 833 -22.29 -5.74 19.25
C LYS B 833 -21.21 -5.01 18.45
N THR B 834 -20.33 -4.31 19.18
CA THR B 834 -19.25 -3.55 18.56
C THR B 834 -18.16 -4.48 17.96
N ILE B 835 -18.03 -4.41 16.64
CA ILE B 835 -17.12 -5.24 15.85
C ILE B 835 -15.68 -4.71 15.91
N MET B 836 -14.72 -5.58 16.25
CA MET B 836 -13.34 -5.15 16.54
C MET B 836 -12.68 -4.44 15.34
N PRO B 837 -12.24 -3.19 15.54
CA PRO B 837 -11.59 -2.48 14.46
C PRO B 837 -10.19 -3.04 14.14
N PHE B 838 -9.87 -3.09 12.85
CA PHE B 838 -8.54 -3.45 12.40
C PHE B 838 -7.60 -2.27 12.49
N ASP B 839 -6.58 -2.42 13.32
CA ASP B 839 -5.54 -1.44 13.47
C ASP B 839 -4.21 -2.13 13.12
N LEU B 840 -3.56 -1.69 12.04
CA LEU B 840 -2.33 -2.32 11.57
C LEU B 840 -1.19 -2.25 12.60
N SER B 841 -1.15 -1.16 13.37
CA SER B 841 -0.08 -0.95 14.34
C SER B 841 -0.08 -1.94 15.51
N ILE B 842 -1.15 -2.69 15.66
CA ILE B 842 -1.15 -3.82 16.58
C ILE B 842 -0.26 -4.97 16.09
N TYR B 843 -0.11 -5.14 14.76
CA TYR B 843 0.58 -6.32 14.21
C TYR B 843 1.99 -6.06 13.70
N THR B 844 2.38 -4.80 13.68
CA THR B 844 3.70 -4.41 13.24
C THR B 844 3.97 -3.02 13.76
N ASN B 845 5.24 -2.76 14.10
CA ASN B 845 5.67 -1.40 14.46
C ASN B 845 6.60 -0.82 13.39
N ASP B 846 6.63 -1.43 12.21
CA ASP B 846 7.36 -0.87 11.08
C ASP B 846 6.81 0.54 10.77
N THR B 847 7.65 1.56 10.96
CA THR B 847 7.33 2.97 10.71
C THR B 847 6.81 3.22 9.30
N ILE B 848 7.45 2.61 8.32
CA ILE B 848 7.05 2.79 6.94
C ILE B 848 5.64 2.24 6.73
N LEU B 849 5.34 1.08 7.30
CA LEU B 849 4.02 0.48 7.12
C LEU B 849 2.94 1.28 7.82
N ILE B 850 3.24 1.79 9.01
CA ILE B 850 2.27 2.56 9.80
C ILE B 850 1.97 3.89 9.12
N GLU B 851 3.00 4.51 8.58
CA GLU B 851 2.85 5.79 7.89
C GLU B 851 2.01 5.62 6.60
N MET B 852 2.22 4.54 5.83
CA MET B 852 1.43 4.33 4.61
C MET B 852 -0.04 4.00 4.93
N PHE B 853 -0.25 3.31 6.04
CA PHE B 853 -1.58 3.03 6.53
C PHE B 853 -2.28 4.34 6.93
N ASN B 854 -1.57 5.19 7.66
CA ASN B 854 -2.09 6.49 8.07
C ASN B 854 -2.43 7.36 6.87
N LYS B 855 -1.52 7.46 5.91
CA LYS B 855 -1.80 8.18 4.68
C LYS B 855 -3.06 7.67 4.00
N TYR B 856 -3.18 6.35 3.87
CA TYR B 856 -4.38 5.74 3.29
C TYR B 856 -5.69 6.18 3.95
N ASN B 857 -5.69 6.20 5.29
CA ASN B 857 -6.86 6.54 6.10
C ASN B 857 -7.11 8.04 6.21
N SER B 858 -6.16 8.86 5.78
CA SER B 858 -6.38 10.28 5.79
C SER B 858 -6.76 10.77 4.39
N GLU B 859 -6.84 9.86 3.42
CA GLU B 859 -7.27 10.21 2.06
C GLU B 859 -8.78 9.92 1.93
N ILE B 860 -9.54 10.99 1.72
CA ILE B 860 -10.98 10.93 1.73
C ILE B 860 -11.56 9.98 0.69
N LEU B 861 -10.89 9.79 -0.44
CA LEU B 861 -11.46 8.90 -1.47
C LEU B 861 -11.43 7.43 -1.03
N ASN B 862 -10.58 7.13 -0.04
CA ASN B 862 -10.51 5.76 0.51
C ASN B 862 -11.62 5.51 1.52
N ASN B 863 -12.41 6.53 1.81
CA ASN B 863 -13.60 6.36 2.60
C ASN B 863 -14.83 6.09 1.74
N ILE B 864 -14.68 5.95 0.43
CA ILE B 864 -15.82 5.71 -0.42
C ILE B 864 -16.15 4.25 -0.28
N ILE B 865 -17.38 3.96 0.15
CA ILE B 865 -17.82 2.58 0.30
C ILE B 865 -18.89 2.19 -0.69
N LEU B 866 -19.33 3.13 -1.50
CA LEU B 866 -20.20 2.85 -2.63
C LEU B 866 -20.01 3.98 -3.63
N ASN B 867 -19.84 3.62 -4.90
CA ASN B 867 -19.63 4.60 -5.97
C ASN B 867 -20.27 4.08 -7.23
N LEU B 868 -21.53 4.44 -7.45
CA LEU B 868 -22.31 3.94 -8.58
C LEU B 868 -21.94 4.70 -9.84
N ARG B 869 -21.50 3.96 -10.85
CA ARG B 869 -21.06 4.56 -12.09
C ARG B 869 -21.52 3.77 -13.29
N TYR B 870 -21.73 4.49 -14.38
CA TYR B 870 -22.17 3.91 -15.60
C TYR B 870 -21.04 3.09 -16.24
N LYS B 871 -21.37 1.89 -16.68
CA LYS B 871 -20.47 1.05 -17.46
C LYS B 871 -21.26 0.05 -18.31
N ASP B 872 -21.05 0.12 -19.63
CA ASP B 872 -21.62 -0.86 -20.59
C ASP B 872 -23.11 -1.07 -20.39
N ASN B 873 -23.84 0.02 -20.48
CA ASN B 873 -25.28 0.02 -20.35
C ASN B 873 -25.81 -0.56 -19.03
N ASN B 874 -25.11 -0.27 -17.95
CA ASN B 874 -25.44 -0.76 -16.62
C ASN B 874 -24.84 0.20 -15.60
N LEU B 875 -25.21 0.02 -14.33
CA LEU B 875 -24.55 0.70 -13.25
C LEU B 875 -23.79 -0.33 -12.42
N ILE B 876 -22.57 0.00 -12.03
CA ILE B 876 -21.76 -0.86 -11.18
C ILE B 876 -21.14 -0.08 -10.03
N ASP B 877 -20.72 -0.78 -8.96
CA ASP B 877 -20.01 -0.16 -7.85
C ASP B 877 -18.52 -0.15 -8.15
N LEU B 878 -17.91 1.01 -8.19
CA LEU B 878 -16.48 1.13 -8.42
C LEU B 878 -15.70 1.44 -7.14
N SER B 879 -16.32 1.28 -5.97
CA SER B 879 -15.63 1.53 -4.71
C SER B 879 -14.50 0.58 -4.40
N GLY B 880 -14.51 -0.61 -5.00
CA GLY B 880 -13.59 -1.67 -4.62
C GLY B 880 -14.16 -2.67 -3.60
N TYR B 881 -15.35 -2.43 -3.07
CA TYR B 881 -15.94 -3.38 -2.12
C TYR B 881 -16.98 -4.30 -2.76
N GLY B 882 -17.24 -4.14 -4.04
CA GLY B 882 -18.08 -5.07 -4.79
C GLY B 882 -19.53 -5.18 -4.36
N ALA B 883 -20.21 -4.06 -4.11
CA ALA B 883 -21.64 -4.12 -3.87
C ALA B 883 -22.33 -4.71 -5.09
N LYS B 884 -23.41 -5.44 -4.88
CA LYS B 884 -24.21 -5.95 -5.98
C LYS B 884 -25.23 -4.90 -6.37
N VAL B 885 -25.26 -4.58 -7.65
CA VAL B 885 -26.11 -3.56 -8.16
C VAL B 885 -26.97 -4.15 -9.25
N GLU B 886 -28.28 -4.12 -9.04
CA GLU B 886 -29.25 -4.63 -10.00
C GLU B 886 -30.10 -3.46 -10.51
N VAL B 887 -29.98 -3.17 -11.80
CA VAL B 887 -30.79 -2.16 -12.45
C VAL B 887 -31.87 -2.84 -13.26
N TYR B 888 -33.14 -2.57 -12.93
CA TYR B 888 -34.29 -3.15 -13.62
C TYR B 888 -34.68 -2.33 -14.84
N ASP B 889 -35.54 -2.92 -15.67
CA ASP B 889 -35.72 -2.48 -17.05
C ASP B 889 -36.32 -1.09 -17.22
N GLY B 890 -37.03 -0.60 -16.20
CA GLY B 890 -37.64 0.73 -16.25
C GLY B 890 -36.73 1.92 -15.89
N VAL B 891 -35.45 1.64 -15.69
CA VAL B 891 -34.50 2.70 -15.39
C VAL B 891 -33.75 3.04 -16.66
N GLU B 892 -33.89 4.29 -17.10
CA GLU B 892 -33.17 4.76 -18.25
C GLU B 892 -31.77 5.18 -17.81
N LEU B 893 -30.77 4.69 -18.52
CA LEU B 893 -29.38 4.99 -18.25
C LEU B 893 -28.82 5.66 -19.48
N ASN B 894 -27.79 6.47 -19.31
CA ASN B 894 -27.06 6.99 -20.45
C ASN B 894 -25.59 7.16 -20.09
N ASP B 895 -24.77 7.44 -21.08
CA ASP B 895 -23.35 7.45 -20.87
C ASP B 895 -22.84 8.75 -20.28
N LYS B 896 -23.73 9.69 -20.01
CA LYS B 896 -23.34 10.84 -19.18
C LYS B 896 -23.56 10.56 -17.70
N ASN B 897 -23.74 9.28 -17.35
CA ASN B 897 -23.89 8.84 -15.95
C ASN B 897 -25.19 9.31 -15.28
N GLN B 898 -26.18 9.63 -16.09
CA GLN B 898 -27.48 10.02 -15.62
C GLN B 898 -28.40 8.81 -15.65
N PHE B 899 -29.28 8.72 -14.66
CA PHE B 899 -30.30 7.70 -14.66
C PHE B 899 -31.63 8.26 -14.21
N LYS B 900 -32.69 7.73 -14.81
CA LYS B 900 -34.05 8.21 -14.62
C LYS B 900 -34.91 7.18 -13.90
N LEU B 901 -35.54 7.62 -12.81
CA LEU B 901 -36.51 6.86 -12.08
C LEU B 901 -37.88 7.39 -12.48
N THR B 902 -38.78 6.49 -12.92
CA THR B 902 -40.13 6.83 -13.36
C THR B 902 -41.14 6.22 -12.41
N SER B 903 -42.42 6.43 -12.70
CA SER B 903 -43.50 5.78 -11.94
C SER B 903 -43.67 4.29 -12.25
N SER B 904 -43.04 3.75 -13.28
CA SER B 904 -43.21 2.33 -13.59
C SER B 904 -42.75 1.45 -12.45
N ALA B 905 -43.45 0.33 -12.26
CA ALA B 905 -43.07 -0.67 -11.27
C ALA B 905 -41.66 -1.21 -11.45
N ASN B 906 -41.20 -1.36 -12.69
CA ASN B 906 -39.87 -1.89 -12.91
C ASN B 906 -38.76 -0.81 -13.01
N SER B 907 -39.08 0.44 -12.63
CA SER B 907 -38.06 1.52 -12.59
C SER B 907 -37.43 1.53 -11.20
N LYS B 908 -36.49 0.62 -11.00
CA LYS B 908 -35.97 0.31 -9.68
C LYS B 908 -34.49 -0.06 -9.81
N ILE B 909 -33.68 0.34 -8.83
CA ILE B 909 -32.34 -0.13 -8.68
C ILE B 909 -32.23 -0.71 -7.29
N ARG B 910 -31.68 -1.92 -7.17
CA ARG B 910 -31.34 -2.53 -5.88
C ARG B 910 -29.81 -2.58 -5.70
N VAL B 911 -29.32 -2.09 -4.58
CA VAL B 911 -27.92 -2.25 -4.24
C VAL B 911 -27.86 -3.05 -2.96
N THR B 912 -27.13 -4.17 -3.02
CA THR B 912 -26.92 -4.98 -1.85
C THR B 912 -25.52 -4.69 -1.39
N GLN B 913 -25.42 -4.08 -0.21
CA GLN B 913 -24.16 -3.60 0.30
C GLN B 913 -23.33 -4.73 0.92
N ASN B 914 -22.02 -4.53 0.88
CA ASN B 914 -21.06 -5.46 1.44
C ASN B 914 -21.23 -5.39 2.96
N GLN B 915 -21.59 -6.52 3.58
CA GLN B 915 -21.89 -6.58 5.02
C GLN B 915 -20.65 -6.60 5.92
N ASN B 916 -19.47 -6.70 5.31
CA ASN B 916 -18.22 -6.86 6.03
C ASN B 916 -17.44 -5.58 6.12
N ILE B 917 -18.06 -4.51 5.67
CA ILE B 917 -17.53 -3.16 5.83
C ILE B 917 -18.04 -2.65 7.16
N ILE B 918 -17.12 -2.14 7.97
CA ILE B 918 -17.48 -1.55 9.24
C ILE B 918 -17.55 -0.04 9.08
N PHE B 919 -18.76 0.50 9.26
CA PHE B 919 -18.95 1.94 9.33
C PHE B 919 -20.02 2.26 10.37
N ASN B 920 -19.91 3.45 10.96
CA ASN B 920 -20.73 3.86 12.12
C ASN B 920 -20.47 3.02 13.38
N SER B 921 -19.20 2.75 13.68
CA SER B 921 -18.83 2.12 14.94
C SER B 921 -19.17 3.07 16.09
N VAL B 922 -20.08 2.67 16.96
CA VAL B 922 -20.62 3.54 18.02
C VAL B 922 -21.60 4.60 17.48
N PHE B 923 -21.08 5.63 16.82
CA PHE B 923 -21.87 6.80 16.43
C PHE B 923 -21.90 7.01 14.91
N LEU B 924 -22.91 7.70 14.41
CA LEU B 924 -23.02 7.92 12.96
C LEU B 924 -21.84 8.74 12.49
N ASP B 925 -21.31 8.32 11.34
CA ASP B 925 -20.17 8.97 10.74
C ASP B 925 -20.15 8.54 9.27
N PHE B 926 -21.09 9.08 8.51
CA PHE B 926 -21.18 8.80 7.09
C PHE B 926 -21.84 9.92 6.27
N SER B 927 -21.60 9.88 4.97
CA SER B 927 -22.09 10.87 4.04
C SER B 927 -22.60 10.24 2.73
N VAL B 928 -23.59 10.91 2.14
CA VAL B 928 -24.16 10.55 0.84
C VAL B 928 -24.04 11.76 -0.09
N SER B 929 -23.56 11.55 -1.31
CA SER B 929 -23.53 12.63 -2.31
C SER B 929 -24.13 12.13 -3.62
N PHE B 930 -24.76 13.05 -4.34
CA PHE B 930 -25.36 12.75 -5.64
C PHE B 930 -25.80 14.02 -6.28
N TRP B 931 -26.07 13.92 -7.58
CA TRP B 931 -26.67 15.03 -8.30
C TRP B 931 -28.10 14.62 -8.60
N ILE B 932 -28.98 15.61 -8.66
CA ILE B 932 -30.37 15.36 -8.94
C ILE B 932 -30.96 16.44 -9.86
N ARG B 933 -31.99 16.05 -10.62
CA ARG B 933 -32.76 16.96 -11.41
C ARG B 933 -34.25 16.64 -11.20
N ILE B 934 -34.98 17.60 -10.63
CA ILE B 934 -36.35 17.41 -10.21
C ILE B 934 -37.27 18.28 -11.06
N PRO B 935 -38.23 17.68 -11.75
CA PRO B 935 -39.05 18.50 -12.63
C PRO B 935 -39.92 19.53 -11.93
N LYS B 936 -40.31 20.56 -12.69
CA LYS B 936 -41.25 21.57 -12.20
C LYS B 936 -42.60 20.93 -11.91
N TYR B 937 -43.25 21.42 -10.86
CA TYR B 937 -44.69 21.23 -10.68
C TYR B 937 -45.49 21.48 -11.95
N LYS B 938 -46.54 20.68 -12.13
CA LYS B 938 -47.56 21.01 -13.10
C LYS B 938 -48.46 22.07 -12.47
N ASN B 939 -48.72 23.16 -13.18
CA ASN B 939 -49.54 24.24 -12.62
C ASN B 939 -50.90 23.74 -12.19
N ASP B 940 -51.52 22.88 -12.99
CA ASP B 940 -52.82 22.31 -12.61
C ASP B 940 -52.73 21.18 -11.58
N GLY B 941 -51.53 20.73 -11.23
CA GLY B 941 -51.36 19.69 -10.22
C GLY B 941 -50.66 20.19 -8.96
N ILE B 942 -50.74 21.47 -8.69
CA ILE B 942 -49.94 22.07 -7.63
C ILE B 942 -50.28 21.54 -6.24
N GLN B 943 -51.55 21.22 -5.98
CA GLN B 943 -51.95 20.71 -4.66
C GLN B 943 -51.31 19.35 -4.32
N ASN B 944 -51.30 18.44 -5.27
CA ASN B 944 -50.66 17.13 -5.04
C ASN B 944 -49.15 17.26 -4.91
N TYR B 945 -48.55 18.11 -5.74
CA TYR B 945 -47.11 18.44 -5.64
C TYR B 945 -46.75 18.90 -4.23
N ILE B 946 -47.50 19.86 -3.72
CA ILE B 946 -47.24 20.40 -2.40
C ILE B 946 -47.45 19.37 -1.27
N HIS B 947 -48.42 18.47 -1.41
CA HIS B 947 -48.82 17.64 -0.27
C HIS B 947 -48.30 16.21 -0.25
N ASN B 948 -47.97 15.64 -1.41
CA ASN B 948 -47.68 14.19 -1.53
C ASN B 948 -46.17 13.88 -1.47
N GLU B 949 -45.71 13.42 -0.31
CA GLU B 949 -44.34 12.97 -0.17
C GLU B 949 -44.13 11.63 -0.86
N TYR B 950 -43.02 11.49 -1.58
CA TYR B 950 -42.64 10.22 -2.20
C TYR B 950 -41.18 9.93 -1.92
N THR B 951 -40.92 8.67 -1.61
CA THR B 951 -39.58 8.20 -1.35
C THR B 951 -38.90 8.07 -2.68
N ILE B 952 -37.59 8.34 -2.70
CA ILE B 952 -36.80 8.09 -3.91
C ILE B 952 -35.70 7.09 -3.67
N ILE B 953 -35.12 7.09 -2.47
CA ILE B 953 -34.07 6.14 -2.12
C ILE B 953 -34.32 5.67 -0.68
N ASN B 954 -34.40 4.35 -0.49
CA ASN B 954 -34.76 3.80 0.82
C ASN B 954 -33.76 2.76 1.26
N CYS B 955 -33.21 2.94 2.45
CA CYS B 955 -32.22 1.98 2.97
C CYS B 955 -32.63 1.56 4.38
N MET B 956 -33.42 0.50 4.46
CA MET B 956 -33.98 0.07 5.74
C MET B 956 -33.66 -1.39 6.01
N LYS B 957 -33.41 -1.69 7.28
CA LYS B 957 -33.26 -3.04 7.75
C LYS B 957 -33.74 -3.08 9.18
N ASN B 958 -34.69 -3.98 9.44
CA ASN B 958 -35.37 -4.12 10.74
C ASN B 958 -36.02 -2.82 11.17
N ASN B 959 -36.67 -2.15 10.22
CA ASN B 959 -37.36 -0.89 10.50
C ASN B 959 -36.45 0.25 10.99
N SER B 960 -35.16 0.14 10.75
CA SER B 960 -34.19 1.19 11.02
C SER B 960 -33.37 1.46 9.75
N GLY B 961 -32.92 2.70 9.59
CA GLY B 961 -32.13 3.07 8.44
C GLY B 961 -32.33 4.52 8.01
N TRP B 962 -32.15 4.77 6.71
CA TRP B 962 -32.19 6.13 6.18
C TRP B 962 -32.95 6.16 4.90
N LYS B 963 -33.49 7.32 4.56
CA LYS B 963 -34.13 7.47 3.27
C LYS B 963 -34.07 8.90 2.77
N ILE B 964 -34.10 9.03 1.46
CA ILE B 964 -34.21 10.31 0.82
C ILE B 964 -35.58 10.37 0.20
N SER B 965 -36.31 11.43 0.48
CA SER B 965 -37.63 11.61 -0.10
C SER B 965 -37.85 13.04 -0.59
N ILE B 966 -38.90 13.22 -1.38
CA ILE B 966 -39.24 14.50 -1.91
C ILE B 966 -40.70 14.79 -1.62
N ARG B 967 -40.99 16.03 -1.21
CA ARG B 967 -42.36 16.55 -1.15
C ARG B 967 -42.35 17.88 -1.87
N GLY B 968 -42.81 17.84 -3.10
CA GLY B 968 -42.84 19.00 -3.97
C GLY B 968 -41.45 19.57 -4.15
N ASN B 969 -41.23 20.73 -3.53
CA ASN B 969 -39.98 21.52 -3.70
C ASN B 969 -39.00 21.32 -2.54
N ARG B 970 -39.25 20.27 -1.77
CA ARG B 970 -38.46 19.94 -0.60
C ARG B 970 -37.83 18.57 -0.83
N ILE B 971 -36.54 18.46 -0.58
CA ILE B 971 -35.87 17.16 -0.54
C ILE B 971 -35.46 16.89 0.92
N ILE B 972 -35.71 15.66 1.36
CA ILE B 972 -35.70 15.32 2.77
C ILE B 972 -34.82 14.09 3.01
N TRP B 973 -33.95 14.20 4.01
CA TRP B 973 -33.15 13.12 4.53
C TRP B 973 -33.69 12.72 5.90
N THR B 974 -33.99 11.43 6.07
CA THR B 974 -34.60 10.95 7.32
C THR B 974 -33.77 9.79 7.89
N LEU B 975 -33.46 9.90 9.17
CA LEU B 975 -32.84 8.81 9.93
C LEU B 975 -33.88 8.14 10.84
N ILE B 976 -33.90 6.82 10.86
CA ILE B 976 -34.77 6.07 11.78
C ILE B 976 -33.94 5.09 12.63
N ASP B 977 -33.88 5.33 13.94
CA ASP B 977 -33.04 4.47 14.79
C ASP B 977 -33.73 3.14 15.18
N ILE B 978 -33.01 2.25 15.86
CA ILE B 978 -33.58 0.93 16.24
C ILE B 978 -34.84 1.01 17.11
N ASN B 979 -34.99 2.08 17.89
CA ASN B 979 -36.19 2.28 18.71
C ASN B 979 -37.32 3.00 17.97
N GLY B 980 -37.11 3.32 16.69
CA GLY B 980 -38.12 4.01 15.90
C GLY B 980 -38.11 5.53 16.04
N LYS B 981 -37.14 6.09 16.74
CA LYS B 981 -37.02 7.54 16.81
C LYS B 981 -36.58 8.06 15.41
N THR B 982 -37.17 9.18 14.99
CA THR B 982 -36.95 9.70 13.64
C THR B 982 -36.43 11.12 13.67
N LYS B 983 -35.44 11.42 12.83
CA LYS B 983 -34.95 12.78 12.60
C LYS B 983 -34.84 13.03 11.11
N SER B 984 -35.13 14.25 10.71
CA SER B 984 -35.03 14.69 9.33
C SER B 984 -34.31 16.01 9.22
N VAL B 985 -33.66 16.20 8.08
CA VAL B 985 -33.13 17.48 7.71
C VAL B 985 -33.54 17.64 6.25
N PHE B 986 -33.81 18.86 5.81
CA PHE B 986 -34.35 19.09 4.47
C PHE B 986 -33.82 20.36 3.86
N PHE B 987 -33.87 20.39 2.52
CA PHE B 987 -33.61 21.57 1.73
C PHE B 987 -34.87 21.85 0.90
N GLU B 988 -35.34 23.10 0.94
CA GLU B 988 -36.52 23.50 0.21
C GLU B 988 -36.18 24.70 -0.62
N TYR B 989 -36.38 24.62 -1.92
CA TYR B 989 -36.12 25.74 -2.80
C TYR B 989 -37.41 26.51 -3.05
N ASN B 990 -37.25 27.79 -3.32
CA ASN B 990 -38.37 28.71 -3.46
C ASN B 990 -39.03 28.57 -4.84
N ILE B 991 -40.32 28.26 -4.84
CA ILE B 991 -41.08 28.15 -6.08
C ILE B 991 -41.90 29.41 -6.42
N ARG B 992 -41.53 30.55 -5.84
N ARG B 992 -41.52 30.54 -5.83
CA ARG B 992 -42.05 31.83 -6.29
CA ARG B 992 -42.05 31.84 -6.25
C ARG B 992 -40.92 32.74 -6.81
C ARG B 992 -40.98 32.69 -6.96
N GLU B 993 -39.78 32.14 -7.15
CA GLU B 993 -38.70 32.90 -7.79
C GLU B 993 -39.00 33.11 -9.25
N ASP B 994 -38.69 34.29 -9.74
CA ASP B 994 -38.82 34.59 -11.16
C ASP B 994 -38.05 33.55 -12.00
N ILE B 995 -36.80 33.32 -11.61
CA ILE B 995 -35.94 32.34 -12.25
C ILE B 995 -35.25 31.55 -11.16
N SER B 996 -35.51 30.25 -11.10
CA SER B 996 -34.97 29.41 -10.06
C SER B 996 -33.64 28.80 -10.50
N GLU B 997 -32.71 28.75 -9.57
CA GLU B 997 -31.45 28.01 -9.74
C GLU B 997 -31.63 26.52 -9.64
N TYR B 998 -32.76 26.03 -9.13
CA TYR B 998 -32.93 24.61 -8.78
C TYR B 998 -34.00 23.85 -9.58
N ILE B 999 -35.10 24.51 -9.91
CA ILE B 999 -36.21 23.81 -10.54
C ILE B 999 -35.84 23.25 -11.92
N ASN B 1000 -35.90 21.94 -12.02
CA ASN B 1000 -35.61 21.18 -13.24
C ASN B 1000 -34.17 21.37 -13.74
N ARG B 1001 -33.30 21.85 -12.86
CA ARG B 1001 -31.89 22.03 -13.18
C ARG B 1001 -31.04 21.08 -12.32
N TRP B 1002 -30.00 20.53 -12.92
CA TRP B 1002 -29.09 19.68 -12.20
C TRP B 1002 -28.45 20.45 -11.05
N PHE B 1003 -28.58 19.90 -9.84
CA PHE B 1003 -27.83 20.40 -8.69
C PHE B 1003 -27.26 19.26 -7.83
N PHE B 1004 -26.31 19.61 -6.99
CA PHE B 1004 -25.49 18.67 -6.25
C PHE B 1004 -25.88 18.66 -4.79
N VAL B 1005 -26.22 17.49 -4.29
CA VAL B 1005 -26.63 17.32 -2.90
C VAL B 1005 -25.56 16.54 -2.14
N THR B 1006 -25.29 16.97 -0.92
CA THR B 1006 -24.45 16.18 -0.05
C THR B 1006 -25.05 16.19 1.34
N ILE B 1007 -25.28 14.99 1.86
CA ILE B 1007 -25.78 14.79 3.22
C ILE B 1007 -24.64 14.26 4.10
N THR B 1008 -24.40 14.89 5.25
CA THR B 1008 -23.40 14.37 6.18
C THR B 1008 -24.04 14.14 7.53
N ASN B 1009 -23.55 13.12 8.23
CA ASN B 1009 -24.05 12.72 9.54
C ASN B 1009 -22.86 12.46 10.50
N ASN B 1010 -22.87 13.11 11.66
CA ASN B 1010 -21.89 12.79 12.70
C ASN B 1010 -22.65 12.61 14.03
N LEU B 1011 -21.88 12.49 15.10
CA LEU B 1011 -22.40 12.31 16.46
C LEU B 1011 -23.57 13.24 16.77
N ASN B 1012 -23.39 14.51 16.43
CA ASN B 1012 -24.29 15.59 16.83
C ASN B 1012 -25.29 16.08 15.77
N ASN B 1013 -24.92 16.01 14.48
CA ASN B 1013 -25.68 16.69 13.42
C ASN B 1013 -25.83 15.94 12.11
N ALA B 1014 -27.00 16.08 11.51
CA ALA B 1014 -27.21 15.80 10.10
C ALA B 1014 -27.29 17.14 9.34
N LYS B 1015 -26.45 17.26 8.31
CA LYS B 1015 -26.35 18.46 7.49
C LYS B 1015 -26.66 18.16 6.02
N ILE B 1016 -27.32 19.11 5.35
CA ILE B 1016 -27.47 19.06 3.89
C ILE B 1016 -26.77 20.26 3.30
N TYR B 1017 -25.92 19.96 2.30
CA TYR B 1017 -25.21 20.93 1.55
C TYR B 1017 -25.77 20.89 0.12
N ILE B 1018 -25.88 22.06 -0.51
CA ILE B 1018 -26.34 22.14 -1.88
C ILE B 1018 -25.31 22.90 -2.67
N ASN B 1019 -24.85 22.28 -3.75
CA ASN B 1019 -23.83 22.87 -4.58
C ASN B 1019 -22.65 23.36 -3.72
N GLY B 1020 -22.24 22.52 -2.78
CA GLY B 1020 -21.09 22.82 -1.95
C GLY B 1020 -21.31 23.67 -0.72
N LYS B 1021 -22.50 24.23 -0.53
CA LYS B 1021 -22.73 25.15 0.56
C LYS B 1021 -23.73 24.60 1.53
N LEU B 1022 -23.46 24.83 2.81
CA LEU B 1022 -24.33 24.31 3.84
C LEU B 1022 -25.69 24.99 3.78
N GLU B 1023 -26.78 24.22 3.65
CA GLU B 1023 -28.11 24.78 3.68
C GLU B 1023 -28.91 24.51 4.95
N SER B 1024 -28.72 23.38 5.58
CA SER B 1024 -29.55 23.00 6.70
C SER B 1024 -28.82 22.06 7.64
N ASN B 1025 -29.25 22.10 8.89
CA ASN B 1025 -28.63 21.35 9.97
C ASN B 1025 -29.69 20.91 10.98
N THR B 1026 -29.69 19.62 11.33
CA THR B 1026 -30.57 19.12 12.36
C THR B 1026 -29.74 18.44 13.46
N ASP B 1027 -30.01 18.85 14.70
CA ASP B 1027 -29.42 18.23 15.89
C ASP B 1027 -29.94 16.82 15.98
N ILE B 1028 -29.06 15.82 15.92
CA ILE B 1028 -29.50 14.44 16.05
C ILE B 1028 -28.88 13.72 17.27
N LYS B 1029 -28.47 14.48 18.30
CA LYS B 1029 -27.82 13.87 19.49
C LYS B 1029 -28.66 12.78 20.16
N ASP B 1030 -29.98 12.86 20.04
CA ASP B 1030 -30.92 11.86 20.54
C ASP B 1030 -31.07 10.57 19.72
N ILE B 1031 -30.43 10.50 18.56
CA ILE B 1031 -30.56 9.33 17.71
C ILE B 1031 -29.64 8.26 18.28
N ARG B 1032 -30.22 7.10 18.52
CA ARG B 1032 -29.43 5.95 18.94
C ARG B 1032 -28.99 5.21 17.68
N GLU B 1033 -28.87 3.89 17.74
CA GLU B 1033 -28.26 3.17 16.66
C GLU B 1033 -29.15 3.24 15.44
N VAL B 1034 -28.52 3.42 14.29
CA VAL B 1034 -29.23 3.39 13.02
C VAL B 1034 -28.60 2.32 12.20
N ILE B 1035 -29.38 1.35 11.76
CA ILE B 1035 -28.84 0.29 10.91
C ILE B 1035 -28.74 0.76 9.45
N ALA B 1036 -27.52 0.91 8.96
CA ALA B 1036 -27.27 1.61 7.70
C ALA B 1036 -26.73 0.75 6.55
N ASN B 1037 -26.67 -0.56 6.71
CA ASN B 1037 -26.19 -1.38 5.60
C ASN B 1037 -27.23 -2.38 5.04
N GLY B 1038 -28.51 -2.06 5.20
CA GLY B 1038 -29.57 -2.78 4.50
C GLY B 1038 -29.49 -2.54 3.01
N GLU B 1039 -30.31 -3.22 2.23
CA GLU B 1039 -30.29 -3.00 0.79
C GLU B 1039 -30.84 -1.57 0.48
N ILE B 1040 -30.31 -0.97 -0.57
CA ILE B 1040 -30.69 0.37 -0.95
C ILE B 1040 -31.56 0.24 -2.17
N ILE B 1041 -32.78 0.77 -2.10
CA ILE B 1041 -33.71 0.71 -3.19
C ILE B 1041 -33.91 2.12 -3.76
N PHE B 1042 -33.52 2.31 -5.01
CA PHE B 1042 -33.82 3.55 -5.75
C PHE B 1042 -35.12 3.29 -6.49
N LYS B 1043 -36.18 3.98 -6.10
CA LYS B 1043 -37.48 3.81 -6.69
C LYS B 1043 -38.40 4.90 -6.17
N LEU B 1044 -39.20 5.47 -7.04
CA LEU B 1044 -40.20 6.44 -6.60
C LEU B 1044 -41.31 5.68 -5.91
N ASP B 1045 -41.59 6.04 -4.68
CA ASP B 1045 -42.61 5.37 -3.92
C ASP B 1045 -43.48 6.35 -3.14
N GLY B 1046 -44.72 6.48 -3.58
CA GLY B 1046 -45.71 7.32 -2.90
C GLY B 1046 -46.83 7.65 -3.87
N ASP B 1047 -47.65 8.63 -3.52
CA ASP B 1047 -48.83 8.94 -4.31
C ASP B 1047 -48.46 9.96 -5.38
N ILE B 1048 -47.83 9.47 -6.43
CA ILE B 1048 -47.27 10.31 -7.48
C ILE B 1048 -48.09 10.27 -8.75
N ASP B 1049 -48.02 11.35 -9.50
CA ASP B 1049 -48.57 11.41 -10.84
C ASP B 1049 -47.87 10.32 -11.69
N ARG B 1050 -48.62 9.70 -12.59
CA ARG B 1050 -48.08 8.70 -13.53
C ARG B 1050 -46.87 9.23 -14.31
N THR B 1051 -46.85 10.54 -14.56
CA THR B 1051 -45.79 11.13 -15.35
C THR B 1051 -44.58 11.61 -14.51
N GLN B 1052 -44.60 11.50 -13.19
CA GLN B 1052 -43.48 11.90 -12.34
C GLN B 1052 -42.20 11.11 -12.66
N PHE B 1053 -41.08 11.82 -12.64
CA PHE B 1053 -39.75 11.23 -12.79
C PHE B 1053 -38.73 12.07 -12.05
N ILE B 1054 -37.57 11.49 -11.85
CA ILE B 1054 -36.42 12.14 -11.17
C ILE B 1054 -35.21 11.65 -11.92
N TRP B 1055 -34.28 12.54 -12.23
CA TRP B 1055 -32.98 12.11 -12.71
C TRP B 1055 -31.94 12.23 -11.61
N MET B 1056 -30.94 11.36 -11.68
CA MET B 1056 -29.89 11.32 -10.70
C MET B 1056 -28.56 10.97 -11.35
N LYS B 1057 -27.46 11.27 -10.67
CA LYS B 1057 -26.12 11.10 -11.22
C LYS B 1057 -25.08 11.07 -10.11
N TYR B 1058 -24.08 10.18 -10.24
CA TYR B 1058 -22.94 10.08 -9.36
C TYR B 1058 -23.31 9.86 -7.91
N PHE B 1059 -24.14 8.85 -7.67
CA PHE B 1059 -24.44 8.49 -6.32
C PHE B 1059 -23.24 7.86 -5.61
N SER B 1060 -22.86 8.43 -4.47
CA SER B 1060 -21.73 7.94 -3.68
C SER B 1060 -22.06 7.89 -2.19
N ILE B 1061 -21.46 6.94 -1.47
CA ILE B 1061 -21.53 6.88 0.01
C ILE B 1061 -20.13 6.82 0.57
N PHE B 1062 -19.89 7.61 1.61
CA PHE B 1062 -18.60 7.71 2.27
C PHE B 1062 -18.80 7.22 3.71
N ASN B 1063 -17.82 6.48 4.26
CA ASN B 1063 -17.93 6.05 5.66
C ASN B 1063 -17.29 7.05 6.64
N THR B 1064 -17.33 8.33 6.29
CA THR B 1064 -16.95 9.39 7.23
C THR B 1064 -17.81 10.65 6.96
N GLU B 1065 -17.75 11.60 7.87
CA GLU B 1065 -18.41 12.88 7.66
C GLU B 1065 -17.52 13.73 6.77
N LEU B 1066 -18.02 14.14 5.60
CA LEU B 1066 -17.21 15.01 4.75
C LEU B 1066 -17.21 16.40 5.32
N SER B 1067 -16.06 17.06 5.24
CA SER B 1067 -15.98 18.49 5.55
C SER B 1067 -16.56 19.34 4.41
N GLN B 1068 -16.91 20.57 4.76
CA GLN B 1068 -17.22 21.63 3.81
C GLN B 1068 -16.27 21.64 2.62
N SER B 1069 -14.98 21.66 2.92
CA SER B 1069 -14.01 21.77 1.85
C SER B 1069 -13.94 20.49 0.96
N ASN B 1070 -14.08 19.30 1.54
CA ASN B 1070 -14.22 18.09 0.72
C ASN B 1070 -15.43 18.19 -0.23
N ILE B 1071 -16.55 18.71 0.29
CA ILE B 1071 -17.79 18.76 -0.47
C ILE B 1071 -17.72 19.75 -1.63
N GLU B 1072 -17.14 20.91 -1.37
CA GLU B 1072 -16.96 21.94 -2.38
C GLU B 1072 -16.04 21.45 -3.48
N GLU B 1073 -15.00 20.73 -3.09
CA GLU B 1073 -14.10 20.19 -4.08
C GLU B 1073 -14.83 19.16 -4.93
N ARG B 1074 -15.61 18.29 -4.29
CA ARG B 1074 -16.32 17.26 -5.02
C ARG B 1074 -17.31 17.91 -6.01
N TYR B 1075 -18.00 18.96 -5.54
CA TYR B 1075 -18.86 19.77 -6.40
C TYR B 1075 -18.11 20.29 -7.62
N LYS B 1076 -16.94 20.85 -7.42
CA LYS B 1076 -16.15 21.39 -8.54
C LYS B 1076 -15.64 20.30 -9.47
N ILE B 1077 -15.17 19.20 -8.89
CA ILE B 1077 -14.67 18.07 -9.69
C ILE B 1077 -15.79 17.48 -10.55
N GLN B 1078 -16.96 17.26 -9.96
CA GLN B 1078 -18.00 16.61 -10.73
C GLN B 1078 -18.75 17.57 -11.66
N SER B 1079 -18.50 18.88 -11.54
CA SER B 1079 -18.98 19.86 -12.51
C SER B 1079 -18.13 19.94 -13.79
N TYR B 1080 -16.89 19.48 -13.76
CA TYR B 1080 -15.99 19.70 -14.88
C TYR B 1080 -16.48 19.03 -16.18
N SER B 1081 -16.40 19.76 -17.29
CA SER B 1081 -16.54 19.12 -18.60
C SER B 1081 -15.82 19.94 -19.66
N GLU B 1082 -15.45 19.26 -20.74
CA GLU B 1082 -14.90 19.92 -21.92
C GLU B 1082 -16.00 20.61 -22.72
N TYR B 1083 -17.24 20.17 -22.50
N TYR B 1083 -17.24 20.17 -22.48
CA TYR B 1083 -18.37 20.71 -23.22
CA TYR B 1083 -18.40 20.67 -23.19
C TYR B 1083 -19.03 21.83 -22.44
C TYR B 1083 -19.01 21.83 -22.44
N LEU B 1084 -19.66 22.74 -23.16
CA LEU B 1084 -20.54 23.71 -22.51
C LEU B 1084 -21.83 23.00 -22.11
N LYS B 1085 -22.63 23.69 -21.31
CA LYS B 1085 -23.89 23.15 -20.84
C LYS B 1085 -25.02 24.08 -21.21
N ASP B 1086 -26.23 23.52 -21.24
CA ASP B 1086 -27.44 24.28 -21.38
C ASP B 1086 -27.98 24.71 -20.02
N PHE B 1087 -29.13 25.39 -20.03
CA PHE B 1087 -29.71 26.00 -18.86
C PHE B 1087 -30.02 24.94 -17.79
N TRP B 1088 -30.40 23.76 -18.25
CA TRP B 1088 -30.78 22.68 -17.33
C TRP B 1088 -29.58 21.96 -16.75
N GLY B 1089 -28.40 22.15 -17.34
CA GLY B 1089 -27.17 21.51 -16.92
C GLY B 1089 -26.72 20.36 -17.81
N ASN B 1090 -27.49 20.03 -18.85
CA ASN B 1090 -27.11 18.99 -19.83
C ASN B 1090 -26.11 19.52 -20.89
N PRO B 1091 -25.45 18.64 -21.63
CA PRO B 1091 -24.49 19.18 -22.58
C PRO B 1091 -25.15 20.04 -23.66
N LEU B 1092 -24.49 21.14 -24.00
CA LEU B 1092 -24.95 22.06 -25.04
C LEU B 1092 -24.65 21.43 -26.39
N MET B 1093 -25.64 21.52 -27.28
CA MET B 1093 -25.60 20.85 -28.58
C MET B 1093 -25.72 21.82 -29.78
N TYR B 1094 -25.00 21.49 -30.85
CA TYR B 1094 -25.32 22.00 -32.21
C TYR B 1094 -26.67 21.50 -32.70
N ASN B 1095 -27.30 22.30 -33.54
CA ASN B 1095 -28.46 21.87 -34.29
C ASN B 1095 -29.65 21.57 -33.38
N LYS B 1096 -29.77 22.29 -32.27
CA LYS B 1096 -30.87 22.09 -31.31
C LYS B 1096 -31.48 23.46 -31.03
N GLU B 1097 -32.80 23.54 -31.04
CA GLU B 1097 -33.50 24.78 -30.80
C GLU B 1097 -33.39 25.22 -29.33
N TYR B 1098 -33.02 26.49 -29.14
CA TYR B 1098 -32.78 27.08 -27.83
C TYR B 1098 -33.37 28.49 -27.75
N TYR B 1099 -34.07 28.76 -26.65
CA TYR B 1099 -34.36 30.12 -26.25
C TYR B 1099 -33.15 30.66 -25.47
N MET B 1100 -32.96 31.98 -25.46
CA MET B 1100 -31.79 32.54 -24.82
C MET B 1100 -32.11 33.26 -23.50
N PHE B 1101 -31.26 33.00 -22.52
CA PHE B 1101 -31.38 33.54 -21.19
C PHE B 1101 -30.13 34.35 -20.88
N ASN B 1102 -30.30 35.49 -20.24
CA ASN B 1102 -29.16 36.34 -19.91
C ASN B 1102 -29.00 36.41 -18.39
N ALA B 1103 -27.83 36.07 -17.87
CA ALA B 1103 -27.64 35.94 -16.41
C ALA B 1103 -27.54 37.29 -15.72
N GLY B 1104 -27.29 38.34 -16.49
CA GLY B 1104 -27.25 39.69 -15.95
C GLY B 1104 -28.53 40.44 -16.11
N ASN B 1105 -29.48 39.83 -16.83
CA ASN B 1105 -30.77 40.43 -17.15
C ASN B 1105 -31.81 39.34 -17.21
N LYS B 1106 -32.06 38.74 -16.07
CA LYS B 1106 -32.73 37.45 -15.98
C LYS B 1106 -34.15 37.45 -16.51
N ASN B 1107 -34.84 38.56 -16.33
CA ASN B 1107 -36.21 38.69 -16.78
C ASN B 1107 -36.31 39.30 -18.19
N SER B 1108 -35.21 39.34 -18.91
CA SER B 1108 -35.20 39.89 -20.27
C SER B 1108 -35.02 38.81 -21.34
N TYR B 1109 -35.61 39.04 -22.51
CA TYR B 1109 -35.44 38.15 -23.65
C TYR B 1109 -35.35 38.93 -24.95
N ILE B 1110 -34.88 38.22 -25.97
CA ILE B 1110 -34.56 38.81 -27.27
C ILE B 1110 -35.67 38.57 -28.27
N LYS B 1111 -36.13 39.66 -28.88
CA LYS B 1111 -37.12 39.58 -29.95
C LYS B 1111 -36.65 40.39 -31.13
N LEU B 1112 -36.76 39.83 -32.33
CA LEU B 1112 -36.47 40.59 -33.54
C LEU B 1112 -37.43 41.78 -33.58
N LYS B 1113 -36.88 42.98 -33.64
CA LYS B 1113 -37.69 44.17 -33.61
C LYS B 1113 -38.50 44.26 -34.90
N LYS B 1114 -39.73 44.74 -34.78
CA LYS B 1114 -40.61 44.76 -35.96
C LYS B 1114 -40.03 45.62 -37.10
N ASP B 1115 -39.95 45.04 -38.29
CA ASP B 1115 -39.42 45.72 -39.49
C ASP B 1115 -38.05 46.35 -39.28
N SER B 1116 -37.21 45.73 -38.46
CA SER B 1116 -35.84 46.21 -38.25
C SER B 1116 -34.96 44.99 -37.99
N PRO B 1117 -33.74 44.98 -38.53
CA PRO B 1117 -32.88 43.82 -38.40
C PRO B 1117 -32.02 43.88 -37.10
N VAL B 1118 -32.66 44.21 -35.98
CA VAL B 1118 -31.99 44.23 -34.72
C VAL B 1118 -32.84 43.54 -33.66
N GLY B 1119 -32.17 43.13 -32.60
CA GLY B 1119 -32.84 42.44 -31.51
C GLY B 1119 -33.14 43.37 -30.36
N GLU B 1120 -34.42 43.62 -30.15
CA GLU B 1120 -34.85 44.35 -28.97
C GLU B 1120 -35.01 43.40 -27.78
N ILE B 1121 -34.96 43.98 -26.59
CA ILE B 1121 -34.97 43.24 -25.37
C ILE B 1121 -36.28 43.52 -24.68
N LEU B 1122 -37.07 42.48 -24.41
CA LEU B 1122 -38.36 42.64 -23.76
C LEU B 1122 -38.40 41.90 -22.41
N THR B 1123 -39.43 42.19 -21.64
CA THR B 1123 -39.59 41.62 -20.31
C THR B 1123 -40.39 40.32 -20.36
N ARG B 1124 -39.85 39.26 -19.75
CA ARG B 1124 -40.54 38.00 -19.74
C ARG B 1124 -41.94 38.11 -19.16
N SER B 1125 -42.90 37.47 -19.81
CA SER B 1125 -44.19 37.22 -19.21
C SER B 1125 -44.04 36.29 -17.98
N LYS B 1126 -45.10 36.18 -17.20
CA LYS B 1126 -45.07 35.41 -15.96
C LYS B 1126 -46.31 34.58 -15.77
N TYR B 1127 -46.21 33.64 -14.84
CA TYR B 1127 -47.34 32.87 -14.37
C TYR B 1127 -48.48 33.85 -14.06
N ASN B 1128 -49.63 33.62 -14.68
CA ASN B 1128 -50.72 34.62 -14.63
C ASN B 1128 -52.00 34.14 -13.92
N GLN B 1129 -51.95 32.94 -13.33
CA GLN B 1129 -53.11 32.44 -12.61
C GLN B 1129 -52.94 32.82 -11.15
N ASN B 1130 -53.46 32.04 -10.21
CA ASN B 1130 -53.60 32.57 -8.86
C ASN B 1130 -53.30 31.60 -7.75
N SER B 1131 -52.55 30.52 -8.02
CA SER B 1131 -52.10 29.70 -6.92
C SER B 1131 -51.17 30.53 -6.03
N LYS B 1132 -51.39 30.48 -4.73
CA LYS B 1132 -50.56 31.21 -3.76
C LYS B 1132 -49.17 30.62 -3.64
N TYR B 1133 -49.01 29.39 -4.11
CA TYR B 1133 -47.75 28.66 -4.05
C TYR B 1133 -46.74 29.06 -5.11
N ILE B 1134 -47.22 29.62 -6.22
CA ILE B 1134 -46.49 29.66 -7.47
C ILE B 1134 -46.22 31.05 -8.02
N ASN B 1135 -44.97 31.26 -8.45
CA ASN B 1135 -44.60 32.32 -9.40
C ASN B 1135 -43.35 31.89 -10.16
N TYR B 1136 -43.35 32.19 -11.46
CA TYR B 1136 -42.19 32.02 -12.31
C TYR B 1136 -42.34 32.96 -13.51
N ARG B 1137 -41.22 33.26 -14.15
CA ARG B 1137 -41.22 33.86 -15.45
C ARG B 1137 -41.12 32.82 -16.54
N ASP B 1138 -41.81 33.07 -17.64
CA ASP B 1138 -41.80 32.17 -18.78
C ASP B 1138 -40.41 32.07 -19.40
N LEU B 1139 -40.05 30.84 -19.80
CA LEU B 1139 -38.74 30.50 -20.36
C LEU B 1139 -38.77 30.26 -21.87
N TYR B 1140 -39.89 29.80 -22.38
CA TYR B 1140 -39.97 29.43 -23.79
C TYR B 1140 -40.51 30.60 -24.60
N ILE B 1141 -39.72 31.68 -24.66
CA ILE B 1141 -40.11 32.89 -25.35
C ILE B 1141 -38.92 33.58 -25.92
N GLY B 1142 -39.19 34.47 -26.88
CA GLY B 1142 -38.16 35.15 -27.61
C GLY B 1142 -37.85 34.31 -28.82
N GLU B 1143 -36.85 34.73 -29.58
CA GLU B 1143 -36.51 34.04 -30.81
C GLU B 1143 -35.98 32.64 -30.47
N LYS B 1144 -36.23 31.70 -31.39
CA LYS B 1144 -35.68 30.36 -31.32
C LYS B 1144 -34.33 30.34 -31.99
N PHE B 1145 -33.28 30.19 -31.18
CA PHE B 1145 -31.94 30.19 -31.71
C PHE B 1145 -31.51 28.77 -32.03
N ILE B 1146 -30.43 28.64 -32.79
CA ILE B 1146 -29.87 27.35 -33.06
C ILE B 1146 -28.40 27.58 -33.36
N ILE B 1147 -27.56 26.72 -32.80
CA ILE B 1147 -26.13 26.90 -32.91
C ILE B 1147 -25.66 25.99 -34.04
N ARG B 1148 -24.86 26.54 -34.96
CA ARG B 1148 -24.37 25.75 -36.09
C ARG B 1148 -22.87 25.69 -36.06
N ARG B 1149 -22.32 24.55 -36.46
CA ARG B 1149 -20.88 24.37 -36.46
C ARG B 1149 -20.29 25.15 -37.63
N LYS B 1150 -19.18 25.84 -37.40
CA LYS B 1150 -18.61 26.60 -38.48
C LYS B 1150 -17.97 25.65 -39.48
N SER B 1151 -17.07 24.78 -39.04
CA SER B 1151 -16.57 23.83 -40.02
C SER B 1151 -16.37 22.41 -39.49
N ASN B 1152 -16.60 21.45 -40.40
CA ASN B 1152 -16.23 20.05 -40.17
C ASN B 1152 -14.74 19.79 -40.46
N SER B 1153 -13.95 20.88 -40.58
CA SER B 1153 -12.49 20.86 -40.75
C SER B 1153 -11.73 19.85 -39.86
N GLN B 1154 -12.23 19.65 -38.64
CA GLN B 1154 -11.65 18.68 -37.69
C GLN B 1154 -12.60 17.49 -37.51
N SER B 1155 -12.23 16.55 -36.66
CA SER B 1155 -13.07 15.38 -36.39
C SER B 1155 -14.37 15.78 -35.71
N ILE B 1156 -15.49 15.45 -36.33
CA ILE B 1156 -16.79 15.68 -35.73
C ILE B 1156 -17.08 14.48 -34.85
N ASN B 1157 -17.81 13.51 -35.38
CA ASN B 1157 -18.30 12.37 -34.61
C ASN B 1157 -19.37 12.66 -33.55
N ASP B 1158 -19.65 13.93 -33.19
CA ASP B 1158 -20.84 14.24 -32.38
C ASP B 1158 -21.31 15.68 -32.54
N ASP B 1159 -22.45 16.00 -31.96
CA ASP B 1159 -23.00 17.36 -32.05
C ASP B 1159 -22.88 18.15 -30.74
N ILE B 1160 -21.89 17.83 -29.93
CA ILE B 1160 -21.68 18.53 -28.66
C ILE B 1160 -20.81 19.77 -28.86
N VAL B 1161 -21.22 20.88 -28.26
CA VAL B 1161 -20.49 22.16 -28.37
C VAL B 1161 -19.41 22.22 -27.29
N ARG B 1162 -18.17 22.44 -27.70
CA ARG B 1162 -17.05 22.48 -26.80
C ARG B 1162 -16.53 23.89 -26.69
N LYS B 1163 -15.94 24.18 -25.55
CA LYS B 1163 -15.33 25.46 -25.27
C LYS B 1163 -14.30 25.75 -26.35
N GLU B 1164 -14.26 26.99 -26.82
CA GLU B 1164 -13.35 27.45 -27.87
C GLU B 1164 -13.80 27.07 -29.28
N ASP B 1165 -14.88 26.31 -29.43
CA ASP B 1165 -15.42 26.04 -30.76
C ASP B 1165 -15.80 27.34 -31.50
N TYR B 1166 -15.67 27.32 -32.82
CA TYR B 1166 -16.16 28.43 -33.65
C TYR B 1166 -17.54 28.07 -34.21
N ILE B 1167 -18.49 28.97 -34.05
CA ILE B 1167 -19.87 28.70 -34.36
C ILE B 1167 -20.51 29.83 -35.15
N TYR B 1168 -21.69 29.53 -35.71
CA TYR B 1168 -22.64 30.51 -36.14
C TYR B 1168 -23.78 30.46 -35.17
N LEU B 1169 -24.27 31.62 -34.77
CA LEU B 1169 -25.47 31.73 -33.97
C LEU B 1169 -26.58 32.15 -34.87
N ASP B 1170 -27.52 31.22 -35.10
CA ASP B 1170 -28.62 31.42 -36.00
C ASP B 1170 -29.94 31.44 -35.24
N PHE B 1171 -30.99 31.85 -35.93
CA PHE B 1171 -32.36 31.83 -35.40
C PHE B 1171 -33.38 31.72 -36.50
N PHE B 1172 -34.59 31.27 -36.14
CA PHE B 1172 -35.63 31.02 -37.11
C PHE B 1172 -36.54 32.23 -37.16
N ASN B 1173 -36.61 32.83 -38.34
CA ASN B 1173 -37.48 33.96 -38.55
C ASN B 1173 -38.51 33.50 -39.54
N LEU B 1174 -39.72 33.33 -39.03
CA LEU B 1174 -40.76 32.63 -39.75
C LEU B 1174 -40.16 31.30 -40.19
N ASN B 1175 -40.12 31.03 -41.48
CA ASN B 1175 -39.72 29.71 -41.96
C ASN B 1175 -38.34 29.72 -42.57
N GLN B 1176 -37.61 30.82 -42.35
N GLN B 1176 -37.57 30.76 -42.33
CA GLN B 1176 -36.24 31.03 -42.81
CA GLN B 1176 -36.22 30.78 -42.84
C GLN B 1176 -35.25 30.84 -41.64
C GLN B 1176 -35.23 30.93 -41.67
N GLU B 1177 -33.99 30.56 -41.92
CA GLU B 1177 -32.94 30.59 -40.91
C GLU B 1177 -32.08 31.82 -41.10
N TRP B 1178 -32.07 32.68 -40.07
CA TRP B 1178 -31.27 33.91 -40.10
C TRP B 1178 -30.06 33.73 -39.18
N ARG B 1179 -29.23 34.75 -39.13
CA ARG B 1179 -27.93 34.70 -38.49
C ARG B 1179 -27.66 36.02 -37.82
N VAL B 1180 -26.81 35.96 -36.80
CA VAL B 1180 -26.38 37.09 -35.99
C VAL B 1180 -25.00 37.52 -36.48
N TYR B 1181 -24.87 38.81 -36.82
CA TYR B 1181 -23.65 39.35 -37.38
C TYR B 1181 -23.22 40.60 -36.63
N THR B 1182 -21.95 40.93 -36.74
CA THR B 1182 -21.48 42.23 -36.31
C THR B 1182 -20.87 42.99 -37.51
N TYR B 1183 -21.34 44.22 -37.67
CA TYR B 1183 -20.81 45.13 -38.67
C TYR B 1183 -19.34 45.40 -38.38
N LYS B 1184 -18.50 45.29 -39.40
CA LYS B 1184 -17.06 45.38 -39.22
C LYS B 1184 -16.54 46.72 -38.72
N TYR B 1185 -17.26 47.80 -39.01
CA TYR B 1185 -16.81 49.10 -38.58
C TYR B 1185 -17.51 49.40 -37.26
N PHE B 1186 -16.76 49.35 -36.18
CA PHE B 1186 -17.32 49.29 -34.85
C PHE B 1186 -16.54 50.29 -34.06
N LYS B 1187 -17.10 51.49 -33.98
CA LYS B 1187 -16.36 52.65 -33.54
C LYS B 1187 -16.59 52.95 -32.09
N LYS B 1188 -17.82 52.77 -31.64
CA LYS B 1188 -18.20 53.03 -30.25
C LYS B 1188 -17.90 51.81 -29.36
N GLU B 1189 -18.16 51.92 -28.06
CA GLU B 1189 -17.94 50.78 -27.14
C GLU B 1189 -18.98 49.67 -27.29
N GLU B 1190 -20.17 50.00 -27.78
CA GLU B 1190 -21.26 49.07 -27.96
C GLU B 1190 -22.00 49.35 -29.27
N MET B 1191 -22.54 48.32 -29.87
CA MET B 1191 -23.19 48.44 -31.14
C MET B 1191 -24.22 47.35 -31.27
N LYS B 1192 -25.38 47.71 -31.80
CA LYS B 1192 -26.44 46.71 -32.03
C LYS B 1192 -25.98 45.62 -33.00
N LEU B 1193 -26.31 44.38 -32.66
CA LEU B 1193 -26.05 43.26 -33.54
C LEU B 1193 -27.03 43.29 -34.72
N PHE B 1194 -26.58 42.73 -35.83
CA PHE B 1194 -27.34 42.66 -37.08
C PHE B 1194 -27.93 41.27 -37.26
N LEU B 1195 -29.25 41.21 -37.32
CA LEU B 1195 -29.97 39.97 -37.41
C LEU B 1195 -30.54 39.91 -38.84
N ALA B 1196 -30.02 39.01 -39.67
CA ALA B 1196 -30.28 39.03 -41.10
C ALA B 1196 -30.24 37.63 -41.71
N PRO B 1197 -30.71 37.49 -42.98
CA PRO B 1197 -30.59 36.19 -43.65
C PRO B 1197 -29.17 35.71 -43.75
N ILE B 1198 -28.97 34.41 -43.95
CA ILE B 1198 -27.65 33.84 -44.18
C ILE B 1198 -27.13 34.37 -45.50
N TYR B 1199 -25.98 35.01 -45.49
CA TYR B 1199 -25.48 35.70 -46.66
C TYR B 1199 -24.06 36.06 -46.40
N ASP B 1200 -23.24 36.07 -47.44
CA ASP B 1200 -21.82 36.34 -47.29
C ASP B 1200 -21.50 37.76 -47.73
N SER B 1201 -21.18 38.59 -46.75
CA SER B 1201 -20.88 39.97 -46.98
C SER B 1201 -19.54 40.30 -46.34
N ASP B 1202 -18.71 41.00 -47.10
CA ASP B 1202 -17.41 41.49 -46.63
C ASP B 1202 -17.53 42.60 -45.59
N GLU B 1203 -18.73 43.12 -45.39
CA GLU B 1203 -18.95 44.15 -44.41
C GLU B 1203 -19.29 43.62 -43.00
N PHE B 1204 -19.51 42.31 -42.87
CA PHE B 1204 -19.95 41.74 -41.59
C PHE B 1204 -19.13 40.54 -41.14
N TYR B 1205 -18.88 40.46 -39.84
CA TYR B 1205 -18.33 39.25 -39.24
C TYR B 1205 -19.48 38.35 -38.90
N ASN B 1206 -19.32 37.03 -39.10
CA ASN B 1206 -20.36 36.11 -38.72
C ASN B 1206 -19.89 35.02 -37.76
N THR B 1207 -18.62 35.01 -37.42
CA THR B 1207 -18.05 33.91 -36.67
C THR B 1207 -17.88 34.25 -35.20
N ILE B 1208 -18.42 33.35 -34.37
CA ILE B 1208 -18.43 33.49 -32.92
C ILE B 1208 -17.60 32.37 -32.32
N GLN B 1209 -16.76 32.70 -31.35
CA GLN B 1209 -16.09 31.70 -30.54
C GLN B 1209 -16.82 31.65 -29.22
N ILE B 1210 -17.25 30.45 -28.85
CA ILE B 1210 -17.98 30.25 -27.62
C ILE B 1210 -16.96 30.00 -26.51
N LYS B 1211 -17.15 30.73 -25.41
CA LYS B 1211 -16.17 30.78 -24.32
C LYS B 1211 -16.78 30.35 -23.01
N GLU B 1212 -15.90 30.03 -22.07
CA GLU B 1212 -16.25 29.85 -20.67
C GLU B 1212 -15.21 30.55 -19.81
N TYR B 1213 -15.46 31.78 -19.39
CA TYR B 1213 -14.47 32.52 -18.64
C TYR B 1213 -14.53 32.23 -17.12
N ASP B 1214 -15.65 31.69 -16.65
CA ASP B 1214 -15.86 31.53 -15.21
C ASP B 1214 -14.99 30.37 -14.76
N GLU B 1215 -14.34 30.49 -13.61
CA GLU B 1215 -13.57 29.37 -13.07
C GLU B 1215 -14.42 28.54 -12.07
N GLN B 1216 -15.56 29.04 -11.66
CA GLN B 1216 -16.45 28.27 -10.81
C GLN B 1216 -17.52 27.56 -11.66
N PRO B 1217 -18.15 26.52 -11.12
CA PRO B 1217 -19.19 25.83 -11.87
C PRO B 1217 -20.30 26.78 -12.30
N THR B 1218 -20.74 26.64 -13.55
CA THR B 1218 -21.71 27.55 -14.12
C THR B 1218 -22.34 26.85 -15.31
N TYR B 1219 -23.57 27.24 -15.62
CA TYR B 1219 -24.18 26.86 -16.88
C TYR B 1219 -24.12 28.00 -17.92
N SER B 1220 -23.46 29.09 -17.58
CA SER B 1220 -23.35 30.22 -18.48
C SER B 1220 -22.18 30.07 -19.44
N CYS B 1221 -22.33 30.60 -20.63
CA CYS B 1221 -21.23 30.76 -21.57
C CYS B 1221 -21.19 32.18 -22.12
N GLN B 1222 -20.08 32.52 -22.78
CA GLN B 1222 -19.89 33.83 -23.40
C GLN B 1222 -19.61 33.64 -24.88
N LEU B 1223 -19.88 34.71 -25.66
CA LEU B 1223 -19.92 34.62 -27.12
C LEU B 1223 -19.07 35.73 -27.69
N LEU B 1224 -17.90 35.34 -28.19
CA LEU B 1224 -16.87 36.25 -28.60
C LEU B 1224 -16.80 36.39 -30.12
N PHE B 1225 -16.85 37.62 -30.61
CA PHE B 1225 -16.56 37.91 -32.02
C PHE B 1225 -15.07 38.22 -32.16
N LYS B 1226 -14.40 37.51 -33.07
CA LYS B 1226 -12.99 37.79 -33.40
C LYS B 1226 -12.87 38.11 -34.88
N LYS B 1227 -11.80 38.79 -35.27
CA LYS B 1227 -11.57 39.12 -36.68
C LYS B 1227 -11.64 37.86 -37.56
N ASP B 1228 -10.78 36.89 -37.28
CA ASP B 1228 -10.92 35.55 -37.88
C ASP B 1228 -10.44 34.48 -36.91
N GLU B 1229 -10.69 33.23 -37.26
CA GLU B 1229 -10.37 32.10 -36.39
C GLU B 1229 -8.91 32.18 -35.88
N GLU B 1230 -7.98 32.47 -36.79
CA GLU B 1230 -6.55 32.48 -36.47
C GLU B 1230 -6.08 33.80 -35.86
N SER B 1231 -6.91 34.85 -35.94
CA SER B 1231 -6.53 36.16 -35.41
C SER B 1231 -6.45 36.17 -33.89
N THR B 1232 -5.51 36.96 -33.37
CA THR B 1232 -5.42 37.23 -31.94
C THR B 1232 -6.42 38.30 -31.50
N ASP B 1233 -6.90 39.11 -32.43
CA ASP B 1233 -7.62 40.34 -32.08
C ASP B 1233 -9.09 40.06 -31.81
N GLU B 1234 -9.53 40.55 -30.66
CA GLU B 1234 -10.89 40.35 -30.20
C GLU B 1234 -11.69 41.58 -30.46
N ILE B 1235 -12.87 41.41 -31.04
CA ILE B 1235 -13.74 42.52 -31.40
C ILE B 1235 -14.66 42.89 -30.22
N GLY B 1236 -15.30 41.91 -29.61
CA GLY B 1236 -16.26 42.22 -28.54
C GLY B 1236 -17.05 40.99 -28.14
N LEU B 1237 -17.77 41.08 -27.03
CA LEU B 1237 -18.66 40.00 -26.59
C LEU B 1237 -20.10 40.38 -26.78
N ILE B 1238 -20.91 39.38 -27.03
CA ILE B 1238 -22.32 39.56 -27.16
C ILE B 1238 -22.94 39.78 -25.77
N GLY B 1239 -23.82 40.76 -25.67
CA GLY B 1239 -24.47 41.15 -24.41
C GLY B 1239 -25.72 41.97 -24.65
N ILE B 1240 -26.16 42.66 -23.59
CA ILE B 1240 -27.29 43.57 -23.63
C ILE B 1240 -26.80 44.92 -23.12
N HIS B 1241 -27.10 45.99 -23.86
CA HIS B 1241 -26.78 47.34 -23.36
C HIS B 1241 -27.92 48.30 -23.67
N ARG B 1242 -27.91 49.43 -23.00
CA ARG B 1242 -28.93 50.42 -23.18
C ARG B 1242 -28.46 51.49 -24.18
N PHE B 1243 -29.24 51.72 -25.23
CA PHE B 1243 -28.86 52.60 -26.33
C PHE B 1243 -29.78 53.81 -26.34
N TYR B 1244 -29.22 54.97 -26.68
CA TYR B 1244 -30.02 56.17 -26.92
C TYR B 1244 -31.05 55.89 -28.00
N GLU B 1245 -32.30 56.17 -27.70
CA GLU B 1245 -33.41 55.88 -28.59
C GLU B 1245 -34.01 57.20 -29.13
N SER B 1246 -34.40 58.12 -28.25
CA SER B 1246 -35.05 59.36 -28.69
C SER B 1246 -35.04 60.45 -27.61
N GLY B 1247 -35.58 61.63 -27.95
CA GLY B 1247 -35.73 62.74 -27.00
C GLY B 1247 -34.47 63.58 -26.81
N ILE B 1248 -34.65 64.83 -26.37
CA ILE B 1248 -33.50 65.69 -26.05
C ILE B 1248 -33.54 66.26 -24.63
N VAL B 1249 -34.71 66.73 -24.19
CA VAL B 1249 -34.84 67.23 -22.81
C VAL B 1249 -34.86 66.07 -21.81
N PHE B 1250 -35.71 65.07 -22.07
CA PHE B 1250 -35.57 63.78 -21.41
C PHE B 1250 -35.15 62.77 -22.48
N GLU B 1251 -33.96 62.20 -22.29
CA GLU B 1251 -33.45 61.16 -23.17
C GLU B 1251 -34.11 59.82 -22.84
N GLU B 1252 -34.66 59.19 -23.87
CA GLU B 1252 -35.24 57.85 -23.78
C GLU B 1252 -34.14 56.86 -24.19
N TYR B 1253 -33.97 55.81 -23.39
CA TYR B 1253 -33.01 54.76 -23.67
C TYR B 1253 -33.72 53.44 -23.74
N LYS B 1254 -33.18 52.51 -24.53
CA LYS B 1254 -33.82 51.23 -24.78
C LYS B 1254 -32.77 50.11 -24.86
N ASP B 1255 -33.09 48.94 -24.33
CA ASP B 1255 -32.16 47.81 -24.28
C ASP B 1255 -32.12 47.08 -25.62
N TYR B 1256 -30.92 46.78 -26.13
CA TYR B 1256 -30.78 45.97 -27.34
C TYR B 1256 -29.73 44.89 -27.16
N PHE B 1257 -29.90 43.85 -27.97
CA PHE B 1257 -28.97 42.75 -28.18
C PHE B 1257 -27.78 43.33 -28.92
N CYS B 1258 -26.59 43.23 -28.33
CA CYS B 1258 -25.45 43.98 -28.83
C CYS B 1258 -24.13 43.26 -28.75
N ILE B 1259 -23.12 43.87 -29.37
CA ILE B 1259 -21.75 43.51 -29.18
C ILE B 1259 -21.09 44.63 -28.38
N SER B 1260 -20.25 44.27 -27.41
CA SER B 1260 -19.67 45.24 -26.49
C SER B 1260 -18.18 45.02 -26.28
N LYS B 1261 -17.42 46.12 -26.34
CA LYS B 1261 -15.99 46.09 -26.03
C LYS B 1261 -15.79 46.18 -24.53
N TRP B 1262 -16.77 46.73 -23.82
CA TRP B 1262 -16.65 46.92 -22.38
C TRP B 1262 -16.54 45.55 -21.67
N TYR B 1263 -17.35 44.58 -22.11
CA TYR B 1263 -17.28 43.22 -21.55
C TYR B 1263 -15.92 42.56 -21.68
N LEU B 1264 -15.20 42.86 -22.75
CA LEU B 1264 -13.87 42.30 -22.98
C LEU B 1264 -12.88 42.55 -21.87
N LYS B 1265 -12.97 43.73 -21.26
CA LYS B 1265 -12.14 43.96 -20.08
C LYS B 1265 -12.79 43.35 -18.82
N GLU B 1266 -14.10 43.46 -18.70
CA GLU B 1266 -14.77 42.97 -17.50
C GLU B 1266 -14.53 41.48 -17.26
N VAL B 1267 -14.47 40.68 -18.33
CA VAL B 1267 -14.29 39.23 -18.19
C VAL B 1267 -12.94 38.82 -17.69
N LYS B 1268 -11.94 39.69 -17.77
CA LYS B 1268 -10.63 39.37 -17.22
C LYS B 1268 -10.53 39.65 -15.72
N ARG B 1269 -11.51 40.33 -15.14
CA ARG B 1269 -11.42 40.69 -13.73
C ARG B 1269 -11.75 39.50 -12.87
N LYS B 1270 -11.05 39.37 -11.75
CA LYS B 1270 -11.19 38.19 -10.86
C LYS B 1270 -11.73 38.60 -9.50
N PRO B 1271 -12.58 37.75 -8.89
CA PRO B 1271 -13.18 36.56 -9.46
C PRO B 1271 -14.21 36.93 -10.54
N TYR B 1272 -14.44 36.02 -11.47
CA TYR B 1272 -15.36 36.25 -12.58
C TYR B 1272 -16.74 36.68 -12.11
N ASN B 1273 -17.27 37.75 -12.70
CA ASN B 1273 -18.58 38.22 -12.34
C ASN B 1273 -19.67 37.40 -13.07
N LEU B 1274 -20.30 36.51 -12.31
CA LEU B 1274 -21.39 35.61 -12.72
C LEU B 1274 -22.55 36.32 -13.36
N LYS B 1275 -22.73 37.57 -12.96
CA LYS B 1275 -23.91 38.33 -13.29
C LYS B 1275 -23.69 39.37 -14.39
N LEU B 1276 -22.53 39.37 -15.04
CA LEU B 1276 -22.32 40.21 -16.21
C LEU B 1276 -23.33 39.91 -17.32
N GLY B 1277 -23.74 40.97 -18.01
CA GLY B 1277 -24.67 40.87 -19.14
C GLY B 1277 -24.14 40.22 -20.40
N CYS B 1278 -22.90 39.74 -20.39
CA CYS B 1278 -22.36 38.92 -21.45
C CYS B 1278 -22.41 37.39 -21.14
N ASN B 1279 -23.09 37.02 -20.05
CA ASN B 1279 -23.29 35.62 -19.66
C ASN B 1279 -24.63 35.10 -20.17
N TRP B 1280 -24.58 34.09 -21.02
CA TRP B 1280 -25.77 33.57 -21.67
C TRP B 1280 -25.98 32.10 -21.32
N GLN B 1281 -27.24 31.69 -21.35
CA GLN B 1281 -27.59 30.27 -21.23
C GLN B 1281 -28.61 29.94 -22.29
N PHE B 1282 -28.56 28.72 -22.76
CA PHE B 1282 -29.46 28.22 -23.78
C PHE B 1282 -30.48 27.29 -23.20
N ILE B 1283 -31.77 27.60 -23.42
CA ILE B 1283 -32.87 26.86 -22.87
C ILE B 1283 -33.58 26.08 -23.96
N PRO B 1284 -33.45 24.73 -23.96
CA PRO B 1284 -34.25 23.94 -24.86
C PRO B 1284 -35.56 23.57 -24.21
N LYS B 1285 -36.57 23.28 -25.00
CA LYS B 1285 -37.80 22.66 -24.50
C LYS B 1285 -37.42 21.39 -23.73
N ASP B 1286 -38.08 21.16 -22.60
CA ASP B 1286 -37.76 20.03 -21.77
C ASP B 1286 -39.03 19.56 -21.09
N GLU B 1287 -39.22 18.26 -21.02
CA GLU B 1287 -40.43 17.71 -20.44
C GLU B 1287 -40.59 18.02 -18.94
N GLY B 1288 -39.51 18.43 -18.27
CA GLY B 1288 -39.59 18.76 -16.86
C GLY B 1288 -39.88 20.22 -16.56
N TRP B 1289 -40.11 21.01 -17.62
CA TRP B 1289 -40.55 22.39 -17.48
C TRP B 1289 -41.74 22.66 -18.42
N THR B 1290 -42.93 22.82 -17.85
CA THR B 1290 -44.11 23.18 -18.62
C THR B 1290 -44.63 24.51 -18.09
N GLU B 1291 -45.15 25.33 -19.00
CA GLU B 1291 -45.62 26.68 -18.63
C GLU B 1291 -46.79 27.12 -19.51
N GLN C 4 -31.72 36.12 -49.71
CA GLN C 4 -31.54 36.86 -51.01
C GLN C 4 -30.72 38.13 -50.81
N GLU C 5 -29.98 38.51 -51.86
CA GLU C 5 -29.13 39.72 -51.85
C GLU C 5 -29.90 40.96 -51.50
N ASP C 6 -31.02 41.15 -52.20
CA ASP C 6 -31.76 42.41 -52.21
C ASP C 6 -32.30 42.74 -50.83
N MET C 7 -32.81 41.70 -50.15
CA MET C 7 -33.26 41.78 -48.77
C MET C 7 -32.14 42.34 -47.90
N PHE C 8 -30.99 41.67 -47.95
CA PHE C 8 -29.80 42.02 -47.14
C PHE C 8 -29.43 43.51 -47.26
N ALA C 9 -29.40 44.03 -48.49
CA ALA C 9 -29.02 45.41 -48.72
C ALA C 9 -29.99 46.39 -48.05
N LYS C 10 -31.28 46.14 -48.20
CA LYS C 10 -32.30 46.96 -47.54
C LYS C 10 -32.21 46.87 -46.02
N LEU C 11 -31.93 45.68 -45.52
CA LEU C 11 -31.76 45.48 -44.07
C LEU C 11 -30.52 46.22 -43.55
N LYS C 12 -29.45 46.22 -44.33
CA LYS C 12 -28.24 46.91 -43.95
C LYS C 12 -28.51 48.41 -43.75
N GLU C 13 -29.36 48.99 -44.59
CA GLU C 13 -29.64 50.41 -44.48
C GLU C 13 -30.39 50.66 -43.19
N LYS C 14 -31.33 49.76 -42.88
CA LYS C 14 -32.06 49.84 -41.61
C LYS C 14 -31.14 49.73 -40.41
N LEU C 15 -30.13 48.86 -40.50
CA LEU C 15 -29.15 48.73 -39.44
C LEU C 15 -28.42 50.03 -39.28
N PHE C 16 -27.96 50.59 -40.38
CA PHE C 16 -27.20 51.84 -40.29
C PHE C 16 -28.03 52.92 -39.63
N ASN C 17 -29.33 52.94 -39.90
CA ASN C 17 -30.20 53.93 -39.27
C ASN C 17 -30.36 53.67 -37.76
N GLU C 18 -30.34 52.40 -37.36
CA GLU C 18 -30.37 52.06 -35.95
C GLU C 18 -29.08 52.42 -35.25
N ILE C 19 -27.97 52.11 -35.88
CA ILE C 19 -26.69 52.45 -35.31
C ILE C 19 -26.53 53.95 -35.16
N ASN C 20 -27.00 54.71 -36.14
CA ASN C 20 -26.82 56.16 -36.10
C ASN C 20 -27.90 56.89 -35.30
N LYS C 21 -28.80 56.22 -34.61
CA LYS C 21 -29.61 56.91 -33.60
C LYS C 21 -28.70 57.52 -32.52
MG MG D . 4.05 -12.06 16.60
C1 EDO E . 41.43 -44.07 10.73
O1 EDO E . 40.43 -44.43 11.70
C2 EDO E . 42.66 -43.50 11.41
O2 EDO E . 42.57 -42.07 11.41
C1 PEG F . -47.77 24.45 3.08
O1 PEG F . -48.92 25.08 2.51
C2 PEG F . -48.17 23.33 4.03
O2 PEG F . -47.26 22.23 3.91
C3 PEG F . -47.41 21.29 4.99
C4 PEG F . -47.21 19.89 4.44
O4 PEG F . -48.22 19.57 3.47
C1 PEG G . -3.24 6.58 -1.15
O1 PEG G . -2.83 6.44 0.22
C2 PEG G . -4.56 5.83 -1.42
O2 PEG G . -4.51 5.03 -2.62
C3 PEG G . -5.74 4.31 -2.90
C4 PEG G . -5.81 3.96 -4.39
O4 PEG G . -5.66 2.56 -4.56
C TRS H . 2.27 -12.20 -16.04
C1 TRS H . 1.74 -12.76 -14.70
C2 TRS H . 1.23 -12.41 -17.14
C3 TRS H . 3.59 -12.94 -16.30
N TRS H . 2.52 -10.73 -15.96
O1 TRS H . 0.75 -11.89 -14.17
O2 TRS H . 1.14 -13.82 -17.40
O3 TRS H . 4.02 -12.77 -17.64
C ACT I . -2.76 -12.32 -13.65
O ACT I . -2.81 -11.55 -12.66
OXT ACT I . -3.19 -13.49 -13.56
CH3 ACT I . -2.20 -11.86 -14.96
C1 GOL J . -46.95 29.68 -22.22
O1 GOL J . -48.24 30.05 -21.72
C2 GOL J . -46.24 30.87 -22.85
O2 GOL J . -46.39 32.00 -22.01
C3 GOL J . -44.76 30.61 -23.00
O3 GOL J . -44.48 29.23 -23.24
C1 GOL K . -45.90 39.22 -8.49
O1 GOL K . -47.03 39.22 -9.36
C2 GOL K . -44.62 38.83 -9.23
O2 GOL K . -44.35 39.75 -10.31
C3 GOL K . -43.42 38.84 -8.28
O3 GOL K . -43.79 39.29 -6.98
C1 GOL L . 18.72 -5.18 -24.67
O1 GOL L . 17.71 -5.52 -25.64
C2 GOL L . 20.15 -5.45 -25.17
O2 GOL L . 20.29 -5.02 -26.53
C3 GOL L . 21.14 -4.67 -24.30
O3 GOL L . 21.61 -5.40 -23.17
C1 GOL M . -15.62 42.08 -8.66
O1 GOL M . -15.97 41.15 -7.64
C2 GOL M . -16.22 41.62 -9.98
O2 GOL M . -15.96 40.22 -10.10
C3 GOL M . -15.60 42.41 -11.12
O3 GOL M . -15.89 41.83 -12.39
#